data_5MAD
#
_entry.id   5MAD
#
_cell.length_a   60.420
_cell.length_b   83.070
_cell.length_c   162.000
_cell.angle_alpha   90.00
_cell.angle_beta   94.59
_cell.angle_gamma   90.00
#
_symmetry.space_group_name_H-M   'P 1 21 1'
#
loop_
_entity.id
_entity.type
_entity.pdbx_description
1 polymer 3G61
2 polymer 'Green fluorescent protein'
3 non-polymer DI(HYDROXYETHYL)ETHER
4 non-polymer 'SODIUM ION'
5 water water
#
loop_
_entity_poly.entity_id
_entity_poly.type
_entity_poly.pdbx_seq_one_letter_code
_entity_poly.pdbx_strand_id
1 'polypeptide(L)'
;GPGSDLGKKLLEAARAGQDDEVRILMANGADVNALDEVGWTPLHLAAWGHLEIVEVLLKNGADVNAADIDGYTPLHLAAF
SGHLEIVEVLLKYGADVNADDQAGFTPLHLAAIFGHLEIVEVLLKNGADVNAQDKFGKTAFDISIDNGNEDLAEILQKLN
;
A,C,E,G
2 'polypeptide(L)'
;GPGSMVSKGEELFTGVVPILVELDGDVNGHKFSVSGEGEGDATYGKLTLKFICTTGKLPVPWPTLVTTL(CRO)VQCFSR
YPDHMKQHDFFKSAMPEGYVQERTIFFKDDGNYKTRAEVKFEGDTLVNRIELKGIDFKEDGNILGHKLEYNYNSHNVYIM
ADKQKNGIKVNFKIRHNIEDGSVQLADHYQQNTPIGDGPVLLPDNHYLSTQSALSKDPNEKRDHMVLLEFVTAAGITLGM
DELYKQA
;
B,D,F,H
#
loop_
_chem_comp.id
_chem_comp.type
_chem_comp.name
_chem_comp.formula
NA non-polymer 'SODIUM ION' 'Na 1'
PEG non-polymer DI(HYDROXYETHYL)ETHER 'C4 H10 O3'
#
# COMPACT_ATOMS: atom_id res chain seq x y z
N SER A 4 -36.21 -68.99 42.02
CA SER A 4 -35.18 -68.24 42.71
C SER A 4 -35.75 -66.96 43.33
N ASP A 5 -36.50 -67.13 44.42
CA ASP A 5 -37.03 -65.98 45.15
C ASP A 5 -36.02 -65.42 46.14
N LEU A 6 -35.10 -66.24 46.65
CA LEU A 6 -34.03 -65.69 47.47
C LEU A 6 -33.14 -64.78 46.65
N GLY A 7 -33.01 -65.06 45.34
CA GLY A 7 -32.16 -64.22 44.51
C GLY A 7 -32.73 -62.83 44.32
N LYS A 8 -34.06 -62.73 44.14
CA LYS A 8 -34.68 -61.42 44.10
C LYS A 8 -34.53 -60.71 45.43
N LYS A 9 -34.64 -61.44 46.54
CA LYS A 9 -34.42 -60.82 47.84
C LYS A 9 -32.99 -60.31 47.96
N LEU A 10 -32.03 -61.05 47.42
CA LEU A 10 -30.64 -60.63 47.49
C LEU A 10 -30.38 -59.39 46.62
N LEU A 11 -30.95 -59.35 45.43
CA LEU A 11 -30.85 -58.15 44.59
C LEU A 11 -31.38 -56.93 45.32
N GLU A 12 -32.50 -57.09 46.05
CA GLU A 12 -33.08 -55.96 46.76
C GLU A 12 -32.22 -55.55 47.95
N ALA A 13 -31.70 -56.53 48.68
CA ALA A 13 -30.86 -56.25 49.83
C ALA A 13 -29.60 -55.51 49.41
N ALA A 14 -29.03 -55.92 48.28
CA ALA A 14 -27.84 -55.24 47.75
C ALA A 14 -28.19 -53.81 47.34
N ARG A 15 -29.31 -53.64 46.65
CA ARG A 15 -29.74 -52.30 46.27
C ARG A 15 -29.92 -51.43 47.51
N ALA A 16 -30.50 -51.99 48.58
CA ALA A 16 -30.83 -51.23 49.77
C ALA A 16 -29.64 -51.04 50.70
N GLY A 17 -28.51 -51.68 50.43
CA GLY A 17 -27.35 -51.46 51.26
C GLY A 17 -27.42 -52.16 52.58
N GLN A 18 -28.17 -53.26 52.65
CA GLN A 18 -28.39 -53.99 53.90
C GLN A 18 -27.35 -55.08 54.02
N ASP A 19 -26.22 -54.74 54.64
CA ASP A 19 -25.05 -55.63 54.68
C ASP A 19 -25.40 -56.97 55.31
N ASP A 20 -26.06 -56.93 56.46
CA ASP A 20 -26.31 -58.16 57.19
C ASP A 20 -27.42 -58.98 56.55
N GLU A 21 -28.41 -58.33 55.92
CA GLU A 21 -29.41 -59.09 55.17
C GLU A 21 -28.76 -59.83 54.01
N VAL A 22 -27.81 -59.20 53.31
CA VAL A 22 -27.03 -59.92 52.29
C VAL A 22 -26.35 -61.14 52.92
N ARG A 23 -25.74 -60.97 54.09
CA ARG A 23 -25.09 -62.10 54.75
C ARG A 23 -26.09 -63.21 55.05
N ILE A 24 -27.24 -62.85 55.60
CA ILE A 24 -28.24 -63.87 55.95
C ILE A 24 -28.71 -64.58 54.69
N LEU A 25 -29.06 -63.82 53.66
CA LEU A 25 -29.63 -64.43 52.47
C LEU A 25 -28.66 -65.41 51.84
N MET A 26 -27.36 -65.07 51.82
N MET A 26 -27.37 -65.03 51.80
CA MET A 26 -26.41 -65.96 51.18
CA MET A 26 -26.36 -65.91 51.23
C MET A 26 -26.14 -67.19 52.04
C MET A 26 -26.22 -67.18 52.05
N ALA A 27 -26.15 -67.05 53.37
CA ALA A 27 -25.97 -68.22 54.22
C ALA A 27 -27.14 -69.18 54.10
N ASN A 28 -28.32 -68.68 53.74
CA ASN A 28 -29.49 -69.51 53.57
C ASN A 28 -29.72 -69.92 52.12
N GLY A 29 -28.72 -69.72 51.25
CA GLY A 29 -28.70 -70.35 49.94
C GLY A 29 -28.91 -69.44 48.74
N ALA A 30 -29.03 -68.12 48.93
CA ALA A 30 -29.35 -67.23 47.82
C ALA A 30 -28.29 -67.31 46.72
N ASP A 31 -28.74 -67.20 45.47
CA ASP A 31 -27.83 -67.24 44.32
C ASP A 31 -27.08 -65.91 44.22
N VAL A 32 -25.76 -65.96 44.42
CA VAL A 32 -24.93 -64.75 44.45
C VAL A 32 -24.98 -64.02 43.12
N ASN A 33 -25.25 -64.72 42.02
CA ASN A 33 -25.28 -64.15 40.69
C ASN A 33 -26.70 -64.00 40.14
N ALA A 34 -27.69 -63.87 41.03
CA ALA A 34 -29.06 -63.60 40.59
C ALA A 34 -29.07 -62.44 39.61
N LEU A 35 -29.95 -62.51 38.61
CA LEU A 35 -30.01 -61.51 37.54
C LEU A 35 -31.35 -60.79 37.55
N ASP A 36 -31.32 -59.47 37.34
CA ASP A 36 -32.54 -58.72 37.14
C ASP A 36 -32.76 -58.43 35.66
N GLU A 37 -33.78 -57.60 35.37
CA GLU A 37 -34.25 -57.40 34.00
C GLU A 37 -33.24 -56.62 33.16
N VAL A 38 -32.33 -55.89 33.78
CA VAL A 38 -31.31 -55.14 33.05
C VAL A 38 -29.96 -55.86 33.08
N GLY A 39 -29.95 -57.12 33.51
CA GLY A 39 -28.72 -57.87 33.53
C GLY A 39 -27.82 -57.52 34.69
N TRP A 40 -28.34 -56.88 35.72
CA TRP A 40 -27.55 -56.60 36.92
C TRP A 40 -27.61 -57.76 37.89
N THR A 41 -26.44 -58.08 38.42
CA THR A 41 -26.27 -58.96 39.56
C THR A 41 -26.23 -58.13 40.83
N PRO A 42 -26.31 -58.77 42.00
CA PRO A 42 -26.07 -58.03 43.25
C PRO A 42 -24.76 -57.24 43.21
N LEU A 43 -23.71 -57.76 42.57
CA LEU A 43 -22.44 -57.04 42.53
C LEU A 43 -22.54 -55.74 41.74
N HIS A 44 -23.31 -55.70 40.64
CA HIS A 44 -23.56 -54.45 39.93
C HIS A 44 -24.23 -53.44 40.84
N LEU A 45 -25.27 -53.86 41.57
CA LEU A 45 -25.98 -52.95 42.46
C LEU A 45 -25.06 -52.41 43.52
N ALA A 46 -24.20 -53.26 44.09
CA ALA A 46 -23.33 -52.83 45.17
C ALA A 46 -22.15 -52.01 44.69
N ALA A 47 -21.80 -52.07 43.40
CA ALA A 47 -20.69 -51.29 42.87
C ALA A 47 -20.90 -49.79 42.99
N TRP A 48 -22.13 -49.34 43.25
CA TRP A 48 -22.43 -47.92 43.35
C TRP A 48 -22.04 -47.31 44.69
N GLY A 49 -21.39 -48.07 45.59
CA GLY A 49 -20.93 -47.48 46.82
C GLY A 49 -21.06 -48.36 48.05
N HIS A 50 -21.49 -49.61 47.90
CA HIS A 50 -21.66 -50.51 49.04
C HIS A 50 -20.46 -51.45 49.17
N LEU A 51 -19.37 -50.92 49.73
CA LEU A 51 -18.10 -51.63 49.72
C LEU A 51 -18.18 -52.94 50.50
N GLU A 52 -18.75 -52.89 51.71
N GLU A 52 -18.78 -52.93 51.69
CA GLU A 52 -18.89 -54.11 52.51
CA GLU A 52 -18.80 -54.17 52.46
C GLU A 52 -19.58 -55.19 51.71
C GLU A 52 -19.66 -55.23 51.80
N ILE A 53 -20.68 -54.83 51.03
CA ILE A 53 -21.45 -55.82 50.30
C ILE A 53 -20.66 -56.34 49.10
N VAL A 54 -19.95 -55.46 48.40
CA VAL A 54 -19.06 -55.90 47.33
C VAL A 54 -18.16 -57.02 47.83
N GLU A 55 -17.55 -56.80 48.99
CA GLU A 55 -16.58 -57.75 49.53
C GLU A 55 -17.24 -59.07 49.89
N VAL A 56 -18.42 -59.00 50.52
CA VAL A 56 -19.13 -60.21 50.91
C VAL A 56 -19.51 -61.02 49.67
N LEU A 57 -20.02 -60.32 48.63
CA LEU A 57 -20.41 -61.02 47.42
C LEU A 57 -19.21 -61.69 46.74
N LEU A 58 -18.08 -60.98 46.64
CA LEU A 58 -16.92 -61.56 45.98
C LEU A 58 -16.40 -62.78 46.75
N LYS A 59 -16.42 -62.73 48.07
CA LYS A 59 -16.03 -63.87 48.89
C LYS A 59 -16.96 -65.07 48.71
N ASN A 60 -18.19 -64.84 48.23
CA ASN A 60 -19.17 -65.91 48.04
C ASN A 60 -19.37 -66.26 46.58
N GLY A 61 -18.41 -65.93 45.72
CA GLY A 61 -18.40 -66.45 44.37
C GLY A 61 -19.05 -65.56 43.34
N ALA A 62 -19.32 -64.29 43.66
CA ALA A 62 -19.91 -63.39 42.68
C ALA A 62 -19.01 -63.34 41.45
N ASP A 63 -19.65 -63.31 40.27
CA ASP A 63 -18.95 -63.20 38.98
C ASP A 63 -18.46 -61.77 38.82
N VAL A 64 -17.15 -61.58 39.01
CA VAL A 64 -16.59 -60.24 39.04
C VAL A 64 -16.72 -59.55 37.70
N ASN A 65 -16.84 -60.31 36.61
CA ASN A 65 -16.80 -59.76 35.27
C ASN A 65 -18.15 -59.84 34.56
N ALA A 66 -19.22 -60.08 35.30
CA ALA A 66 -20.55 -60.12 34.71
C ALA A 66 -20.85 -58.80 33.99
N ALA A 67 -21.27 -58.91 32.74
CA ALA A 67 -21.64 -57.76 31.94
C ALA A 67 -23.16 -57.64 31.89
N ASP A 68 -23.67 -56.42 32.05
CA ASP A 68 -25.11 -56.19 32.01
C ASP A 68 -25.55 -56.10 30.54
N ILE A 69 -26.84 -55.79 30.33
CA ILE A 69 -27.39 -55.78 28.99
C ILE A 69 -26.74 -54.73 28.10
N ASP A 70 -26.13 -53.70 28.69
CA ASP A 70 -25.41 -52.68 27.92
C ASP A 70 -23.92 -52.98 27.78
N GLY A 71 -23.45 -54.08 28.36
CA GLY A 71 -22.05 -54.43 28.32
C GLY A 71 -21.24 -53.98 29.51
N TYR A 72 -21.85 -53.37 30.53
CA TYR A 72 -21.12 -52.81 31.64
C TYR A 72 -20.85 -53.87 32.71
N THR A 73 -19.61 -53.90 33.17
CA THR A 73 -19.22 -54.74 34.29
C THR A 73 -19.30 -53.94 35.57
N PRO A 74 -19.24 -54.60 36.73
CA PRO A 74 -19.19 -53.84 37.99
C PRO A 74 -18.06 -52.83 38.03
N LEU A 75 -16.90 -53.16 37.44
CA LEU A 75 -15.80 -52.21 37.42
C LEU A 75 -16.16 -50.95 36.63
N HIS A 76 -16.87 -51.09 35.50
CA HIS A 76 -17.39 -49.90 34.82
C HIS A 76 -18.22 -49.03 35.75
N LEU A 77 -19.16 -49.64 36.48
CA LEU A 77 -20.06 -48.85 37.31
C LEU A 77 -19.29 -48.18 38.46
N ALA A 78 -18.32 -48.88 39.05
CA ALA A 78 -17.53 -48.29 40.13
C ALA A 78 -16.68 -47.12 39.65
N ALA A 79 -16.17 -47.20 38.44
CA ALA A 79 -15.42 -46.07 37.87
C ALA A 79 -16.34 -44.90 37.55
N PHE A 80 -17.51 -45.18 36.99
CA PHE A 80 -18.50 -44.14 36.68
C PHE A 80 -18.95 -43.38 37.93
N SER A 81 -19.10 -44.08 39.05
CA SER A 81 -19.59 -43.49 40.28
C SER A 81 -18.46 -43.09 41.23
N GLY A 82 -17.20 -43.30 40.85
CA GLY A 82 -16.08 -42.72 41.56
C GLY A 82 -15.65 -43.40 42.84
N HIS A 83 -15.87 -44.71 42.97
CA HIS A 83 -15.59 -45.43 44.22
C HIS A 83 -14.26 -46.17 44.11
N LEU A 84 -13.20 -45.54 44.62
CA LEU A 84 -11.84 -46.08 44.51
C LEU A 84 -11.69 -47.42 45.22
N GLU A 85 -12.15 -47.52 46.47
CA GLU A 85 -11.97 -48.77 47.21
C GLU A 85 -12.68 -49.94 46.52
N ILE A 86 -13.84 -49.67 45.91
CA ILE A 86 -14.52 -50.73 45.18
C ILE A 86 -13.75 -51.13 43.93
N VAL A 87 -13.23 -50.14 43.19
CA VAL A 87 -12.36 -50.44 42.05
C VAL A 87 -11.25 -51.37 42.48
N GLU A 88 -10.61 -51.05 43.61
CA GLU A 88 -9.45 -51.82 44.08
C GLU A 88 -9.83 -53.25 44.42
N VAL A 89 -10.94 -53.44 45.14
CA VAL A 89 -11.30 -54.81 45.54
C VAL A 89 -11.76 -55.60 44.31
N LEU A 90 -12.45 -54.95 43.37
CA LEU A 90 -12.83 -55.66 42.16
C LEU A 90 -11.61 -56.15 41.40
N LEU A 91 -10.59 -55.29 41.25
CA LEU A 91 -9.38 -55.71 40.55
C LEU A 91 -8.66 -56.82 41.31
N LYS A 92 -8.67 -56.73 42.64
CA LYS A 92 -8.05 -57.80 43.42
C LYS A 92 -8.68 -59.15 43.12
N TYR A 93 -10.00 -59.18 42.88
CA TYR A 93 -10.72 -60.41 42.61
C TYR A 93 -10.82 -60.73 41.12
N GLY A 94 -9.95 -60.15 40.30
CA GLY A 94 -9.81 -60.57 38.94
C GLY A 94 -10.63 -59.81 37.92
N ALA A 95 -11.16 -58.65 38.27
CA ALA A 95 -11.89 -57.86 37.29
C ALA A 95 -11.01 -57.56 36.07
N ASP A 96 -11.63 -57.59 34.89
CA ASP A 96 -10.96 -57.32 33.63
C ASP A 96 -10.75 -55.82 33.52
N VAL A 97 -9.50 -55.38 33.65
CA VAL A 97 -9.20 -53.96 33.75
C VAL A 97 -9.52 -53.22 32.45
N ASN A 98 -9.57 -53.94 31.33
CA ASN A 98 -9.79 -53.36 30.01
C ASN A 98 -11.11 -53.80 29.39
N ALA A 99 -12.06 -54.26 30.20
CA ALA A 99 -13.32 -54.75 29.68
C ALA A 99 -14.01 -53.70 28.82
N ASP A 100 -14.46 -54.10 27.65
N ASP A 100 -14.51 -54.13 27.65
CA ASP A 100 -15.25 -53.23 26.77
CA ASP A 100 -15.12 -53.23 26.66
C ASP A 100 -16.44 -54.02 26.26
C ASP A 100 -15.63 -54.01 25.45
N ASP A 101 -16.26 -54.77 25.17
N ASP A 101 -16.65 -54.87 25.64
CA ASP A 101 -17.25 -55.75 24.71
CA ASP A 101 -17.15 -55.72 24.55
C ASP A 101 -18.67 -55.18 24.73
C ASP A 101 -18.15 -55.00 23.65
N GLN A 102 -18.80 -53.97 24.18
CA GLN A 102 -20.05 -53.38 23.70
C GLN A 102 -20.41 -52.22 24.61
N ALA A 103 -19.70 -52.10 25.73
CA ALA A 103 -19.88 -50.95 26.61
C ALA A 103 -19.53 -49.65 25.91
N GLY A 104 -18.57 -49.66 25.00
CA GLY A 104 -18.14 -48.44 24.32
C GLY A 104 -17.10 -47.64 25.08
N PHE A 105 -16.66 -48.16 26.23
CA PHE A 105 -15.69 -47.50 27.09
C PHE A 105 -14.99 -48.59 27.87
N THR A 106 -13.73 -48.38 28.15
CA THR A 106 -13.08 -49.14 29.22
C THR A 106 -13.25 -48.40 30.54
N PRO A 107 -12.95 -49.05 31.66
CA PRO A 107 -12.98 -48.33 32.94
C PRO A 107 -12.05 -47.13 32.97
N LEU A 108 -10.91 -47.21 32.26
CA LEU A 108 -10.00 -46.07 32.23
C LEU A 108 -10.66 -44.85 31.60
N HIS A 109 -11.42 -45.06 30.52
CA HIS A 109 -12.10 -43.93 29.90
C HIS A 109 -13.03 -43.25 30.88
N LEU A 110 -13.80 -44.04 31.62
CA LEU A 110 -14.80 -43.47 32.53
C LEU A 110 -14.12 -42.69 33.65
N ALA A 111 -13.04 -43.23 34.21
CA ALA A 111 -12.33 -42.53 35.26
C ALA A 111 -11.75 -41.21 34.75
N ALA A 112 -11.26 -41.22 33.51
CA ALA A 112 -10.71 -40.01 32.91
C ALA A 112 -11.80 -38.97 32.65
N ILE A 113 -12.95 -39.40 32.11
CA ILE A 113 -14.06 -38.49 31.82
C ILE A 113 -14.42 -37.69 33.06
N PHE A 114 -14.45 -38.34 34.22
CA PHE A 114 -14.94 -37.69 35.43
C PHE A 114 -13.82 -37.22 36.35
N GLY A 115 -12.57 -37.22 35.85
CA GLY A 115 -11.49 -36.60 36.60
C GLY A 115 -11.07 -37.34 37.85
N HIS A 116 -11.28 -38.66 37.91
CA HIS A 116 -10.91 -39.46 39.10
C HIS A 116 -9.47 -39.92 38.99
N LEU A 117 -8.53 -39.06 39.44
CA LEU A 117 -7.11 -39.31 39.21
C LEU A 117 -6.62 -40.53 39.97
N GLU A 118 -7.07 -40.71 41.21
CA GLU A 118 -6.66 -41.87 41.99
C GLU A 118 -7.11 -43.16 41.32
N ILE A 119 -8.33 -43.19 40.79
CA ILE A 119 -8.81 -44.38 40.11
C ILE A 119 -8.00 -44.62 38.84
N VAL A 120 -7.70 -43.55 38.09
CA VAL A 120 -6.88 -43.69 36.89
C VAL A 120 -5.58 -44.38 37.25
N GLU A 121 -4.95 -43.94 38.33
CA GLU A 121 -3.63 -44.46 38.67
C GLU A 121 -3.71 -45.93 39.08
N VAL A 122 -4.76 -46.31 39.81
CA VAL A 122 -4.96 -47.71 40.17
C VAL A 122 -5.18 -48.56 38.91
N LEU A 123 -6.02 -48.08 37.99
CA LEU A 123 -6.25 -48.84 36.76
C LEU A 123 -4.96 -49.01 35.97
N LEU A 124 -4.16 -47.96 35.86
CA LEU A 124 -2.90 -48.07 35.13
C LEU A 124 -1.98 -49.09 35.79
N LYS A 125 -1.92 -49.07 37.12
CA LYS A 125 -1.06 -50.00 37.86
C LYS A 125 -1.49 -51.45 37.61
N ASN A 126 -2.77 -51.68 37.33
CA ASN A 126 -3.32 -53.00 37.08
C ASN A 126 -3.43 -53.32 35.59
N GLY A 127 -2.73 -52.59 34.73
CA GLY A 127 -2.60 -52.97 33.35
C GLY A 127 -3.56 -52.31 32.37
N ALA A 128 -4.26 -51.26 32.78
CA ALA A 128 -5.13 -50.55 31.85
C ALA A 128 -4.36 -50.15 30.60
N ASP A 129 -5.02 -50.29 29.45
CA ASP A 129 -4.40 -50.04 28.15
C ASP A 129 -4.62 -48.58 27.77
N VAL A 130 -3.57 -47.76 27.82
CA VAL A 130 -3.75 -46.32 27.59
C VAL A 130 -4.06 -46.01 26.13
N ASN A 131 -3.87 -46.96 25.23
CA ASN A 131 -4.12 -46.71 23.82
C ASN A 131 -5.51 -47.17 23.40
N ALA A 132 -6.29 -47.75 24.30
CA ALA A 132 -7.64 -48.15 23.95
C ALA A 132 -8.46 -46.93 23.60
N GLN A 133 -9.26 -47.04 22.55
CA GLN A 133 -10.14 -45.97 22.10
C GLN A 133 -11.58 -46.28 22.48
N ASP A 134 -12.30 -45.26 22.93
CA ASP A 134 -13.72 -45.45 23.22
C ASP A 134 -14.50 -45.40 21.91
N LYS A 135 -15.83 -45.48 22.02
CA LYS A 135 -16.66 -45.54 20.83
C LYS A 135 -16.60 -44.25 20.01
N PHE A 136 -16.07 -43.16 20.57
CA PHE A 136 -15.88 -41.92 19.84
C PHE A 136 -14.46 -41.78 19.29
N GLY A 137 -13.64 -42.81 19.41
CA GLY A 137 -12.29 -42.78 18.89
C GLY A 137 -11.24 -42.18 19.81
N LYS A 138 -11.58 -41.90 21.06
CA LYS A 138 -10.70 -41.16 21.96
C LYS A 138 -10.04 -42.09 22.95
N THR A 139 -8.75 -41.86 23.19
CA THR A 139 -8.06 -42.46 24.32
C THR A 139 -8.35 -41.66 25.59
N ALA A 140 -7.96 -42.23 26.72
CA ALA A 140 -8.02 -41.50 27.98
C ALA A 140 -7.25 -40.20 27.90
N PHE A 141 -6.08 -40.21 27.24
CA PHE A 141 -5.34 -38.97 27.06
C PHE A 141 -6.18 -37.93 26.31
N ASP A 142 -6.79 -38.32 25.20
CA ASP A 142 -7.61 -37.40 24.43
C ASP A 142 -8.71 -36.80 25.29
N ILE A 143 -9.32 -37.63 26.15
CA ILE A 143 -10.38 -37.19 27.04
C ILE A 143 -9.88 -36.11 27.97
N SER A 144 -8.67 -36.29 28.53
CA SER A 144 -8.12 -35.29 29.43
C SER A 144 -7.81 -33.99 28.70
N ILE A 145 -7.45 -34.07 27.43
CA ILE A 145 -7.24 -32.86 26.62
C ILE A 145 -8.56 -32.16 26.39
N ASP A 146 -9.57 -32.91 25.94
N ASP A 146 -9.58 -32.91 25.98
CA ASP A 146 -10.90 -32.34 25.73
CA ASP A 146 -10.89 -32.31 25.71
C ASP A 146 -11.39 -31.60 26.97
C ASP A 146 -11.49 -31.67 26.95
N ASN A 147 -11.18 -32.20 28.15
CA ASN A 147 -11.67 -31.65 29.40
C ASN A 147 -10.74 -30.60 30.00
N GLY A 148 -9.61 -30.30 29.36
CA GLY A 148 -8.65 -29.37 29.93
C GLY A 148 -8.12 -29.79 31.27
N ASN A 149 -7.96 -31.10 31.50
CA ASN A 149 -7.46 -31.62 32.77
C ASN A 149 -5.98 -31.92 32.62
N GLU A 150 -5.14 -30.94 32.92
CA GLU A 150 -3.70 -31.11 32.72
C GLU A 150 -3.07 -31.94 33.82
N ASP A 151 -3.64 -31.99 35.02
CA ASP A 151 -3.17 -32.96 36.01
C ASP A 151 -3.24 -34.37 35.45
N LEU A 152 -4.33 -34.68 34.74
CA LEU A 152 -4.53 -36.01 34.18
C LEU A 152 -3.67 -36.22 32.94
N ALA A 153 -3.65 -35.23 32.04
CA ALA A 153 -2.76 -35.30 30.90
C ALA A 153 -1.33 -35.61 31.37
N GLU A 154 -0.90 -34.99 32.47
CA GLU A 154 0.42 -35.25 33.05
C GLU A 154 0.58 -36.72 33.40
N ILE A 155 -0.29 -37.22 34.27
CA ILE A 155 -0.24 -38.62 34.72
C ILE A 155 -0.22 -39.58 33.54
N LEU A 156 -0.86 -39.21 32.42
CA LEU A 156 -1.03 -40.11 31.28
C LEU A 156 0.10 -39.97 30.26
N GLN A 157 1.28 -39.56 30.68
CA GLN A 157 2.41 -39.45 29.76
C GLN A 157 3.73 -39.26 30.51
N MET B 5 -32.06 -18.96 48.45
CA MET B 5 -31.22 -18.95 47.22
C MET B 5 -31.14 -20.34 46.58
N VAL B 6 -32.01 -21.24 47.01
CA VAL B 6 -32.11 -22.59 46.47
C VAL B 6 -33.51 -22.79 45.92
N SER B 7 -33.63 -23.61 44.88
CA SER B 7 -34.92 -23.86 44.27
C SER B 7 -35.85 -24.63 45.21
N LYS B 8 -37.15 -24.37 45.06
CA LYS B 8 -38.17 -25.08 45.82
C LYS B 8 -39.08 -25.90 44.89
N GLY B 9 -38.61 -26.18 43.68
CA GLY B 9 -39.45 -26.85 42.70
C GLY B 9 -39.93 -28.21 43.13
N GLU B 10 -39.17 -28.89 44.00
CA GLU B 10 -39.57 -30.23 44.43
C GLU B 10 -40.90 -30.18 45.16
N GLU B 11 -41.24 -29.05 45.77
CA GLU B 11 -42.49 -28.98 46.52
C GLU B 11 -43.70 -29.02 45.59
N LEU B 12 -43.52 -28.77 44.30
CA LEU B 12 -44.62 -28.88 43.35
C LEU B 12 -45.01 -30.32 43.05
N PHE B 13 -44.25 -31.30 43.54
CA PHE B 13 -44.48 -32.70 43.19
C PHE B 13 -44.86 -33.59 44.36
N THR B 14 -45.22 -33.02 45.51
CA THR B 14 -45.56 -33.84 46.67
C THR B 14 -46.83 -34.65 46.45
N GLY B 15 -47.71 -34.22 45.55
CA GLY B 15 -48.92 -34.95 45.27
C GLY B 15 -49.11 -35.28 43.81
N VAL B 16 -50.32 -35.72 43.45
CA VAL B 16 -50.62 -36.06 42.07
C VAL B 16 -50.68 -34.77 41.25
N VAL B 17 -50.03 -34.77 40.10
CA VAL B 17 -49.91 -33.60 39.23
C VAL B 17 -50.45 -33.96 37.86
N PRO B 18 -51.38 -33.20 37.29
CA PRO B 18 -51.86 -33.50 35.93
C PRO B 18 -50.79 -33.18 34.89
N ILE B 19 -50.78 -33.97 33.82
CA ILE B 19 -49.80 -33.86 32.74
C ILE B 19 -50.52 -33.69 31.41
N LEU B 20 -49.96 -32.83 30.56
CA LEU B 20 -50.28 -32.76 29.14
C LEU B 20 -49.00 -32.91 28.32
N VAL B 21 -49.08 -33.67 27.23
CA VAL B 21 -47.96 -33.82 26.31
C VAL B 21 -48.45 -33.47 24.91
N GLU B 22 -47.65 -32.71 24.16
CA GLU B 22 -47.97 -32.35 22.78
C GLU B 22 -46.72 -32.56 21.94
N LEU B 23 -46.82 -33.42 20.94
N LEU B 23 -46.82 -33.40 20.92
CA LEU B 23 -45.69 -33.71 20.06
CA LEU B 23 -45.69 -33.75 20.07
C LEU B 23 -46.05 -33.38 18.63
C LEU B 23 -46.01 -33.44 18.60
N ASP B 24 -45.17 -32.62 17.98
CA ASP B 24 -45.24 -32.37 16.54
C ASP B 24 -44.10 -33.15 15.89
N GLY B 25 -44.43 -34.04 14.96
CA GLY B 25 -43.47 -34.97 14.40
C GLY B 25 -43.36 -34.90 12.89
N ASP B 26 -42.17 -35.21 12.39
CA ASP B 26 -41.90 -35.32 10.95
C ASP B 26 -40.77 -36.33 10.80
N VAL B 27 -41.07 -37.50 10.24
CA VAL B 27 -40.07 -38.55 10.05
C VAL B 27 -40.04 -38.88 8.57
N ASN B 28 -38.91 -38.57 7.92
CA ASN B 28 -38.78 -38.79 6.47
C ASN B 28 -39.89 -38.08 5.70
N GLY B 29 -40.33 -36.92 6.19
CA GLY B 29 -41.40 -36.19 5.55
C GLY B 29 -42.80 -36.64 5.92
N HIS B 30 -42.93 -37.69 6.71
CA HIS B 30 -44.23 -38.16 7.20
C HIS B 30 -44.57 -37.39 8.47
N LYS B 31 -45.56 -36.51 8.38
CA LYS B 31 -45.90 -35.61 9.47
C LYS B 31 -47.01 -36.19 10.33
N PHE B 32 -46.93 -35.95 11.63
CA PHE B 32 -47.94 -36.45 12.56
C PHE B 32 -47.94 -35.59 13.82
N SER B 33 -49.03 -35.73 14.59
CA SER B 33 -49.19 -35.02 15.84
C SER B 33 -49.71 -36.00 16.88
N VAL B 34 -49.15 -35.93 18.09
CA VAL B 34 -49.57 -36.78 19.19
C VAL B 34 -49.88 -35.92 20.40
N SER B 35 -50.99 -36.23 21.06
CA SER B 35 -51.40 -35.58 22.30
C SER B 35 -51.50 -36.62 23.40
N GLY B 36 -51.04 -36.26 24.59
CA GLY B 36 -51.13 -37.14 25.73
C GLY B 36 -51.72 -36.41 26.92
N GLU B 37 -52.44 -37.18 27.75
CA GLU B 37 -53.04 -36.65 28.95
C GLU B 37 -52.99 -37.72 30.02
N GLY B 38 -52.81 -37.27 31.25
CA GLY B 38 -52.83 -38.17 32.39
C GLY B 38 -52.31 -37.49 33.63
N GLU B 39 -51.56 -38.20 34.46
CA GLU B 39 -51.10 -37.59 35.70
C GLU B 39 -49.85 -38.31 36.17
N GLY B 40 -49.13 -37.64 37.06
CA GLY B 40 -47.89 -38.19 37.59
C GLY B 40 -47.84 -38.03 39.10
N ASP B 41 -47.18 -38.98 39.75
CA ASP B 41 -47.07 -38.96 41.21
C ASP B 41 -45.62 -39.31 41.54
N ALA B 42 -44.81 -38.28 41.73
CA ALA B 42 -43.38 -38.47 41.94
C ALA B 42 -43.06 -39.22 43.24
N THR B 43 -43.98 -39.23 44.22
CA THR B 43 -43.69 -39.93 45.47
C THR B 43 -43.51 -41.42 45.24
N TYR B 44 -44.15 -41.99 44.22
CA TYR B 44 -43.92 -43.38 43.80
C TYR B 44 -43.24 -43.50 42.45
N GLY B 45 -42.78 -42.40 41.87
CA GLY B 45 -42.18 -42.42 40.55
C GLY B 45 -43.11 -42.81 39.42
N LYS B 46 -44.41 -42.55 39.57
CA LYS B 46 -45.46 -43.19 38.78
C LYS B 46 -46.06 -42.24 37.76
N LEU B 47 -46.17 -42.71 36.51
CA LEU B 47 -46.81 -41.97 35.42
C LEU B 47 -47.94 -42.81 34.84
N THR B 48 -49.11 -42.19 34.67
N THR B 48 -49.09 -42.15 34.64
CA THR B 48 -50.24 -42.83 34.00
CA THR B 48 -50.26 -42.76 34.03
C THR B 48 -50.73 -41.90 32.90
C THR B 48 -50.71 -41.86 32.89
N LEU B 49 -50.50 -42.28 31.64
CA LEU B 49 -50.79 -41.42 30.50
C LEU B 49 -51.42 -42.19 29.34
N LYS B 50 -52.27 -41.49 28.58
CA LYS B 50 -52.76 -42.00 27.31
C LYS B 50 -52.42 -41.03 26.20
N PHE B 51 -51.90 -41.57 25.10
CA PHE B 51 -51.49 -40.79 23.94
C PHE B 51 -52.31 -41.20 22.73
N ILE B 52 -52.67 -40.24 21.89
N ILE B 52 -52.65 -40.21 21.90
CA ILE B 52 -53.37 -40.55 20.66
CA ILE B 52 -53.43 -40.41 20.68
C ILE B 52 -52.75 -39.74 19.53
C ILE B 52 -52.72 -39.71 19.54
N CYS B 53 -52.61 -40.38 18.38
CA CYS B 53 -52.21 -39.70 17.15
C CYS B 53 -53.45 -39.01 16.60
N THR B 54 -53.45 -37.68 16.65
CA THR B 54 -54.63 -36.92 16.30
C THR B 54 -54.73 -36.67 14.80
N THR B 55 -53.73 -37.07 14.02
CA THR B 55 -53.65 -36.80 12.59
C THR B 55 -53.86 -38.03 11.72
N GLY B 56 -54.09 -39.20 12.30
CA GLY B 56 -54.31 -40.41 11.51
C GLY B 56 -53.48 -41.58 12.02
N LYS B 57 -52.99 -42.42 11.12
CA LYS B 57 -52.13 -43.53 11.52
C LYS B 57 -50.74 -43.01 11.87
N LEU B 58 -50.20 -43.48 12.99
CA LEU B 58 -48.84 -43.09 13.38
C LEU B 58 -47.84 -43.74 12.42
N PRO B 59 -46.94 -42.98 11.79
CA PRO B 59 -46.07 -43.55 10.76
C PRO B 59 -44.86 -44.27 11.30
N VAL B 60 -44.68 -44.29 12.62
CA VAL B 60 -43.60 -45.03 13.26
C VAL B 60 -44.22 -45.83 14.39
N PRO B 61 -43.52 -46.84 14.91
CA PRO B 61 -44.08 -47.60 16.02
C PRO B 61 -44.16 -46.77 17.30
N TRP B 62 -45.27 -46.94 18.03
CA TRP B 62 -45.43 -46.26 19.31
C TRP B 62 -44.23 -46.44 20.24
N PRO B 63 -43.67 -47.64 20.39
CA PRO B 63 -42.52 -47.79 21.31
C PRO B 63 -41.38 -46.86 21.01
N THR B 64 -41.15 -46.50 19.74
CA THR B 64 -40.03 -45.61 19.44
C THR B 64 -40.22 -44.19 19.97
N LEU B 65 -41.44 -43.82 20.35
CA LEU B 65 -41.75 -42.49 20.87
C LEU B 65 -41.83 -42.40 22.38
N VAL B 66 -41.74 -43.52 23.10
CA VAL B 66 -41.94 -43.48 24.55
C VAL B 66 -40.95 -42.52 25.23
N THR B 67 -39.65 -42.64 24.94
CA THR B 67 -38.71 -41.77 25.64
C THR B 67 -38.96 -40.30 25.32
N THR B 68 -39.44 -40.00 24.12
CA THR B 68 -39.66 -38.61 23.75
C THR B 68 -40.88 -38.05 24.47
N LEU B 69 -41.94 -38.85 24.53
CA LEU B 69 -43.19 -38.45 25.20
C LEU B 69 -43.04 -38.42 26.72
N1 CRO B 70 -42.37 -39.39 27.30
CA1 CRO B 70 -42.16 -39.47 28.74
CB1 CRO B 70 -42.90 -40.63 29.46
CG1 CRO B 70 -44.40 -40.48 29.22
OG1 CRO B 70 -42.46 -41.88 29.01
C1 CRO B 70 -40.67 -39.63 28.94
N2 CRO B 70 -39.94 -40.81 29.20
N3 CRO B 70 -39.81 -38.48 28.83
C2 CRO B 70 -38.44 -38.96 29.04
O2 CRO B 70 -37.45 -38.30 29.02
CA2 CRO B 70 -38.56 -40.47 29.30
CA3 CRO B 70 -40.18 -37.13 28.49
C3 CRO B 70 -40.35 -36.26 29.72
O3 CRO B 70 -40.17 -35.04 29.55
CB2 CRO B 70 -37.52 -41.23 29.53
CG2 CRO B 70 -37.53 -42.75 29.56
CD1 CRO B 70 -36.30 -43.38 29.62
CD2 CRO B 70 -38.66 -43.53 29.57
CE1 CRO B 70 -36.22 -44.76 29.66
CE2 CRO B 70 -38.58 -44.92 29.62
CZ CRO B 70 -37.34 -45.53 29.67
OH CRO B 70 -37.20 -46.92 29.72
H CRO B 70 -41.61 -39.16 26.90
HA1 CRO B 70 -42.44 -38.64 29.14
HB1 CRO B 70 -42.73 -40.56 30.41
HG11 CRO B 70 -44.88 -41.14 29.74
HG12 CRO B 70 -44.68 -39.59 29.50
HG13 CRO B 70 -44.59 -40.60 28.28
HOG1 CRO B 70 -42.65 -42.47 29.57
HA31 CRO B 70 -39.48 -36.73 27.94
HA32 CRO B 70 -41.00 -37.15 28.00
HB2 CRO B 70 -36.71 -40.81 29.69
HD1 CRO B 70 -35.52 -42.87 29.62
HD2 CRO B 70 -39.49 -43.12 29.54
HE1 CRO B 70 -35.39 -45.16 29.70
HE2 CRO B 70 -39.35 -45.43 29.62
HOH CRO B 70 -37.18 -47.24 28.94
N VAL B 71 -40.80 -36.84 30.80
CA VAL B 71 -41.12 -35.98 31.94
C VAL B 71 -40.44 -36.55 33.19
N GLN B 72 -39.11 -36.49 33.18
CA GLN B 72 -38.32 -37.17 34.20
C GLN B 72 -38.35 -36.44 35.54
N CYS B 73 -39.00 -35.27 35.62
CA CYS B 73 -39.33 -34.68 36.91
C CYS B 73 -40.25 -35.54 37.76
N PHE B 74 -40.89 -36.57 37.18
CA PHE B 74 -41.73 -37.45 37.97
C PHE B 74 -40.99 -38.70 38.47
N SER B 75 -39.68 -38.76 38.25
CA SER B 75 -38.89 -39.83 38.85
C SER B 75 -38.95 -39.72 40.37
N ARG B 76 -38.98 -40.86 41.05
CA ARG B 76 -38.85 -40.84 42.49
C ARG B 76 -37.38 -40.72 42.87
N TYR B 77 -37.03 -39.60 43.50
CA TYR B 77 -35.71 -39.48 44.10
C TYR B 77 -35.82 -39.81 45.57
N PRO B 78 -35.15 -40.84 46.07
CA PRO B 78 -35.21 -41.15 47.50
C PRO B 78 -34.75 -39.96 48.34
N ASP B 79 -35.17 -39.97 49.61
CA ASP B 79 -34.91 -38.82 50.48
C ASP B 79 -33.42 -38.52 50.57
N HIS B 80 -32.57 -39.56 50.58
CA HIS B 80 -31.14 -39.35 50.72
C HIS B 80 -30.50 -38.85 49.43
N MET B 81 -31.26 -38.73 48.34
CA MET B 81 -30.73 -38.26 47.06
C MET B 81 -31.41 -36.97 46.60
N LYS B 82 -32.16 -36.30 47.47
CA LYS B 82 -32.97 -35.17 47.01
C LYS B 82 -32.11 -34.05 46.45
N GLN B 83 -30.86 -33.93 46.89
CA GLN B 83 -30.02 -32.86 46.36
C GLN B 83 -29.49 -33.15 44.97
N HIS B 84 -29.87 -34.28 44.36
CA HIS B 84 -29.41 -34.65 43.05
C HIS B 84 -30.52 -34.65 42.02
N ASP B 85 -31.66 -34.06 42.34
CA ASP B 85 -32.82 -34.05 41.44
C ASP B 85 -32.83 -32.75 40.65
N PHE B 86 -32.13 -32.76 39.50
CA PHE B 86 -32.08 -31.57 38.67
C PHE B 86 -33.47 -31.22 38.13
N PHE B 87 -34.21 -32.24 37.69
CA PHE B 87 -35.45 -32.03 36.97
C PHE B 87 -36.45 -31.20 37.78
N LYS B 88 -36.69 -31.59 39.04
CA LYS B 88 -37.63 -30.82 39.86
C LYS B 88 -37.06 -29.45 40.22
N SER B 89 -35.73 -29.33 40.36
CA SER B 89 -35.17 -28.06 40.79
C SER B 89 -35.34 -26.98 39.74
N ALA B 90 -35.54 -27.35 38.47
CA ALA B 90 -35.77 -26.37 37.42
C ALA B 90 -37.22 -25.89 37.39
N MET B 91 -38.08 -26.49 38.14
CA MET B 91 -39.49 -26.13 38.10
C MET B 91 -39.78 -24.95 39.02
N PRO B 92 -40.81 -24.15 38.72
CA PRO B 92 -41.81 -24.30 37.66
C PRO B 92 -41.41 -23.75 36.27
N GLU B 93 -40.35 -22.96 36.20
CA GLU B 93 -39.95 -22.38 34.92
C GLU B 93 -39.60 -23.45 33.90
N GLY B 94 -39.05 -24.57 34.33
CA GLY B 94 -38.88 -25.73 33.47
C GLY B 94 -37.49 -25.89 32.90
N TYR B 95 -37.36 -26.85 31.99
CA TYR B 95 -36.11 -27.14 31.33
C TYR B 95 -36.34 -27.48 29.87
N VAL B 96 -35.32 -27.25 29.06
CA VAL B 96 -35.25 -27.75 27.71
C VAL B 96 -34.63 -29.13 27.75
N GLN B 97 -35.22 -30.06 27.01
CA GLN B 97 -34.69 -31.41 26.87
C GLN B 97 -34.41 -31.63 25.39
N GLU B 98 -33.13 -31.81 25.06
CA GLU B 98 -32.66 -32.09 23.72
C GLU B 98 -32.20 -33.54 23.62
N ARG B 99 -32.58 -34.23 22.55
CA ARG B 99 -32.02 -35.54 22.27
C ARG B 99 -31.68 -35.73 20.82
N THR B 100 -30.69 -36.57 20.58
CA THR B 100 -30.57 -37.32 19.34
C THR B 100 -30.66 -38.79 19.70
N ILE B 101 -31.45 -39.53 18.94
CA ILE B 101 -31.71 -40.95 19.14
C ILE B 101 -31.27 -41.62 17.87
N PHE B 102 -30.21 -42.41 17.95
CA PHE B 102 -29.67 -43.13 16.81
C PHE B 102 -30.20 -44.55 16.79
N PHE B 103 -30.97 -44.88 15.75
CA PHE B 103 -31.45 -46.24 15.55
C PHE B 103 -30.39 -47.00 14.75
N LYS B 104 -29.86 -48.05 15.34
CA LYS B 104 -28.72 -48.73 14.74
C LYS B 104 -29.11 -49.25 13.37
N ASP B 105 -28.24 -49.01 12.38
CA ASP B 105 -28.45 -49.40 10.99
C ASP B 105 -29.70 -48.77 10.40
N ASP B 106 -30.13 -47.63 10.91
CA ASP B 106 -31.29 -46.94 10.39
C ASP B 106 -31.15 -45.44 10.69
N GLY B 107 -32.27 -44.73 10.69
CA GLY B 107 -32.23 -43.28 10.82
C GLY B 107 -32.08 -42.82 12.26
N ASN B 108 -32.22 -41.51 12.45
CA ASN B 108 -32.16 -40.91 13.77
C ASN B 108 -33.31 -39.93 13.97
N TYR B 109 -33.76 -39.83 15.21
CA TYR B 109 -34.65 -38.76 15.67
C TYR B 109 -33.83 -37.67 16.35
N LYS B 110 -34.21 -36.42 16.10
N LYS B 110 -34.15 -36.43 16.03
CA LYS B 110 -33.68 -35.28 16.83
CA LYS B 110 -33.72 -35.30 16.84
C LYS B 110 -34.85 -34.50 17.43
C LYS B 110 -34.96 -34.70 17.47
N THR B 111 -34.88 -34.42 18.77
CA THR B 111 -36.04 -33.92 19.50
C THR B 111 -35.62 -32.73 20.37
N ARG B 112 -36.51 -31.75 20.44
CA ARG B 112 -36.33 -30.60 21.32
C ARG B 112 -37.64 -30.33 22.02
N ALA B 113 -37.62 -30.35 23.35
CA ALA B 113 -38.80 -30.20 24.15
C ALA B 113 -38.59 -29.14 25.22
N GLU B 114 -39.69 -28.52 25.63
CA GLU B 114 -39.77 -27.72 26.83
C GLU B 114 -40.71 -28.42 27.80
N VAL B 115 -40.24 -28.63 29.02
CA VAL B 115 -41.02 -29.26 30.08
C VAL B 115 -41.18 -28.24 31.19
N LYS B 116 -42.42 -27.86 31.48
CA LYS B 116 -42.64 -26.78 32.42
C LYS B 116 -44.08 -26.81 32.90
N PHE B 117 -44.33 -26.14 34.02
CA PHE B 117 -45.69 -25.94 34.49
C PHE B 117 -46.37 -24.84 33.70
N GLU B 118 -47.61 -25.13 33.29
CA GLU B 118 -48.54 -24.12 32.79
C GLU B 118 -49.76 -24.23 33.70
N GLY B 119 -49.89 -23.29 34.62
CA GLY B 119 -50.90 -23.44 35.66
C GLY B 119 -50.53 -24.58 36.60
N ASP B 120 -51.52 -25.40 36.92
CA ASP B 120 -51.30 -26.55 37.80
C ASP B 120 -50.83 -27.78 37.04
N THR B 121 -50.60 -27.66 35.74
CA THR B 121 -50.34 -28.81 34.88
C THR B 121 -48.89 -28.81 34.42
N LEU B 122 -48.27 -29.98 34.50
CA LEU B 122 -46.93 -30.17 33.96
C LEU B 122 -47.06 -30.49 32.47
N VAL B 123 -46.46 -29.69 31.61
CA VAL B 123 -46.64 -29.80 30.17
C VAL B 123 -45.31 -30.10 29.49
N ASN B 124 -45.31 -31.13 28.64
CA ASN B 124 -44.17 -31.51 27.81
C ASN B 124 -44.52 -31.20 26.36
N ARG B 125 -43.88 -30.19 25.77
CA ARG B 125 -44.13 -29.77 24.39
C ARG B 125 -42.90 -30.08 23.55
N ILE B 126 -43.06 -30.96 22.56
CA ILE B 126 -41.94 -31.52 21.81
C ILE B 126 -42.08 -31.23 20.33
N GLU B 127 -40.94 -30.96 19.67
CA GLU B 127 -40.78 -31.08 18.22
C GLU B 127 -39.81 -32.20 17.91
N LEU B 128 -40.20 -33.10 16.99
CA LEU B 128 -39.37 -34.23 16.60
C LEU B 128 -39.11 -34.21 15.09
N LYS B 129 -37.86 -34.42 14.70
CA LYS B 129 -37.49 -34.55 13.29
C LYS B 129 -36.70 -35.84 13.10
N GLY B 130 -37.20 -36.71 12.22
CA GLY B 130 -36.52 -37.96 11.89
C GLY B 130 -36.06 -37.92 10.44
N ILE B 131 -34.81 -38.35 10.21
CA ILE B 131 -34.24 -38.39 8.88
C ILE B 131 -33.49 -39.70 8.64
N ASP B 132 -33.31 -40.03 7.37
CA ASP B 132 -32.46 -41.12 6.90
C ASP B 132 -32.98 -42.51 7.27
N PHE B 133 -34.29 -42.65 7.50
CA PHE B 133 -34.84 -43.97 7.77
C PHE B 133 -35.07 -44.77 6.49
N LYS B 134 -34.96 -46.08 6.64
CA LYS B 134 -35.23 -47.03 5.57
C LYS B 134 -36.72 -47.37 5.57
N GLU B 135 -37.39 -47.11 4.43
CA GLU B 135 -38.82 -47.37 4.36
C GLU B 135 -39.17 -48.83 4.63
N ASP B 136 -38.23 -49.75 4.41
CA ASP B 136 -38.42 -51.17 4.69
C ASP B 136 -37.74 -51.60 6.00
N GLY B 137 -37.21 -50.64 6.77
CA GLY B 137 -36.56 -50.95 8.02
C GLY B 137 -37.57 -51.22 9.13
N ASN B 138 -37.05 -51.40 10.34
CA ASN B 138 -37.90 -51.79 11.47
C ASN B 138 -38.81 -50.65 11.93
N ILE B 139 -38.48 -49.40 11.62
CA ILE B 139 -39.25 -48.25 12.09
C ILE B 139 -40.36 -47.92 11.09
N LEU B 140 -40.00 -47.43 9.90
CA LEU B 140 -41.05 -47.12 8.92
C LEU B 140 -41.78 -48.36 8.44
N GLY B 141 -41.17 -49.53 8.57
CA GLY B 141 -41.80 -50.78 8.22
C GLY B 141 -42.61 -51.42 9.33
N HIS B 142 -42.67 -50.81 10.51
CA HIS B 142 -43.49 -51.28 11.63
C HIS B 142 -43.19 -52.74 11.97
N LYS B 143 -41.94 -53.01 12.34
CA LYS B 143 -41.53 -54.36 12.67
C LYS B 143 -41.20 -54.52 14.14
N LEU B 144 -41.56 -53.56 14.98
CA LEU B 144 -41.25 -53.59 16.39
C LEU B 144 -42.45 -54.10 17.18
N GLU B 145 -42.17 -54.89 18.21
CA GLU B 145 -43.22 -55.39 19.08
C GLU B 145 -43.82 -54.25 19.90
N TYR B 146 -45.12 -54.39 20.21
CA TYR B 146 -45.79 -53.40 21.06
C TYR B 146 -45.58 -53.81 22.52
N ASN B 147 -44.39 -53.48 23.02
CA ASN B 147 -44.01 -53.73 24.42
C ASN B 147 -42.82 -52.84 24.73
N TYR B 148 -42.33 -52.93 25.97
CA TYR B 148 -41.27 -52.05 26.42
C TYR B 148 -40.49 -52.72 27.54
N ASN B 149 -39.17 -52.56 27.51
CA ASN B 149 -38.29 -53.18 28.49
C ASN B 149 -37.92 -52.19 29.59
N SER B 150 -37.37 -52.73 30.67
N SER B 150 -37.37 -52.73 30.68
CA SER B 150 -36.78 -51.91 31.72
CA SER B 150 -36.78 -51.91 31.73
C SER B 150 -35.38 -51.47 31.31
C SER B 150 -35.38 -51.46 31.31
N HIS B 151 -35.03 -50.24 31.68
CA HIS B 151 -33.75 -49.67 31.29
C HIS B 151 -33.08 -48.95 32.45
N ASN B 152 -31.77 -48.75 32.30
CA ASN B 152 -31.00 -47.88 33.18
C ASN B 152 -30.68 -46.59 32.43
N VAL B 153 -30.93 -45.46 33.07
CA VAL B 153 -30.71 -44.13 32.50
C VAL B 153 -29.59 -43.47 33.28
N TYR B 154 -28.50 -43.09 32.61
CA TYR B 154 -27.33 -42.58 33.31
C TYR B 154 -27.30 -41.06 33.28
N ILE B 155 -27.16 -40.44 34.44
CA ILE B 155 -27.27 -39.00 34.59
C ILE B 155 -25.95 -38.44 35.12
N MET B 156 -25.48 -37.35 34.49
CA MET B 156 -24.21 -36.70 34.80
C MET B 156 -24.41 -35.19 34.81
N ALA B 157 -23.67 -34.50 35.66
CA ALA B 157 -23.73 -33.05 35.66
C ALA B 157 -23.02 -32.48 34.42
N ASP B 158 -23.55 -31.39 33.88
CA ASP B 158 -22.88 -30.61 32.84
C ASP B 158 -22.81 -29.19 33.38
N LYS B 159 -21.79 -28.93 34.20
CA LYS B 159 -21.70 -27.66 34.91
C LYS B 159 -21.58 -26.47 33.95
N GLN B 160 -20.90 -26.65 32.81
CA GLN B 160 -20.71 -25.53 31.90
C GLN B 160 -22.04 -25.08 31.28
N LYS B 161 -23.01 -25.99 31.16
CA LYS B 161 -24.32 -25.65 30.65
C LYS B 161 -25.34 -25.45 31.77
N ASN B 162 -24.91 -25.52 33.03
CA ASN B 162 -25.79 -25.39 34.19
C ASN B 162 -26.93 -26.40 34.11
N GLY B 163 -26.60 -27.61 33.67
CA GLY B 163 -27.59 -28.64 33.44
C GLY B 163 -27.00 -30.03 33.59
N ILE B 164 -27.55 -30.96 32.82
CA ILE B 164 -27.16 -32.36 32.89
C ILE B 164 -27.01 -32.95 31.49
N LYS B 165 -26.18 -33.99 31.44
CA LYS B 165 -26.06 -34.88 30.30
C LYS B 165 -26.62 -36.21 30.70
N VAL B 166 -27.35 -36.84 29.79
CA VAL B 166 -28.03 -38.10 30.06
C VAL B 166 -27.78 -39.02 28.88
N ASN B 167 -27.34 -40.24 29.16
CA ASN B 167 -27.06 -41.23 28.14
C ASN B 167 -27.68 -42.55 28.54
N PHE B 168 -28.25 -43.25 27.56
CA PHE B 168 -28.74 -44.60 27.76
C PHE B 168 -29.06 -45.23 26.42
N LYS B 169 -29.23 -46.55 26.46
CA LYS B 169 -29.59 -47.34 25.30
C LYS B 169 -30.95 -47.99 25.53
N ILE B 170 -31.84 -47.85 24.54
CA ILE B 170 -33.13 -48.53 24.53
C ILE B 170 -33.04 -49.70 23.56
N ARG B 171 -33.61 -50.83 23.95
CA ARG B 171 -33.66 -52.02 23.11
C ARG B 171 -35.13 -52.32 22.79
N HIS B 172 -35.50 -52.17 21.52
CA HIS B 172 -36.86 -52.47 21.07
C HIS B 172 -36.87 -53.90 20.53
N ASN B 173 -37.72 -54.74 21.11
CA ASN B 173 -37.87 -56.11 20.61
C ASN B 173 -38.43 -56.08 19.20
N ILE B 174 -37.76 -56.80 18.30
CA ILE B 174 -38.26 -56.99 16.94
C ILE B 174 -39.13 -58.24 16.93
N GLU B 175 -40.17 -58.19 16.09
N GLU B 175 -40.13 -58.25 16.06
CA GLU B 175 -41.15 -59.26 15.98
CA GLU B 175 -41.12 -59.32 16.09
C GLU B 175 -40.59 -60.31 15.02
C GLU B 175 -40.48 -60.70 15.93
N ASP B 176 -39.67 -61.11 15.54
N ASP B 176 -40.05 -61.28 17.05
CA ASP B 176 -39.01 -62.13 14.75
CA ASP B 176 -39.71 -62.70 17.17
C ASP B 176 -37.89 -62.82 15.52
C ASP B 176 -38.38 -63.10 16.55
N GLY B 177 -37.39 -62.21 16.60
CA GLY B 177 -36.06 -62.62 16.99
C GLY B 177 -35.23 -61.59 17.72
N SER B 178 -34.78 -60.58 16.99
CA SER B 178 -33.66 -59.77 17.44
C SER B 178 -34.16 -58.50 18.14
N VAL B 179 -33.29 -57.50 18.24
CA VAL B 179 -33.57 -56.27 18.97
C VAL B 179 -33.09 -55.10 18.13
N GLN B 180 -33.85 -54.01 18.14
CA GLN B 180 -33.47 -52.76 17.49
C GLN B 180 -32.91 -51.81 18.55
N LEU B 181 -31.63 -51.48 18.44
CA LEU B 181 -31.00 -50.56 19.37
C LEU B 181 -31.35 -49.11 19.03
N ALA B 182 -31.64 -48.33 20.07
CA ALA B 182 -31.89 -46.90 19.96
C ALA B 182 -31.00 -46.17 20.97
N ASP B 183 -29.92 -45.59 20.49
CA ASP B 183 -28.89 -44.98 21.33
C ASP B 183 -29.26 -43.52 21.60
N HIS B 184 -29.46 -43.18 22.87
CA HIS B 184 -30.00 -41.89 23.30
C HIS B 184 -28.90 -41.00 23.83
N TYR B 185 -28.78 -39.81 23.26
CA TYR B 185 -27.88 -38.77 23.75
C TYR B 185 -28.73 -37.55 24.09
N GLN B 186 -28.68 -37.14 25.34
CA GLN B 186 -29.65 -36.23 25.90
C GLN B 186 -28.95 -35.14 26.69
N GLN B 187 -29.52 -33.96 26.63
CA GLN B 187 -29.04 -32.79 27.34
C GLN B 187 -30.25 -32.05 27.89
N ASN B 188 -30.15 -31.58 29.14
CA ASN B 188 -31.21 -30.81 29.77
C ASN B 188 -30.63 -29.54 30.34
N THR B 189 -31.27 -28.41 30.06
CA THR B 189 -30.82 -27.14 30.58
C THR B 189 -32.00 -26.35 31.11
N PRO B 190 -31.82 -25.58 32.18
CA PRO B 190 -32.95 -24.83 32.75
C PRO B 190 -33.40 -23.70 31.83
N ILE B 191 -34.72 -23.47 31.84
CA ILE B 191 -35.28 -22.35 31.10
C ILE B 191 -35.13 -21.06 31.89
N GLY B 192 -35.28 -21.13 33.20
CA GLY B 192 -35.22 -19.95 34.05
C GLY B 192 -33.79 -19.60 34.45
N ASP B 193 -33.68 -18.48 35.15
CA ASP B 193 -32.40 -18.00 35.66
C ASP B 193 -32.18 -18.36 37.12
N GLY B 194 -33.10 -19.09 37.73
CA GLY B 194 -32.99 -19.43 39.14
C GLY B 194 -32.02 -20.54 39.39
N PRO B 195 -31.83 -20.87 40.67
CA PRO B 195 -30.88 -21.92 41.03
C PRO B 195 -31.41 -23.30 40.68
N VAL B 196 -30.48 -24.19 40.34
CA VAL B 196 -30.80 -25.58 40.03
C VAL B 196 -29.84 -26.48 40.78
N LEU B 197 -30.20 -27.76 40.86
CA LEU B 197 -29.36 -28.77 41.50
C LEU B 197 -28.58 -29.50 40.43
N LEU B 198 -27.25 -29.49 40.55
CA LEU B 198 -26.41 -30.22 39.62
C LEU B 198 -25.95 -31.50 40.31
N PRO B 199 -26.32 -32.68 39.80
CA PRO B 199 -26.18 -33.91 40.57
C PRO B 199 -24.81 -34.56 40.46
N ASP B 200 -24.50 -35.39 41.45
CA ASP B 200 -23.47 -36.39 41.26
C ASP B 200 -23.96 -37.46 40.30
N ASN B 201 -23.02 -38.21 39.74
CA ASN B 201 -23.37 -39.27 38.80
C ASN B 201 -24.29 -40.26 39.47
N HIS B 202 -25.34 -40.66 38.74
CA HIS B 202 -26.29 -41.64 39.27
C HIS B 202 -27.11 -42.20 38.11
N TYR B 203 -28.12 -42.99 38.44
CA TYR B 203 -28.94 -43.62 37.40
C TYR B 203 -30.39 -43.62 37.81
N LEU B 204 -31.26 -43.73 36.80
CA LEU B 204 -32.67 -44.02 37.00
C LEU B 204 -32.93 -45.43 36.51
N SER B 205 -33.75 -46.16 37.27
N SER B 205 -33.70 -46.18 37.29
CA SER B 205 -34.23 -47.48 36.88
CA SER B 205 -34.23 -47.47 36.87
C SER B 205 -35.67 -47.34 36.41
C SER B 205 -35.65 -47.26 36.37
N THR B 206 -35.93 -47.74 35.17
CA THR B 206 -37.22 -47.49 34.54
C THR B 206 -37.96 -48.79 34.26
N GLN B 207 -39.28 -48.69 34.22
N GLN B 207 -39.29 -48.70 34.31
CA GLN B 207 -40.13 -49.82 33.85
CA GLN B 207 -40.19 -49.76 33.90
C GLN B 207 -41.42 -49.26 33.26
C GLN B 207 -41.33 -49.11 33.15
N SER B 208 -41.80 -49.76 32.10
CA SER B 208 -42.91 -49.22 31.32
C SER B 208 -43.79 -50.35 30.82
N ALA B 209 -45.10 -50.15 30.91
CA ALA B 209 -46.07 -51.10 30.40
C ALA B 209 -46.96 -50.40 29.39
N LEU B 210 -47.08 -50.98 28.20
CA LEU B 210 -47.89 -50.42 27.13
C LEU B 210 -49.15 -51.27 26.96
N SER B 211 -50.26 -50.60 26.70
CA SER B 211 -51.52 -51.29 26.53
C SER B 211 -52.41 -50.47 25.62
N LYS B 212 -53.63 -50.94 25.43
CA LYS B 212 -54.61 -50.25 24.60
C LYS B 212 -55.84 -49.96 25.44
N ASP B 213 -56.51 -48.88 25.05
CA ASP B 213 -57.84 -48.53 25.55
C ASP B 213 -58.90 -49.26 24.73
N PRO B 214 -59.70 -50.13 25.33
CA PRO B 214 -60.62 -50.93 24.52
C PRO B 214 -61.67 -50.12 23.79
N ASN B 215 -61.92 -48.87 24.20
CA ASN B 215 -62.94 -48.02 23.59
C ASN B 215 -62.37 -46.99 22.62
N GLU B 216 -61.07 -47.01 22.36
CA GLU B 216 -60.43 -46.00 21.53
C GLU B 216 -60.21 -46.52 20.12
N LYS B 217 -60.78 -45.83 19.13
CA LYS B 217 -60.64 -46.25 17.74
C LYS B 217 -59.47 -45.58 17.03
N ARG B 218 -59.00 -44.45 17.52
CA ARG B 218 -57.79 -43.83 16.98
C ARG B 218 -56.55 -44.64 17.34
N ASP B 219 -55.47 -44.37 16.60
CA ASP B 219 -54.16 -44.91 16.92
C ASP B 219 -53.68 -44.29 18.22
N HIS B 220 -53.31 -45.12 19.20
CA HIS B 220 -53.10 -44.59 20.54
C HIS B 220 -52.21 -45.55 21.32
N MET B 221 -51.79 -45.08 22.51
CA MET B 221 -50.96 -45.87 23.42
C MET B 221 -51.33 -45.50 24.86
N VAL B 222 -51.66 -46.49 25.67
CA VAL B 222 -51.82 -46.29 27.10
C VAL B 222 -50.54 -46.72 27.78
N LEU B 223 -50.03 -45.88 28.68
CA LEU B 223 -48.71 -46.09 29.24
C LEU B 223 -48.76 -46.02 30.77
N LEU B 224 -48.15 -47.00 31.43
CA LEU B 224 -47.97 -46.98 32.87
C LEU B 224 -46.49 -47.16 33.15
N GLU B 225 -45.87 -46.21 33.85
CA GLU B 225 -44.42 -46.16 33.97
C GLU B 225 -44.04 -45.89 35.42
N PHE B 226 -42.98 -46.55 35.89
CA PHE B 226 -42.43 -46.32 37.22
C PHE B 226 -40.92 -46.09 37.09
N VAL B 227 -40.43 -45.03 37.70
CA VAL B 227 -39.02 -44.65 37.60
C VAL B 227 -38.51 -44.23 38.97
N THR B 228 -37.39 -44.82 39.38
CA THR B 228 -36.78 -44.51 40.66
C THR B 228 -35.31 -44.21 40.45
N ALA B 229 -34.83 -43.12 41.06
CA ALA B 229 -33.41 -42.79 41.02
C ALA B 229 -32.66 -43.59 42.06
N ALA B 230 -31.39 -43.84 41.77
CA ALA B 230 -30.54 -44.64 42.66
C ALA B 230 -29.10 -44.40 42.29
N GLY B 231 -28.19 -45.07 43.02
CA GLY B 231 -26.77 -45.04 42.71
C GLY B 231 -25.97 -44.13 43.59
N ILE B 232 -26.60 -43.32 44.42
CA ILE B 232 -25.90 -42.55 45.43
C ILE B 232 -26.23 -43.21 46.76
N THR B 233 -25.20 -43.71 47.44
CA THR B 233 -25.38 -44.51 48.64
C THR B 233 -25.09 -43.74 49.92
N LEU B 234 -24.51 -42.56 49.80
CA LEU B 234 -24.20 -41.73 50.95
C LEU B 234 -25.49 -41.26 51.61
N GLY B 235 -25.65 -41.59 52.89
CA GLY B 235 -26.81 -41.17 53.65
C GLY B 235 -27.95 -42.16 53.69
N MET B 236 -27.79 -43.36 53.14
CA MET B 236 -28.83 -44.38 53.21
C MET B 236 -28.91 -44.95 54.63
N SER C 4 1.73 -9.58 -9.56
CA SER C 4 2.68 -8.67 -10.18
C SER C 4 3.00 -7.51 -9.24
N ASP C 5 3.57 -6.45 -9.82
CA ASP C 5 3.98 -5.29 -9.05
C ASP C 5 2.77 -4.63 -8.36
N LEU C 6 1.83 -4.12 -9.16
CA LEU C 6 0.69 -3.42 -8.59
C LEU C 6 -0.20 -4.36 -7.78
N GLY C 7 -0.29 -5.63 -8.18
CA GLY C 7 -1.09 -6.58 -7.41
C GLY C 7 -0.57 -6.76 -6.00
N LYS C 8 0.74 -6.95 -5.87
CA LYS C 8 1.35 -7.02 -4.54
C LYS C 8 1.10 -5.75 -3.76
N LYS C 9 1.17 -4.59 -4.42
CA LYS C 9 0.85 -3.34 -3.75
C LYS C 9 -0.61 -3.32 -3.30
N LEU C 10 -1.51 -3.89 -4.12
CA LEU C 10 -2.92 -3.89 -3.77
C LEU C 10 -3.19 -4.80 -2.57
N LEU C 11 -2.60 -5.99 -2.58
CA LEU C 11 -2.70 -6.88 -1.42
C LEU C 11 -2.25 -6.19 -0.14
N GLU C 12 -1.15 -5.43 -0.21
CA GLU C 12 -0.64 -4.76 0.98
C GLU C 12 -1.57 -3.64 1.42
N ALA C 13 -2.09 -2.87 0.47
CA ALA C 13 -3.02 -1.80 0.81
C ALA C 13 -4.29 -2.33 1.44
N ALA C 14 -4.81 -3.45 0.92
CA ALA C 14 -5.97 -4.10 1.53
C ALA C 14 -5.68 -4.54 2.95
N ARG C 15 -4.53 -5.21 3.15
CA ARG C 15 -4.15 -5.65 4.49
C ARG C 15 -4.05 -4.47 5.44
N ALA C 16 -3.47 -3.36 4.99
CA ALA C 16 -3.24 -2.21 5.84
C ALA C 16 -4.49 -1.35 6.04
N GLY C 17 -5.59 -1.65 5.34
CA GLY C 17 -6.81 -0.88 5.50
C GLY C 17 -6.75 0.50 4.88
N GLN C 18 -5.94 0.68 3.85
CA GLN C 18 -5.76 1.99 3.22
C GLN C 18 -6.75 2.12 2.06
N ASP C 19 -7.95 2.64 2.37
CA ASP C 19 -9.04 2.70 1.40
C ASP C 19 -8.65 3.46 0.14
N ASP C 20 -8.10 4.65 0.32
CA ASP C 20 -7.80 5.49 -0.84
C ASP C 20 -6.65 4.93 -1.65
N GLU C 21 -5.69 4.27 -1.01
CA GLU C 21 -4.62 3.62 -1.77
C GLU C 21 -5.17 2.49 -2.61
N VAL C 22 -6.10 1.70 -2.06
CA VAL C 22 -6.78 0.69 -2.87
C VAL C 22 -7.44 1.33 -4.08
N ARG C 23 -8.14 2.46 -3.88
CA ARG C 23 -8.78 3.14 -4.99
C ARG C 23 -7.76 3.56 -6.06
N ILE C 24 -6.65 4.14 -5.63
CA ILE C 24 -5.65 4.63 -6.58
C ILE C 24 -5.05 3.48 -7.36
N LEU C 25 -4.65 2.42 -6.66
CA LEU C 25 -4.02 1.30 -7.33
C LEU C 25 -4.94 0.70 -8.37
N MET C 26 -6.23 0.54 -8.06
N MET C 26 -6.22 0.52 -8.03
CA MET C 26 -7.13 -0.07 -9.02
CA MET C 26 -7.19 -0.02 -8.96
C MET C 26 -7.43 0.87 -10.19
C MET C 26 -7.33 0.88 -10.17
N ALA C 27 -7.50 2.18 -9.93
CA ALA C 27 -7.71 3.12 -11.02
C ALA C 27 -6.52 3.11 -11.98
N ASN C 28 -5.34 2.73 -11.49
CA ASN C 28 -4.14 2.67 -12.31
C ASN C 28 -3.79 1.27 -12.79
N GLY C 29 -4.72 0.32 -12.67
CA GLY C 29 -4.65 -0.95 -13.37
C GLY C 29 -4.36 -2.17 -12.52
N ALA C 30 -4.28 -2.04 -11.21
CA ALA C 30 -3.91 -3.19 -10.37
C ALA C 30 -4.92 -4.33 -10.53
N ASP C 31 -4.41 -5.57 -10.51
CA ASP C 31 -5.26 -6.76 -10.63
C ASP C 31 -6.05 -6.97 -9.34
N VAL C 32 -7.36 -6.77 -9.43
CA VAL C 32 -8.24 -6.88 -8.27
C VAL C 32 -8.16 -8.26 -7.65
N ASN C 33 -7.78 -9.26 -8.42
CA ASN C 33 -7.76 -10.64 -7.93
C ASN C 33 -6.33 -11.17 -7.78
N ALA C 34 -5.38 -10.27 -7.54
CA ALA C 34 -4.03 -10.67 -7.23
C ALA C 34 -4.03 -11.67 -6.08
N LEU C 35 -3.10 -12.63 -6.13
CA LEU C 35 -3.05 -13.74 -5.18
C LEU C 35 -1.72 -13.76 -4.45
N ASP C 36 -1.77 -14.02 -3.15
CA ASP C 36 -0.54 -14.20 -2.38
C ASP C 36 -0.28 -15.70 -2.23
N GLU C 37 0.72 -16.06 -1.43
CA GLU C 37 1.12 -17.45 -1.45
C GLU C 37 0.24 -18.35 -0.61
N VAL C 38 -0.73 -17.81 0.15
CA VAL C 38 -1.73 -18.65 0.79
C VAL C 38 -3.04 -18.61 0.02
N GLY C 39 -3.02 -18.06 -1.19
CA GLY C 39 -4.21 -18.00 -2.00
C GLY C 39 -5.17 -16.90 -1.62
N TRP C 40 -4.75 -15.93 -0.83
CA TRP C 40 -5.61 -14.80 -0.51
C TRP C 40 -5.55 -13.74 -1.59
N THR C 41 -6.72 -13.22 -1.91
CA THR C 41 -6.92 -12.04 -2.72
C THR C 41 -7.10 -10.82 -1.83
N PRO C 42 -7.12 -9.62 -2.41
CA PRO C 42 -7.39 -8.44 -1.59
C PRO C 42 -8.71 -8.56 -0.83
N LEU C 43 -9.70 -9.22 -1.43
CA LEU C 43 -10.99 -9.37 -0.78
C LEU C 43 -10.91 -10.24 0.46
N HIS C 44 -10.08 -11.30 0.43
CA HIS C 44 -9.86 -12.11 1.64
C HIS C 44 -9.27 -11.25 2.75
N LEU C 45 -8.26 -10.45 2.42
CA LEU C 45 -7.65 -9.59 3.42
C LEU C 45 -8.65 -8.59 3.99
N ALA C 46 -9.53 -8.07 3.14
CA ALA C 46 -10.46 -7.04 3.59
C ALA C 46 -11.61 -7.64 4.37
N ALA C 47 -11.87 -8.94 4.21
CA ALA C 47 -13.00 -9.57 4.89
C ALA C 47 -12.87 -9.56 6.40
N TRP C 48 -11.69 -9.29 6.93
CA TRP C 48 -11.50 -9.26 8.37
C TRP C 48 -11.99 -7.98 9.03
N GLY C 49 -12.62 -7.08 8.28
CA GLY C 49 -13.19 -5.91 8.92
C GLY C 49 -13.05 -4.60 8.17
N HIS C 50 -12.60 -4.65 6.91
CA HIS C 50 -12.42 -3.42 6.12
C HIS C 50 -13.59 -3.29 5.15
N LEU C 51 -14.73 -2.84 5.68
CA LEU C 51 -15.97 -2.84 4.91
C LEU C 51 -15.87 -1.99 3.65
N GLU C 52 -15.31 -0.79 3.76
CA GLU C 52 -15.27 0.09 2.60
C GLU C 52 -14.39 -0.49 1.50
N ILE C 53 -13.29 -1.16 1.86
CA ILE C 53 -12.45 -1.80 0.86
C ILE C 53 -13.15 -3.00 0.25
N VAL C 54 -13.87 -3.78 1.07
CA VAL C 54 -14.67 -4.89 0.52
C VAL C 54 -15.54 -4.38 -0.62
N GLU C 55 -16.25 -3.29 -0.36
CA GLU C 55 -17.20 -2.75 -1.33
C GLU C 55 -16.48 -2.27 -2.58
N VAL C 56 -15.40 -1.52 -2.39
CA VAL C 56 -14.63 -1.01 -3.52
C VAL C 56 -14.12 -2.15 -4.37
N LEU C 57 -13.62 -3.22 -3.73
CA LEU C 57 -13.12 -4.35 -4.50
C LEU C 57 -14.24 -5.04 -5.27
N LEU C 58 -15.38 -5.26 -4.61
CA LEU C 58 -16.49 -5.93 -5.29
C LEU C 58 -16.98 -5.13 -6.48
N LYS C 59 -16.96 -3.80 -6.37
CA LYS C 59 -17.38 -2.95 -7.48
C LYS C 59 -16.39 -2.96 -8.63
N ASN C 60 -15.16 -3.42 -8.41
CA ASN C 60 -14.16 -3.47 -9.46
C ASN C 60 -13.85 -4.90 -9.89
N GLY C 61 -14.77 -5.83 -9.67
CA GLY C 61 -14.68 -7.15 -10.24
C GLY C 61 -13.99 -8.18 -9.38
N ALA C 62 -13.80 -7.92 -8.09
CA ALA C 62 -13.23 -8.94 -7.21
C ALA C 62 -14.04 -10.22 -7.33
N ASP C 63 -13.34 -11.35 -7.32
CA ASP C 63 -13.96 -12.68 -7.38
C ASP C 63 -14.51 -13.01 -6.00
N VAL C 64 -15.83 -12.86 -5.84
CA VAL C 64 -16.46 -12.97 -4.54
C VAL C 64 -16.31 -14.37 -3.97
N ASN C 65 -16.10 -15.38 -4.81
CA ASN C 65 -16.07 -16.77 -4.35
C ASN C 65 -14.68 -17.38 -4.40
N ALA C 66 -13.65 -16.57 -4.49
CA ALA C 66 -12.28 -17.09 -4.52
C ALA C 66 -12.01 -17.88 -3.27
N ALA C 67 -11.50 -19.10 -3.46
CA ALA C 67 -11.16 -19.97 -2.34
C ALA C 67 -9.66 -19.98 -2.13
N ASP C 68 -9.23 -19.86 -0.86
CA ASP C 68 -7.81 -19.84 -0.56
C ASP C 68 -7.28 -21.27 -0.53
N ILE C 69 -6.02 -21.42 -0.15
CA ILE C 69 -5.38 -22.72 -0.25
C ILE C 69 -6.03 -23.75 0.67
N ASP C 70 -6.72 -23.31 1.70
CA ASP C 70 -7.43 -24.18 2.63
C ASP C 70 -8.91 -24.36 2.27
N GLY C 71 -9.36 -23.71 1.20
CA GLY C 71 -10.73 -23.76 0.77
C GLY C 71 -11.62 -22.65 1.26
N TYR C 72 -11.08 -21.65 1.94
CA TYR C 72 -11.91 -20.61 2.54
C TYR C 72 -12.18 -19.48 1.56
N THR C 73 -13.44 -19.08 1.48
CA THR C 73 -13.86 -17.91 0.73
C THR C 73 -13.90 -16.70 1.63
N PRO C 74 -14.00 -15.51 1.07
CA PRO C 74 -14.13 -14.32 1.93
C PRO C 74 -15.30 -14.40 2.88
N LEU C 75 -16.40 -15.03 2.46
CA LEU C 75 -17.56 -15.17 3.34
C LEU C 75 -17.24 -16.05 4.55
N HIS C 76 -16.43 -17.09 4.37
CA HIS C 76 -15.96 -17.86 5.53
C HIS C 76 -15.23 -16.96 6.50
N LEU C 77 -14.30 -16.15 5.99
CA LEU C 77 -13.48 -15.33 6.87
C LEU C 77 -14.32 -14.27 7.57
N ALA C 78 -15.30 -13.70 6.87
CA ALA C 78 -16.16 -12.71 7.51
C ALA C 78 -17.03 -13.33 8.60
N ALA C 79 -17.45 -14.59 8.42
CA ALA C 79 -18.24 -15.28 9.43
C ALA C 79 -17.38 -15.64 10.63
N PHE C 80 -16.17 -16.12 10.37
CA PHE C 80 -15.22 -16.46 11.43
C PHE C 80 -14.87 -15.24 12.28
N SER C 81 -14.75 -14.07 11.65
CA SER C 81 -14.38 -12.84 12.36
C SER C 81 -15.59 -12.01 12.79
N GLY C 82 -16.80 -12.44 12.49
CA GLY C 82 -17.98 -11.84 13.08
C GLY C 82 -18.44 -10.54 12.45
N HIS C 83 -18.15 -10.30 11.18
CA HIS C 83 -18.44 -9.02 10.55
C HIS C 83 -19.74 -9.11 9.76
N LEU C 84 -20.86 -8.75 10.40
CA LEU C 84 -22.18 -8.85 9.80
C LEU C 84 -22.31 -8.04 8.50
N GLU C 85 -21.89 -6.78 8.51
CA GLU C 85 -22.06 -5.94 7.33
C GLU C 85 -21.27 -6.48 6.14
N ILE C 86 -20.07 -7.01 6.38
CA ILE C 86 -19.31 -7.62 5.30
C ILE C 86 -20.00 -8.88 4.79
N VAL C 87 -20.51 -9.72 5.70
CA VAL C 87 -21.31 -10.86 5.28
C VAL C 87 -22.42 -10.42 4.32
N GLU C 88 -23.12 -9.35 4.68
CA GLU C 88 -24.26 -8.91 3.89
C GLU C 88 -23.83 -8.45 2.49
N VAL C 89 -22.77 -7.64 2.42
N VAL C 89 -22.75 -7.67 2.40
CA VAL C 89 -22.31 -7.14 1.13
CA VAL C 89 -22.36 -7.16 1.10
C VAL C 89 -21.85 -8.31 0.25
C VAL C 89 -21.81 -8.29 0.23
N LEU C 90 -21.09 -9.25 0.84
CA LEU C 90 -20.62 -10.38 0.06
C LEU C 90 -21.79 -11.14 -0.55
N LEU C 91 -22.83 -11.43 0.25
CA LEU C 91 -23.97 -12.12 -0.28
C LEU C 91 -24.67 -11.31 -1.36
N LYS C 92 -24.76 -10.00 -1.18
CA LYS C 92 -25.36 -9.14 -2.20
C LYS C 92 -24.63 -9.28 -3.55
N TYR C 93 -23.32 -9.50 -3.52
CA TYR C 93 -22.50 -9.60 -4.72
C TYR C 93 -22.30 -11.06 -5.14
N GLY C 94 -23.18 -11.95 -4.71
CA GLY C 94 -23.23 -13.31 -5.22
C GLY C 94 -22.37 -14.33 -4.50
N ALA C 95 -21.94 -14.05 -3.27
CA ALA C 95 -21.19 -15.06 -2.52
C ALA C 95 -22.01 -16.34 -2.39
N ASP C 96 -21.33 -17.48 -2.56
CA ASP C 96 -21.94 -18.79 -2.40
C ASP C 96 -22.20 -19.03 -0.92
N VAL C 97 -23.49 -18.98 -0.54
CA VAL C 97 -23.84 -19.04 0.87
C VAL C 97 -23.47 -20.39 1.48
N ASN C 98 -23.35 -21.43 0.66
CA ASN C 98 -23.08 -22.78 1.11
C ASN C 98 -21.68 -23.27 0.71
N ALA C 99 -20.76 -22.35 0.46
CA ALA C 99 -19.41 -22.71 0.08
C ALA C 99 -18.80 -23.67 1.10
N ASP C 100 -18.21 -24.76 0.61
CA ASP C 100 -17.45 -25.70 1.43
C ASP C 100 -16.55 -26.53 0.51
N ASP C 101 -15.48 -25.91 0.01
CA ASP C 101 -14.65 -26.51 -1.04
C ASP C 101 -13.36 -27.00 -0.39
N GLN C 102 -13.46 -28.12 0.32
CA GLN C 102 -12.43 -28.66 1.19
C GLN C 102 -12.26 -27.82 2.45
N ALA C 103 -13.08 -26.80 2.65
CA ALA C 103 -12.99 -25.99 3.86
C ALA C 103 -13.37 -26.80 5.09
N GLY C 104 -14.29 -27.74 4.95
CA GLY C 104 -14.76 -28.52 6.08
C GLY C 104 -15.86 -27.87 6.90
N PHE C 105 -16.30 -26.68 6.50
CA PHE C 105 -17.37 -25.94 7.15
C PHE C 105 -18.03 -25.09 6.08
N THR C 106 -19.33 -24.84 6.22
CA THR C 106 -19.98 -23.74 5.54
C THR C 106 -19.94 -22.50 6.40
N PRO C 107 -20.22 -21.33 5.82
CA PRO C 107 -20.30 -20.12 6.65
C PRO C 107 -21.30 -20.24 7.78
N LEU C 108 -22.39 -20.99 7.58
CA LEU C 108 -23.37 -21.19 8.65
C LEU C 108 -22.75 -21.91 9.85
N HIS C 109 -21.90 -22.90 9.60
CA HIS C 109 -21.26 -23.60 10.71
C HIS C 109 -20.40 -22.64 11.52
N LEU C 110 -19.64 -21.80 10.82
CA LEU C 110 -18.75 -20.86 11.52
C LEU C 110 -19.54 -19.88 12.34
N ALA C 111 -20.61 -19.30 11.76
CA ALA C 111 -21.41 -18.37 12.54
C ALA C 111 -22.03 -19.05 13.76
N ALA C 112 -22.43 -20.32 13.61
CA ALA C 112 -22.99 -21.07 14.73
C ALA C 112 -21.94 -21.34 15.81
N ILE C 113 -20.73 -21.72 15.40
CA ILE C 113 -19.66 -22.03 16.36
C ILE C 113 -19.40 -20.85 17.27
N PHE C 114 -19.41 -19.64 16.72
CA PHE C 114 -19.05 -18.45 17.48
C PHE C 114 -20.26 -17.66 17.95
N GLY C 115 -21.46 -18.21 17.83
CA GLY C 115 -22.62 -17.60 18.45
C GLY C 115 -23.08 -16.32 17.80
N HIS C 116 -22.84 -16.16 16.49
CA HIS C 116 -23.18 -14.93 15.79
C HIS C 116 -24.60 -15.07 15.24
N LEU C 117 -25.58 -14.78 16.11
N LEU C 117 -25.58 -14.75 16.09
CA LEU C 117 -26.98 -15.03 15.78
CA LEU C 117 -26.97 -15.05 15.76
C LEU C 117 -27.45 -14.19 14.60
C LEU C 117 -27.47 -14.19 14.61
N GLU C 118 -27.07 -12.91 14.56
CA GLU C 118 -27.48 -12.04 13.46
C GLU C 118 -26.93 -12.53 12.13
N ILE C 119 -25.67 -12.97 12.10
CA ILE C 119 -25.10 -13.54 10.89
C ILE C 119 -25.82 -14.83 10.50
N VAL C 120 -26.11 -15.68 11.49
CA VAL C 120 -26.88 -16.90 11.21
C VAL C 120 -28.18 -16.56 10.49
N GLU C 121 -28.87 -15.52 10.96
CA GLU C 121 -30.17 -15.20 10.39
C GLU C 121 -30.03 -14.68 8.95
N VAL C 122 -29.00 -13.88 8.68
CA VAL C 122 -28.73 -13.43 7.32
C VAL C 122 -28.42 -14.62 6.42
N LEU C 123 -27.57 -15.53 6.87
CA LEU C 123 -27.23 -16.67 6.03
C LEU C 123 -28.47 -17.51 5.73
N LEU C 124 -29.31 -17.75 6.74
CA LEU C 124 -30.55 -18.50 6.52
C LEU C 124 -31.43 -17.80 5.50
N LYS C 125 -31.59 -16.47 5.64
CA LYS C 125 -32.40 -15.69 4.72
C LYS C 125 -31.90 -15.79 3.28
N ASN C 126 -30.59 -15.98 3.11
CA ASN C 126 -29.96 -16.05 1.80
C ASN C 126 -29.76 -17.47 1.31
N GLY C 127 -30.43 -18.45 1.91
CA GLY C 127 -30.44 -19.80 1.40
C GLY C 127 -29.44 -20.76 2.02
N ALA C 128 -28.90 -20.47 3.20
CA ALA C 128 -28.00 -21.41 3.83
C ALA C 128 -28.70 -22.74 4.06
N ASP C 129 -27.97 -23.83 3.83
CA ASP C 129 -28.51 -25.19 3.96
C ASP C 129 -28.34 -25.65 5.40
N VAL C 130 -29.46 -25.78 6.13
CA VAL C 130 -29.38 -26.14 7.55
C VAL C 130 -28.95 -27.58 7.77
N ASN C 131 -29.04 -28.44 6.76
CA ASN C 131 -28.69 -29.84 6.92
C ASN C 131 -27.24 -30.13 6.56
N ALA C 132 -26.50 -29.13 6.08
CA ALA C 132 -25.10 -29.34 5.74
C ALA C 132 -24.34 -29.79 6.98
N GLN C 133 -23.47 -30.78 6.81
CA GLN C 133 -22.66 -31.31 7.89
C GLN C 133 -21.23 -30.85 7.72
N ASP C 134 -20.60 -30.46 8.82
CA ASP C 134 -19.21 -30.05 8.76
C ASP C 134 -18.31 -31.29 8.77
N LYS C 135 -16.99 -31.08 8.78
CA LYS C 135 -16.07 -32.21 8.69
C LYS C 135 -16.13 -33.14 9.89
N PHE C 136 -16.76 -32.71 10.98
CA PHE C 136 -16.98 -33.57 12.14
C PHE C 136 -18.37 -34.21 12.14
N GLY C 137 -19.13 -34.05 11.06
CA GLY C 137 -20.44 -34.66 10.95
C GLY C 137 -21.58 -33.87 11.56
N LYS C 138 -21.34 -32.61 11.95
CA LYS C 138 -22.31 -31.81 12.69
C LYS C 138 -22.99 -30.79 11.79
N THR C 139 -24.29 -30.64 11.99
CA THR C 139 -25.03 -29.51 11.46
C THR C 139 -24.89 -28.31 12.39
N ALA C 140 -25.31 -27.15 11.89
CA ALA C 140 -25.34 -25.96 12.73
C ALA C 140 -26.16 -26.18 13.99
N PHE C 141 -27.30 -26.87 13.87
CA PHE C 141 -28.07 -27.20 15.04
C PHE C 141 -27.24 -28.02 16.03
N ASP C 142 -26.56 -29.06 15.54
CA ASP C 142 -25.76 -29.89 16.44
C ASP C 142 -24.72 -29.04 17.15
N ILE C 143 -24.11 -28.10 16.43
CA ILE C 143 -23.15 -27.19 17.02
C ILE C 143 -23.79 -26.37 18.15
N SER C 144 -24.99 -25.84 17.92
CA SER C 144 -25.66 -25.07 18.97
C SER C 144 -25.96 -25.93 20.19
N ILE C 145 -26.27 -27.21 20.00
CA ILE C 145 -26.50 -28.11 21.12
C ILE C 145 -25.20 -28.35 21.88
N ASP C 146 -24.11 -28.62 21.15
N ASP C 146 -24.11 -28.59 21.15
CA ASP C 146 -22.82 -28.83 21.80
CA ASP C 146 -22.82 -28.84 21.78
C ASP C 146 -22.41 -27.62 22.62
C ASP C 146 -22.33 -27.62 22.56
N ASN C 147 -22.67 -26.42 22.10
CA ASN C 147 -22.29 -25.18 22.77
C ASN C 147 -23.30 -24.73 23.82
N GLY C 148 -24.44 -25.40 23.95
CA GLY C 148 -25.41 -25.01 24.93
C GLY C 148 -26.10 -23.70 24.60
N ASN C 149 -26.20 -23.37 23.31
CA ASN C 149 -26.79 -22.11 22.87
C ASN C 149 -28.23 -22.35 22.45
N GLU C 150 -29.15 -22.24 23.41
CA GLU C 150 -30.55 -22.49 23.10
C GLU C 150 -31.19 -21.36 22.31
N ASP C 151 -30.65 -20.13 22.38
CA ASP C 151 -31.12 -19.09 21.49
C ASP C 151 -30.93 -19.50 20.04
N LEU C 152 -29.76 -20.06 19.73
N LEU C 152 -29.78 -20.09 19.73
CA LEU C 152 -29.49 -20.54 18.38
CA LEU C 152 -29.52 -20.52 18.36
C LEU C 152 -30.33 -21.76 18.06
C LEU C 152 -30.24 -21.81 18.03
N ALA C 153 -30.36 -22.72 18.98
CA ALA C 153 -31.06 -23.97 18.71
C ALA C 153 -32.51 -23.71 18.34
N GLU C 154 -33.15 -22.74 19.00
CA GLU C 154 -34.55 -22.46 18.71
C GLU C 154 -34.72 -21.83 17.34
N ILE C 155 -33.84 -20.88 16.99
CA ILE C 155 -33.87 -20.25 15.66
C ILE C 155 -33.67 -21.31 14.57
N LEU C 156 -32.85 -22.32 14.84
CA LEU C 156 -32.54 -23.35 13.84
C LEU C 156 -33.66 -24.39 13.81
N GLN C 157 -34.82 -23.92 13.35
CA GLN C 157 -35.96 -24.79 13.04
C GLN C 157 -36.25 -25.77 14.17
N LYS C 158 -36.45 -25.21 15.36
CA LYS C 158 -36.74 -26.03 16.52
C LYS C 158 -37.37 -25.22 17.64
N MET D 5 -1.00 0.40 25.17
CA MET D 5 -0.81 -0.44 26.40
C MET D 5 -0.48 -1.88 26.03
N VAL D 6 0.17 -2.58 26.97
CA VAL D 6 0.74 -3.90 26.71
C VAL D 6 0.73 -4.68 28.03
N SER D 7 0.70 -6.01 27.92
CA SER D 7 0.72 -6.85 29.13
C SER D 7 2.10 -6.84 29.78
N LYS D 8 2.13 -7.18 31.06
CA LYS D 8 3.42 -7.27 31.76
C LYS D 8 4.32 -8.31 31.12
N GLY D 9 3.75 -9.43 30.69
CA GLY D 9 4.54 -10.46 30.06
C GLY D 9 5.21 -10.02 28.78
N GLU D 10 4.54 -9.15 28.00
CA GLU D 10 5.14 -8.71 26.75
C GLU D 10 6.36 -7.83 26.99
N GLU D 11 6.49 -7.21 28.17
CA GLU D 11 7.69 -6.43 28.46
C GLU D 11 8.94 -7.30 28.46
N LEU D 12 8.78 -8.62 28.59
CA LEU D 12 9.92 -9.53 28.50
C LEU D 12 10.39 -9.74 27.07
N PHE D 13 9.71 -9.17 26.07
CA PHE D 13 9.99 -9.44 24.67
C PHE D 13 10.39 -8.20 23.87
N THR D 14 10.72 -7.09 24.54
CA THR D 14 10.99 -5.85 23.83
C THR D 14 12.24 -5.92 22.97
N GLY D 15 13.18 -6.80 23.30
CA GLY D 15 14.40 -6.93 22.53
C GLY D 15 14.65 -8.35 22.07
N VAL D 16 15.90 -8.66 21.74
CA VAL D 16 16.25 -10.02 21.34
C VAL D 16 16.27 -10.91 22.58
N VAL D 17 15.70 -12.10 22.45
CA VAL D 17 15.55 -13.03 23.58
C VAL D 17 16.17 -14.37 23.21
N PRO D 18 17.08 -14.92 24.01
CA PRO D 18 17.63 -16.24 23.68
C PRO D 18 16.60 -17.34 23.87
N ILE D 19 16.69 -18.36 23.00
CA ILE D 19 15.75 -19.47 22.98
C ILE D 19 16.50 -20.79 23.13
N LEU D 20 15.92 -21.70 23.91
CA LEU D 20 16.32 -23.09 23.95
C LEU D 20 15.09 -23.94 23.67
N VAL D 21 15.27 -24.98 22.85
CA VAL D 21 14.21 -25.94 22.57
C VAL D 21 14.75 -27.33 22.87
N GLU D 22 13.95 -28.15 23.55
CA GLU D 22 14.32 -29.53 23.86
C GLU D 22 13.14 -30.43 23.53
N LEU D 23 13.35 -31.41 22.66
CA LEU D 23 12.26 -32.28 22.25
C LEU D 23 12.67 -33.74 22.44
N ASP D 24 11.79 -34.50 23.09
CA ASP D 24 11.97 -35.93 23.27
C ASP D 24 10.87 -36.61 22.48
N GLY D 25 11.24 -37.50 21.58
CA GLY D 25 10.30 -38.01 20.60
C GLY D 25 10.33 -39.52 20.49
N ASP D 26 9.18 -40.06 20.04
CA ASP D 26 9.02 -41.50 19.81
C ASP D 26 7.94 -41.64 18.73
N VAL D 27 8.33 -42.14 17.56
CA VAL D 27 7.39 -42.32 16.44
C VAL D 27 7.46 -43.78 16.03
N ASN D 28 6.36 -44.51 16.24
CA ASN D 28 6.31 -45.94 15.92
C ASN D 28 7.42 -46.70 16.62
N GLY D 29 7.79 -46.27 17.83
CA GLY D 29 8.86 -46.90 18.58
C GLY D 29 10.24 -46.34 18.31
N HIS D 30 10.40 -45.52 17.27
CA HIS D 30 11.69 -44.94 16.94
C HIS D 30 11.91 -43.70 17.80
N LYS D 31 12.83 -43.79 18.76
CA LYS D 31 13.05 -42.71 19.71
C LYS D 31 14.15 -41.78 19.22
N PHE D 32 14.01 -40.50 19.52
CA PHE D 32 15.00 -39.51 19.14
C PHE D 32 14.89 -38.30 20.06
N SER D 33 15.95 -37.51 20.09
CA SER D 33 15.99 -36.27 20.86
C SER D 33 16.50 -35.16 19.95
N VAL D 34 15.88 -33.99 20.05
CA VAL D 34 16.26 -32.81 19.27
C VAL D 34 16.48 -31.65 20.22
N SER D 35 17.59 -30.92 20.01
N SER D 35 17.58 -30.91 20.01
CA SER D 35 17.90 -29.72 20.77
CA SER D 35 17.90 -29.72 20.79
C SER D 35 18.00 -28.56 19.80
C SER D 35 18.08 -28.54 19.85
N GLY D 36 17.52 -27.39 20.23
CA GLY D 36 17.59 -26.19 19.42
C GLY D 36 18.07 -25.02 20.24
N GLU D 37 18.74 -24.09 19.55
CA GLU D 37 19.22 -22.88 20.21
C GLU D 37 19.14 -21.75 19.22
N GLY D 38 18.81 -20.57 19.72
CA GLY D 38 18.86 -19.39 18.88
C GLY D 38 18.29 -18.21 19.61
N GLU D 39 17.51 -17.38 18.91
CA GLU D 39 16.98 -16.20 19.55
C GLU D 39 15.73 -15.77 18.81
N GLY D 40 14.91 -14.99 19.50
CA GLY D 40 13.70 -14.46 18.92
C GLY D 40 13.62 -12.96 19.14
N ASP D 41 12.99 -12.27 18.19
CA ASP D 41 12.82 -10.83 18.28
C ASP D 41 11.38 -10.53 17.85
N ALA D 42 10.50 -10.33 18.84
CA ALA D 42 9.08 -10.23 18.59
C ALA D 42 8.71 -8.88 17.96
N THR D 43 9.58 -7.87 18.06
CA THR D 43 9.27 -6.60 17.41
C THR D 43 9.14 -6.78 15.91
N TYR D 44 9.84 -7.75 15.33
CA TYR D 44 9.71 -8.09 13.91
C TYR D 44 9.13 -9.48 13.69
N GLY D 45 8.71 -10.17 14.75
CA GLY D 45 8.17 -11.52 14.61
C GLY D 45 9.17 -12.55 14.13
N LYS D 46 10.44 -12.38 14.45
CA LYS D 46 11.52 -13.11 13.81
C LYS D 46 12.10 -14.16 14.75
N LEU D 47 12.27 -15.38 14.23
CA LEU D 47 12.93 -16.47 14.93
C LEU D 47 14.11 -16.97 14.11
N THR D 48 15.27 -17.11 14.74
N THR D 48 15.23 -17.21 14.79
CA THR D 48 16.43 -17.75 14.13
CA THR D 48 16.45 -17.71 14.18
C THR D 48 16.89 -18.85 15.07
C THR D 48 16.96 -18.85 15.04
N LEU D 49 16.77 -20.10 14.61
CA LEU D 49 17.10 -21.26 15.44
C LEU D 49 17.83 -22.32 14.64
N LYS D 50 18.72 -23.05 15.31
CA LYS D 50 19.32 -24.25 14.74
C LYS D 50 18.99 -25.45 15.62
N PHE D 51 18.58 -26.54 14.98
CA PHE D 51 18.16 -27.76 15.66
C PHE D 51 19.05 -28.91 15.27
N ILE D 52 19.39 -29.75 16.25
CA ILE D 52 20.24 -30.90 16.00
C ILE D 52 19.57 -32.13 16.59
N CYS D 53 19.58 -33.22 15.83
CA CYS D 53 19.17 -34.51 16.37
C CYS D 53 20.37 -35.07 17.11
N THR D 54 20.35 -34.99 18.43
CA THR D 54 21.51 -35.37 19.21
C THR D 54 21.65 -36.87 19.41
N THR D 55 20.64 -37.66 19.07
CA THR D 55 20.66 -39.11 19.22
C THR D 55 21.06 -39.85 17.95
N GLY D 56 21.29 -39.13 16.86
CA GLY D 56 21.71 -39.77 15.63
C GLY D 56 20.84 -39.34 14.48
N LYS D 57 20.39 -40.29 13.67
CA LYS D 57 19.57 -39.99 12.51
C LYS D 57 18.14 -39.70 12.95
N LEU D 58 17.56 -38.64 12.38
CA LEU D 58 16.17 -38.32 12.66
C LEU D 58 15.28 -39.28 11.89
N PRO D 59 14.35 -39.99 12.56
CA PRO D 59 13.56 -41.02 11.86
C PRO D 59 12.37 -40.47 11.10
N VAL D 60 12.13 -39.17 11.17
CA VAL D 60 11.05 -38.52 10.44
C VAL D 60 11.65 -37.33 9.70
N PRO D 61 10.97 -36.82 8.68
CA PRO D 61 11.51 -35.63 7.99
C PRO D 61 11.47 -34.41 8.89
N TRP D 62 12.56 -33.64 8.85
CA TRP D 62 12.62 -32.41 9.63
C TRP D 62 11.40 -31.52 9.45
N PRO D 63 10.88 -31.29 8.23
CA PRO D 63 9.72 -30.40 8.11
C PRO D 63 8.52 -30.81 8.94
N THR D 64 8.33 -32.11 9.18
CA THR D 64 7.19 -32.54 9.98
C THR D 64 7.29 -32.08 11.43
N LEU D 65 8.48 -31.67 11.91
CA LEU D 65 8.68 -31.23 13.28
C LEU D 65 8.68 -29.72 13.45
N VAL D 66 8.60 -28.94 12.37
CA VAL D 66 8.73 -27.49 12.49
C VAL D 66 7.70 -26.91 13.45
N THR D 67 6.42 -27.27 13.26
CA THR D 67 5.41 -26.66 14.12
C THR D 67 5.56 -27.09 15.58
N THR D 68 6.06 -28.29 15.84
CA THR D 68 6.25 -28.70 17.23
C THR D 68 7.40 -27.95 17.88
N LEU D 69 8.49 -27.78 17.18
CA LEU D 69 9.67 -27.07 17.67
C LEU D 69 9.48 -25.57 17.78
N1 CRO D 70 8.76 -24.94 16.81
CA1 CRO D 70 8.57 -23.51 16.81
CB1 CRO D 70 9.32 -22.78 15.69
CG1 CRO D 70 10.81 -23.06 15.89
OG1 CRO D 70 8.92 -23.23 14.44
C1 CRO D 70 7.09 -23.37 16.57
N2 CRO D 70 6.44 -23.06 15.36
N3 CRO D 70 6.16 -23.61 17.67
C2 CRO D 70 4.83 -23.42 17.11
O2 CRO D 70 3.83 -23.55 17.73
CA2 CRO D 70 5.04 -23.07 15.63
CA3 CRO D 70 6.43 -23.99 19.05
C3 CRO D 70 6.58 -22.81 19.99
O3 CRO D 70 6.30 -23.02 21.21
CB2 CRO D 70 4.01 -22.83 14.83
CG2 CRO D 70 4.07 -22.71 13.31
CD1 CRO D 70 2.86 -22.68 12.69
CD2 CRO D 70 5.23 -22.63 12.56
CE1 CRO D 70 2.78 -22.57 11.32
CE2 CRO D 70 5.16 -22.52 11.19
CZ CRO D 70 3.93 -22.49 10.57
OH CRO D 70 3.85 -22.37 9.19
H CRO D 70 7.99 -25.34 17.01
HA1 CRO D 70 8.81 -23.13 17.67
HB1 CRO D 70 9.16 -21.83 15.76
HG11 CRO D 70 11.01 -23.95 15.54
HG12 CRO D 70 11.33 -22.39 15.41
HG13 CRO D 70 11.02 -23.02 16.83
HOG1 CRO D 70 8.98 -22.60 13.87
HA31 CRO D 70 5.69 -24.54 19.35
HA32 CRO D 70 7.24 -24.52 19.07
HB2 CRO D 70 3.18 -22.72 15.22
HD1 CRO D 70 2.08 -22.73 13.19
HD2 CRO D 70 6.05 -22.66 12.99
HE1 CRO D 70 1.95 -22.54 10.89
HE2 CRO D 70 5.94 -22.47 10.69
HOH CRO D 70 4.37 -21.76 8.92
N VAL D 71 6.96 -21.64 19.50
CA VAL D 71 7.19 -20.57 20.45
C VAL D 71 6.50 -19.33 19.91
N GLN D 72 5.16 -19.43 19.87
CA GLN D 72 4.33 -18.41 19.24
C GLN D 72 4.27 -17.11 20.05
N CYS D 73 4.89 -17.07 21.23
CA CYS D 73 5.12 -15.82 21.94
C CYS D 73 6.05 -14.86 21.19
N PHE D 74 6.77 -15.31 20.16
CA PHE D 74 7.60 -14.42 19.35
C PHE D 74 6.88 -13.88 18.12
N SER D 75 5.59 -14.17 17.96
CA SER D 75 4.82 -13.55 16.91
C SER D 75 4.80 -12.05 17.12
N ARG D 76 4.82 -11.30 16.03
CA ARG D 76 4.65 -9.85 16.13
C ARG D 76 3.16 -9.54 16.17
N TYR D 77 2.71 -8.98 17.29
CA TYR D 77 1.36 -8.42 17.34
C TYR D 77 1.43 -6.93 17.10
N PRO D 78 0.68 -6.39 16.13
CA PRO D 78 0.70 -4.94 15.89
C PRO D 78 0.18 -4.17 17.10
N ASP D 79 0.55 -2.89 17.16
CA ASP D 79 0.17 -2.07 18.31
C ASP D 79 -1.35 -2.08 18.53
N HIS D 80 -2.14 -2.15 17.47
CA HIS D 80 -3.58 -2.12 17.68
C HIS D 80 -4.14 -3.47 18.11
N MET D 81 -3.30 -4.50 18.26
CA MET D 81 -3.77 -5.83 18.65
C MET D 81 -3.12 -6.33 19.94
N LYS D 82 -2.50 -5.45 20.72
CA LYS D 82 -1.70 -5.93 21.84
C LYS D 82 -2.56 -6.63 22.90
N GLN D 83 -3.83 -6.29 23.00
CA GLN D 83 -4.67 -6.93 23.99
C GLN D 83 -5.14 -8.31 23.57
N HIS D 84 -4.64 -8.83 22.43
CA HIS D 84 -5.06 -10.12 21.92
C HIS D 84 -3.92 -11.13 21.88
N ASP D 85 -2.80 -10.83 22.54
CA ASP D 85 -1.60 -11.68 22.52
C ASP D 85 -1.61 -12.53 23.79
N PHE D 86 -2.27 -13.70 23.71
CA PHE D 86 -2.30 -14.62 24.83
C PHE D 86 -0.91 -15.09 25.18
N PHE D 87 -0.10 -15.39 24.16
CA PHE D 87 1.17 -16.06 24.36
C PHE D 87 2.09 -15.27 25.29
N LYS D 88 2.31 -13.98 25.02
CA LYS D 88 3.19 -13.21 25.88
C LYS D 88 2.56 -12.94 27.24
N SER D 89 1.23 -12.83 27.28
CA SER D 89 0.56 -12.49 28.53
C SER D 89 0.74 -13.58 29.59
N ALA D 90 0.91 -14.83 29.16
CA ALA D 90 1.14 -15.93 30.09
C ALA D 90 2.55 -15.97 30.66
N MET D 91 3.45 -15.13 30.18
CA MET D 91 4.83 -15.13 30.61
C MET D 91 5.01 -14.26 31.86
N PRO D 92 6.01 -14.56 32.70
CA PRO D 92 7.06 -15.56 32.48
C PRO D 92 6.70 -17.00 32.88
N GLU D 93 5.60 -17.20 33.60
CA GLU D 93 5.29 -18.54 34.09
C GLU D 93 5.00 -19.50 32.96
N GLY D 94 4.44 -19.00 31.85
CA GLY D 94 4.37 -19.77 30.63
C GLY D 94 3.01 -20.40 30.38
N TYR D 95 2.99 -21.25 29.35
CA TYR D 95 1.79 -21.97 28.97
C TYR D 95 2.12 -23.39 28.56
N VAL D 96 1.12 -24.25 28.66
CA VAL D 96 1.14 -25.58 28.07
C VAL D 96 0.61 -25.49 26.65
N GLN D 97 1.30 -26.12 25.71
CA GLN D 97 0.83 -26.25 24.32
C GLN D 97 0.61 -27.73 24.01
N GLU D 98 -0.62 -28.08 23.67
CA GLU D 98 -1.01 -29.42 23.29
C GLU D 98 -1.43 -29.47 21.84
N ARG D 99 -0.99 -30.48 21.11
CA ARG D 99 -1.45 -30.67 19.75
C ARG D 99 -1.68 -32.13 19.44
N THR D 100 -2.61 -32.35 18.52
CA THR D 100 -2.64 -33.54 17.69
C THR D 100 -2.48 -33.08 16.25
N ILE D 101 -1.61 -33.77 15.53
CA ILE D 101 -1.31 -33.47 14.12
C ILE D 101 -1.67 -34.72 13.34
N PHE D 102 -2.66 -34.64 12.48
CA PHE D 102 -3.09 -35.76 11.67
C PHE D 102 -2.49 -35.65 10.28
N PHE D 103 -1.64 -36.61 9.91
CA PHE D 103 -1.08 -36.66 8.57
C PHE D 103 -2.05 -37.46 7.69
N LYS D 104 -2.59 -36.80 6.67
CA LYS D 104 -3.60 -37.41 5.83
C LYS D 104 -3.10 -38.75 5.30
N ASP D 105 -3.90 -39.79 5.49
CA ASP D 105 -3.60 -41.14 5.02
C ASP D 105 -2.36 -41.73 5.67
N ASP D 106 -2.04 -41.27 6.88
CA ASP D 106 -0.89 -41.78 7.62
C ASP D 106 -1.17 -41.63 9.11
N GLY D 107 -0.12 -41.61 9.93
CA GLY D 107 -0.26 -41.60 11.37
C GLY D 107 -0.49 -40.20 11.89
N ASN D 108 -0.39 -40.07 13.21
CA ASN D 108 -0.52 -38.78 13.85
C ASN D 108 0.56 -38.59 14.91
N TYR D 109 0.88 -37.33 15.16
CA TYR D 109 1.68 -36.89 16.29
C TYR D 109 0.77 -36.35 17.36
N LYS D 110 1.05 -36.70 18.61
CA LYS D 110 0.51 -36.02 19.78
C LYS D 110 1.66 -35.36 20.52
N THR D 111 1.54 -34.08 20.81
CA THR D 111 2.63 -33.34 21.43
C THR D 111 2.11 -32.59 22.64
N ARG D 112 2.94 -32.53 23.67
CA ARG D 112 2.65 -31.75 24.86
C ARG D 112 3.92 -31.01 25.26
N ALA D 113 3.81 -29.69 25.34
CA ALA D 113 4.96 -28.82 25.56
C ALA D 113 4.67 -27.84 26.68
N GLU D 114 5.73 -27.42 27.35
CA GLU D 114 5.70 -26.27 28.24
C GLU D 114 6.63 -25.20 27.67
N VAL D 115 6.12 -23.98 27.56
CA VAL D 115 6.86 -22.84 27.04
C VAL D 115 6.90 -21.79 28.14
N LYS D 116 8.10 -21.47 28.62
CA LYS D 116 8.22 -20.58 29.75
C LYS D 116 9.64 -20.03 29.79
N PHE D 117 9.83 -18.97 30.57
CA PHE D 117 11.16 -18.45 30.82
C PHE D 117 11.88 -19.27 31.88
N GLU D 118 13.16 -19.51 31.63
CA GLU D 118 14.08 -20.03 32.62
C GLU D 118 15.24 -19.04 32.67
N GLY D 119 15.28 -18.23 33.73
CA GLY D 119 16.18 -17.10 33.71
C GLY D 119 15.78 -16.14 32.62
N ASP D 120 16.74 -15.76 31.80
CA ASP D 120 16.51 -14.83 30.70
C ASP D 120 16.16 -15.52 29.40
N THR D 121 16.06 -16.86 29.40
CA THR D 121 15.92 -17.64 28.19
C THR D 121 14.50 -18.18 28.07
N LEU D 122 13.94 -18.08 26.87
CA LEU D 122 12.62 -18.66 26.59
C LEU D 122 12.84 -20.12 26.19
N VAL D 123 12.22 -21.03 26.95
CA VAL D 123 12.47 -22.46 26.81
C VAL D 123 11.20 -23.19 26.40
N ASN D 124 11.28 -23.96 25.31
CA ASN D 124 10.22 -24.85 24.83
C ASN D 124 10.67 -26.29 25.05
N ARG D 125 10.00 -27.00 25.96
CA ARG D 125 10.32 -28.39 26.28
C ARG D 125 9.14 -29.27 25.87
N ILE D 126 9.38 -30.22 24.97
CA ILE D 126 8.31 -30.95 24.28
C ILE D 126 8.50 -32.43 24.45
N GLU D 127 7.39 -33.14 24.64
CA GLU D 127 7.30 -34.58 24.45
C GLU D 127 6.38 -34.87 23.28
N LEU D 128 6.83 -35.73 22.36
CA LEU D 128 6.08 -36.05 21.15
C LEU D 128 5.97 -37.56 21.02
N LYS D 129 4.76 -38.02 20.71
CA LYS D 129 4.49 -39.43 20.48
C LYS D 129 3.76 -39.59 19.16
N GLY D 130 4.31 -40.41 18.28
CA GLY D 130 3.72 -40.66 16.97
C GLY D 130 3.33 -42.12 16.85
N ILE D 131 2.15 -42.38 16.28
CA ILE D 131 1.62 -43.73 16.13
C ILE D 131 0.94 -43.89 14.78
N ASP D 132 0.86 -45.14 14.33
CA ASP D 132 0.08 -45.56 13.15
C ASP D 132 0.70 -45.10 11.84
N PHE D 133 1.99 -44.77 11.80
CA PHE D 133 2.59 -44.37 10.53
C PHE D 133 2.91 -45.58 9.68
N LYS D 134 2.79 -45.39 8.37
CA LYS D 134 3.19 -46.41 7.41
C LYS D 134 4.71 -46.47 7.30
N GLU D 135 5.28 -47.66 7.48
CA GLU D 135 6.73 -47.81 7.43
C GLU D 135 7.30 -47.27 6.13
N ASP D 136 6.51 -47.26 5.06
CA ASP D 136 6.93 -46.79 3.74
C ASP D 136 6.14 -45.57 3.28
N GLY D 137 5.45 -44.89 4.19
CA GLY D 137 4.70 -43.71 3.83
C GLY D 137 5.61 -42.51 3.59
N ASN D 138 4.99 -41.35 3.43
CA ASN D 138 5.76 -40.14 3.16
C ASN D 138 6.59 -39.71 4.36
N ILE D 139 6.23 -40.13 5.57
CA ILE D 139 6.91 -39.68 6.78
C ILE D 139 8.07 -40.63 7.09
N LEU D 140 7.78 -41.89 7.44
CA LEU D 140 8.87 -42.82 7.75
C LEU D 140 9.68 -43.20 6.51
N GLY D 141 9.13 -43.02 5.31
CA GLY D 141 9.86 -43.21 4.08
C GLY D 141 10.66 -42.02 3.60
N HIS D 142 10.59 -40.88 4.29
CA HIS D 142 11.39 -39.70 3.95
C HIS D 142 11.16 -39.26 2.49
N LYS D 143 9.90 -38.97 2.16
CA LYS D 143 9.53 -38.56 0.81
C LYS D 143 9.11 -37.10 0.73
N LEU D 144 9.32 -36.33 1.79
CA LEU D 144 8.96 -34.92 1.83
C LEU D 144 10.16 -34.07 1.43
N GLU D 145 9.89 -33.03 0.66
CA GLU D 145 10.94 -32.07 0.33
C GLU D 145 11.42 -31.35 1.57
N TYR D 146 12.70 -30.95 1.55
CA TYR D 146 13.26 -30.15 2.64
C TYR D 146 13.01 -28.68 2.34
N ASN D 147 11.78 -28.24 2.59
CA ASN D 147 11.38 -26.85 2.47
C ASN D 147 10.10 -26.69 3.27
N TYR D 148 9.53 -25.48 3.23
CA TYR D 148 8.39 -25.13 4.05
C TYR D 148 7.61 -24.01 3.37
N ASN D 149 6.30 -24.06 3.49
CA ASN D 149 5.41 -23.09 2.90
C ASN D 149 4.95 -22.07 3.94
N SER D 150 4.35 -20.99 3.45
N SER D 150 4.28 -21.03 3.45
CA SER D 150 3.67 -20.03 4.32
CA SER D 150 3.66 -20.02 4.30
C SER D 150 2.29 -20.58 4.67
C SER D 150 2.24 -20.45 4.63
N HIS D 151 1.83 -20.25 5.88
CA HIS D 151 0.53 -20.70 6.34
C HIS D 151 -0.23 -19.62 7.10
N ASN D 152 -1.54 -19.83 7.22
CA ASN D 152 -2.40 -19.06 8.10
C ASN D 152 -2.74 -19.91 9.31
N VAL D 153 -2.58 -19.34 10.50
CA VAL D 153 -2.85 -20.02 11.76
C VAL D 153 -4.04 -19.30 12.40
N TYR D 154 -5.12 -20.04 12.70
CA TYR D 154 -6.34 -19.43 13.20
C TYR D 154 -6.44 -19.58 14.71
N ILE D 155 -6.69 -18.47 15.40
CA ILE D 155 -6.66 -18.42 16.86
C ILE D 155 -8.02 -17.98 17.37
N MET D 156 -8.53 -18.70 18.37
CA MET D 156 -9.84 -18.49 18.99
C MET D 156 -9.70 -18.60 20.49
N ALA D 157 -10.46 -17.79 21.24
CA ALA D 157 -10.47 -17.92 22.69
C ALA D 157 -11.18 -19.20 23.11
N ASP D 158 -10.66 -19.81 24.18
CA ASP D 158 -11.30 -20.94 24.87
C ASP D 158 -11.47 -20.51 26.33
N LYS D 159 -12.53 -19.71 26.59
CA LYS D 159 -12.67 -19.13 27.92
C LYS D 159 -12.85 -20.19 29.00
N GLN D 160 -13.48 -21.32 28.68
CA GLN D 160 -13.72 -22.36 29.69
C GLN D 160 -12.42 -22.97 30.20
N LYS D 161 -11.35 -22.94 29.40
CA LYS D 161 -10.05 -23.40 29.82
C LYS D 161 -9.09 -22.25 30.13
N ASN D 162 -9.58 -21.00 30.09
CA ASN D 162 -8.75 -19.82 30.33
C ASN D 162 -7.57 -19.80 29.36
N GLY D 163 -7.83 -20.15 28.10
CA GLY D 163 -6.78 -20.29 27.12
C GLY D 163 -7.28 -20.08 25.70
N ILE D 164 -6.61 -20.71 24.76
CA ILE D 164 -6.96 -20.56 23.35
C ILE D 164 -7.02 -21.92 22.68
N LYS D 165 -7.79 -21.95 21.59
CA LYS D 165 -7.82 -23.04 20.63
C LYS D 165 -7.22 -22.52 19.34
N VAL D 166 -6.44 -23.37 18.68
CA VAL D 166 -5.71 -22.96 17.48
C VAL D 166 -5.86 -24.08 16.45
N ASN D 167 -6.25 -23.73 15.23
CA ASN D 167 -6.41 -24.72 14.17
C ASN D 167 -5.74 -24.20 12.91
N PHE D 168 -5.12 -25.12 12.17
CA PHE D 168 -4.55 -24.79 10.88
C PHE D 168 -4.13 -26.06 10.16
N LYS D 169 -3.86 -25.90 8.87
CA LYS D 169 -3.45 -26.98 7.99
C LYS D 169 -2.06 -26.66 7.45
N ILE D 170 -1.12 -27.58 7.65
CA ILE D 170 0.21 -27.50 7.06
C ILE D 170 0.24 -28.35 5.80
N ARG D 171 0.88 -27.82 4.75
CA ARG D 171 1.04 -28.48 3.47
C ARG D 171 2.52 -28.80 3.29
N HIS D 172 2.87 -30.09 3.30
CA HIS D 172 4.26 -30.51 3.10
C HIS D 172 4.44 -30.92 1.63
N ASN D 173 5.33 -30.23 0.92
CA ASN D 173 5.61 -30.60 -0.47
C ASN D 173 6.23 -31.99 -0.53
N ILE D 174 5.75 -32.79 -1.46
CA ILE D 174 6.28 -34.12 -1.74
C ILE D 174 7.15 -34.03 -2.99
N GLU D 175 8.18 -34.88 -3.06
CA GLU D 175 9.17 -34.81 -4.12
C GLU D 175 8.59 -35.10 -5.51
N ASP D 176 7.36 -35.59 -5.60
CA ASP D 176 6.72 -35.85 -6.88
C ASP D 176 5.75 -34.74 -7.29
N GLY D 177 5.78 -33.59 -6.59
CA GLY D 177 4.93 -32.48 -6.94
C GLY D 177 3.60 -32.43 -6.22
N SER D 178 3.23 -33.47 -5.47
CA SER D 178 2.00 -33.47 -4.69
C SER D 178 2.26 -32.90 -3.29
N VAL D 179 1.22 -32.93 -2.44
CA VAL D 179 1.26 -32.31 -1.13
C VAL D 179 0.74 -33.28 -0.07
N GLN D 180 1.45 -33.35 1.05
CA GLN D 180 1.06 -34.12 2.23
C GLN D 180 0.42 -33.15 3.23
N LEU D 181 -0.87 -33.35 3.52
CA LEU D 181 -1.56 -32.50 4.48
C LEU D 181 -1.28 -32.96 5.90
N ALA D 182 -1.06 -32.00 6.79
CA ALA D 182 -0.93 -32.24 8.23
C ALA D 182 -1.90 -31.33 8.99
N ASP D 183 -2.98 -31.91 9.51
CA ASP D 183 -4.07 -31.15 10.11
C ASP D 183 -3.77 -30.96 11.60
N HIS D 184 -3.64 -29.71 12.02
CA HIS D 184 -3.22 -29.36 13.37
C HIS D 184 -4.40 -28.93 14.23
N TYR D 185 -4.53 -29.58 15.38
CA TYR D 185 -5.51 -29.23 16.40
C TYR D 185 -4.73 -28.92 17.66
N GLN D 186 -4.85 -27.69 18.14
CA GLN D 186 -3.98 -27.16 19.18
C GLN D 186 -4.77 -26.47 20.27
N GLN D 187 -4.24 -26.58 21.50
CA GLN D 187 -4.80 -25.99 22.69
C GLN D 187 -3.67 -25.44 23.54
N ASN D 188 -3.86 -24.23 24.08
CA ASN D 188 -2.85 -23.60 24.95
C ASN D 188 -3.55 -23.09 26.20
N THR D 189 -2.94 -23.37 27.36
CA THR D 189 -3.50 -22.98 28.65
C THR D 189 -2.37 -22.50 29.54
N PRO D 190 -2.62 -21.47 30.37
CA PRO D 190 -1.54 -20.95 31.21
C PRO D 190 -1.11 -21.94 32.28
N ILE D 191 0.18 -21.88 32.61
CA ILE D 191 0.72 -22.69 33.70
C ILE D 191 0.42 -22.04 35.04
N GLY D 192 0.57 -20.71 35.12
CA GLY D 192 0.36 -20.00 36.35
C GLY D 192 -1.10 -19.60 36.55
N ASP D 193 -1.34 -18.86 37.62
CA ASP D 193 -2.67 -18.42 37.98
C ASP D 193 -2.86 -16.92 37.77
N GLY D 194 -1.86 -16.21 37.26
CA GLY D 194 -1.98 -14.79 36.99
C GLY D 194 -2.82 -14.56 35.76
N PRO D 195 -3.34 -13.35 35.61
CA PRO D 195 -4.28 -13.08 34.51
C PRO D 195 -3.62 -13.19 33.15
N VAL D 196 -4.41 -13.60 32.16
CA VAL D 196 -3.96 -13.72 30.79
C VAL D 196 -4.91 -12.93 29.90
N LEU D 197 -4.48 -12.70 28.66
CA LEU D 197 -5.30 -12.04 27.65
C LEU D 197 -5.97 -13.11 26.80
N LEU D 198 -7.30 -13.09 26.74
CA LEU D 198 -8.03 -14.02 25.88
C LEU D 198 -8.49 -13.30 24.63
N PRO D 199 -8.04 -13.70 23.44
CA PRO D 199 -8.17 -12.86 22.25
C PRO D 199 -9.52 -13.00 21.57
N ASP D 200 -9.85 -11.97 20.79
CA ASP D 200 -10.85 -12.15 19.76
C ASP D 200 -10.26 -12.99 18.64
N ASN D 201 -11.13 -13.55 17.81
CA ASN D 201 -10.68 -14.40 16.70
C ASN D 201 -9.75 -13.62 15.79
N HIS D 202 -8.66 -14.26 15.39
CA HIS D 202 -7.69 -13.61 14.51
C HIS D 202 -6.81 -14.69 13.88
N TYR D 203 -5.79 -14.25 13.14
CA TYR D 203 -4.88 -15.21 12.54
C TYR D 203 -3.44 -14.76 12.67
N LEU D 204 -2.55 -15.71 12.52
CA LEU D 204 -1.14 -15.45 12.30
C LEU D 204 -0.78 -15.82 10.88
N SER D 205 0.05 -14.98 10.25
N SER D 205 0.00 -14.94 10.23
CA SER D 205 0.62 -15.25 8.94
CA SER D 205 0.63 -15.24 8.95
C SER D 205 2.08 -15.63 9.12
C SER D 205 2.05 -15.69 9.23
N THR D 206 2.43 -16.83 8.67
CA THR D 206 3.72 -17.43 8.97
C THR D 206 4.52 -17.61 7.69
N GLN D 207 5.85 -17.52 7.82
CA GLN D 207 6.71 -17.89 6.71
C GLN D 207 7.99 -18.46 7.33
N SER D 208 8.49 -19.54 6.73
CA SER D 208 9.61 -20.28 7.29
C SER D 208 10.56 -20.69 6.17
N ALA D 209 11.85 -20.58 6.44
CA ALA D 209 12.86 -21.02 5.48
C ALA D 209 13.80 -21.99 6.18
N LEU D 210 14.00 -23.14 5.56
CA LEU D 210 14.86 -24.18 6.09
C LEU D 210 16.16 -24.23 5.30
N SER D 211 17.25 -24.47 6.02
CA SER D 211 18.56 -24.52 5.39
C SER D 211 19.45 -25.42 6.23
N LYS D 212 20.70 -25.56 5.79
CA LYS D 212 21.69 -26.36 6.48
C LYS D 212 22.86 -25.48 6.91
N ASP D 213 23.51 -25.89 7.99
CA ASP D 213 24.74 -25.30 8.47
C ASP D 213 25.91 -25.94 7.74
N PRO D 214 26.74 -25.18 7.01
CA PRO D 214 27.80 -25.82 6.21
C PRO D 214 28.79 -26.60 7.04
N ASN D 215 28.97 -26.23 8.31
CA ASN D 215 29.96 -26.86 9.18
C ASN D 215 29.40 -27.91 10.11
N GLU D 216 28.11 -28.26 10.00
CA GLU D 216 27.49 -29.23 10.89
C GLU D 216 27.42 -30.60 10.23
N LYS D 217 27.97 -31.61 10.91
CA LYS D 217 27.95 -32.96 10.38
C LYS D 217 26.78 -33.80 10.90
N ARG D 218 26.17 -33.40 12.00
CA ARG D 218 25.02 -34.15 12.51
C ARG D 218 23.78 -33.80 11.71
N ASP D 219 22.74 -34.63 11.88
CA ASP D 219 21.44 -34.38 11.29
C ASP D 219 20.83 -33.14 11.95
N HIS D 220 20.43 -32.16 11.16
CA HIS D 220 20.15 -30.85 11.74
C HIS D 220 19.24 -30.07 10.79
N MET D 221 18.70 -28.97 11.31
CA MET D 221 17.88 -28.04 10.54
C MET D 221 18.17 -26.61 11.02
N VAL D 222 18.49 -25.71 10.09
CA VAL D 222 18.53 -24.29 10.40
C VAL D 222 17.23 -23.67 9.93
N LEU D 223 16.64 -22.84 10.79
CA LEU D 223 15.28 -22.34 10.59
C LEU D 223 15.29 -20.83 10.76
N LEU D 224 14.70 -20.14 9.78
CA LEU D 224 14.42 -18.73 9.88
C LEU D 224 12.92 -18.54 9.63
N GLU D 225 12.25 -17.86 10.56
CA GLU D 225 10.80 -17.79 10.56
C GLU D 225 10.35 -16.38 10.90
N PHE D 226 9.32 -15.90 10.18
CA PHE D 226 8.70 -14.62 10.45
C PHE D 226 7.21 -14.84 10.65
N VAL D 227 6.66 -14.34 11.74
CA VAL D 227 5.25 -14.50 12.05
C VAL D 227 4.65 -13.18 12.49
N THR D 228 3.53 -12.80 11.90
CA THR D 228 2.84 -11.57 12.24
C THR D 228 1.35 -11.87 12.46
N ALA D 229 0.82 -11.37 13.56
CA ALA D 229 -0.62 -11.48 13.81
C ALA D 229 -1.38 -10.43 13.03
N ALA D 230 -2.62 -10.75 12.69
CA ALA D 230 -3.45 -9.84 11.93
C ALA D 230 -4.91 -10.27 12.05
N GLY D 231 -5.80 -9.52 11.41
CA GLY D 231 -7.20 -9.89 11.34
C GLY D 231 -8.12 -9.14 12.28
N ILE D 232 -7.57 -8.36 13.20
CA ILE D 232 -8.36 -7.43 13.99
C ILE D 232 -8.07 -6.04 13.43
N THR D 233 -9.13 -5.35 13.03
CA THR D 233 -9.01 -4.11 12.27
C THR D 233 -9.41 -2.88 13.08
N LEU D 234 -10.00 -3.05 14.25
CA LEU D 234 -10.25 -1.93 15.13
C LEU D 234 -8.95 -1.23 15.47
N GLY D 235 -8.88 0.07 15.18
CA GLY D 235 -7.76 0.89 15.60
C GLY D 235 -6.60 0.97 14.64
N MET D 236 -6.80 0.66 13.35
CA MET D 236 -5.73 0.74 12.37
C MET D 236 -5.66 2.13 11.75
N GLY E 1 11.04 -12.25 0.44
CA GLY E 1 9.82 -11.87 1.14
C GLY E 1 10.09 -10.98 2.33
N PRO E 2 10.57 -11.56 3.43
CA PRO E 2 10.88 -10.73 4.61
C PRO E 2 11.89 -9.63 4.30
N GLY E 3 12.85 -9.88 3.40
CA GLY E 3 13.79 -8.83 3.02
C GLY E 3 13.09 -7.65 2.36
N SER E 4 12.11 -7.93 1.50
CA SER E 4 11.36 -6.88 0.83
C SER E 4 10.31 -6.25 1.73
N ASP E 5 9.68 -7.05 2.60
CA ASP E 5 8.71 -6.50 3.54
C ASP E 5 9.37 -5.50 4.48
N LEU E 6 10.54 -5.85 5.01
CA LEU E 6 11.29 -4.91 5.84
C LEU E 6 11.85 -3.76 5.00
N GLY E 7 12.07 -4.01 3.70
CA GLY E 7 12.52 -2.94 2.84
C GLY E 7 11.53 -1.79 2.76
N LYS E 8 10.25 -2.10 2.61
CA LYS E 8 9.23 -1.07 2.66
C LYS E 8 9.27 -0.30 3.98
N LYS E 9 9.51 -0.99 5.10
CA LYS E 9 9.67 -0.30 6.38
C LYS E 9 10.97 0.50 6.42
N LEU E 10 12.00 0.03 5.73
CA LEU E 10 13.25 0.79 5.63
C LEU E 10 13.06 2.09 4.86
N LEU E 11 12.31 2.05 3.76
CA LEU E 11 12.01 3.28 3.02
C LEU E 11 11.29 4.29 3.91
N GLU E 12 10.32 3.82 4.70
CA GLU E 12 9.60 4.71 5.60
C GLU E 12 10.53 5.24 6.70
N ALA E 13 11.38 4.39 7.26
CA ALA E 13 12.28 4.84 8.32
C ALA E 13 13.22 5.92 7.81
N ALA E 14 13.76 5.73 6.61
CA ALA E 14 14.67 6.72 6.06
C ALA E 14 13.95 8.03 5.79
N ARG E 15 12.74 7.96 5.22
CA ARG E 15 11.98 9.17 4.97
C ARG E 15 11.65 9.89 6.27
N ALA E 16 11.37 9.12 7.33
CA ALA E 16 11.00 9.69 8.62
C ALA E 16 12.20 10.11 9.46
N GLY E 17 13.41 9.84 9.00
CA GLY E 17 14.60 10.21 9.77
C GLY E 17 14.77 9.42 11.04
N GLN E 18 14.39 8.15 11.04
CA GLN E 18 14.42 7.30 12.25
C GLN E 18 15.74 6.53 12.26
N ASP E 19 16.78 7.16 12.83
CA ASP E 19 18.13 6.59 12.80
C ASP E 19 18.17 5.22 13.46
N ASP E 20 17.59 5.09 14.65
CA ASP E 20 17.64 3.82 15.37
C ASP E 20 16.90 2.73 14.58
N GLU E 21 15.76 3.09 13.97
CA GLU E 21 14.99 2.09 13.24
C GLU E 21 15.71 1.63 11.99
N VAL E 22 16.39 2.54 11.29
CA VAL E 22 17.16 2.13 10.11
C VAL E 22 18.20 1.08 10.50
N ARG E 23 18.92 1.32 11.61
CA ARG E 23 19.97 0.39 12.01
C ARG E 23 19.38 -0.98 12.34
N ILE E 24 18.30 -1.00 13.13
CA ILE E 24 17.66 -2.25 13.49
C ILE E 24 17.19 -2.98 12.24
N LEU E 25 16.57 -2.26 11.30
CA LEU E 25 16.08 -2.89 10.09
C LEU E 25 17.21 -3.48 9.25
N MET E 26 18.35 -2.80 9.17
CA MET E 26 19.48 -3.38 8.45
C MET E 26 19.99 -4.62 9.16
N ALA E 27 20.06 -4.57 10.49
CA ALA E 27 20.52 -5.71 11.26
C ALA E 27 19.62 -6.93 11.08
N ASN E 28 18.35 -6.73 10.70
CA ASN E 28 17.37 -7.81 10.55
C ASN E 28 17.14 -8.22 9.11
N GLY E 29 17.94 -7.74 8.15
CA GLY E 29 17.87 -8.20 6.79
C GLY E 29 17.09 -7.33 5.82
N ALA E 30 16.69 -6.13 6.24
CA ALA E 30 16.01 -5.22 5.33
C ALA E 30 16.81 -5.02 4.04
N ASP E 31 16.10 -5.03 2.91
CA ASP E 31 16.72 -4.82 1.60
C ASP E 31 17.16 -3.37 1.47
N VAL E 32 18.47 -3.14 1.57
CA VAL E 32 19.00 -1.79 1.63
C VAL E 32 18.67 -1.00 0.38
N ASN E 33 18.36 -1.66 -0.72
CA ASN E 33 18.09 -1.00 -1.98
C ASN E 33 16.62 -1.13 -2.40
N ALA E 34 15.72 -1.25 -1.43
CA ALA E 34 14.29 -1.22 -1.70
C ALA E 34 13.93 0.02 -2.52
N LEU E 35 12.95 -0.13 -3.41
CA LEU E 35 12.59 0.95 -4.33
C LEU E 35 11.14 1.36 -4.11
N ASP E 36 10.87 2.65 -4.20
CA ASP E 36 9.51 3.15 -4.18
C ASP E 36 9.07 3.50 -5.61
N GLU E 37 7.92 4.16 -5.74
CA GLU E 37 7.28 4.28 -7.04
C GLU E 37 8.01 5.24 -7.97
N VAL E 38 8.87 6.11 -7.45
CA VAL E 38 9.66 7.00 -8.30
C VAL E 38 11.11 6.54 -8.41
N GLY E 39 11.40 5.30 -8.00
CA GLY E 39 12.75 4.79 -8.14
C GLY E 39 13.68 5.24 -7.05
N TRP E 40 13.16 5.76 -5.94
CA TRP E 40 14.01 6.16 -4.84
C TRP E 40 14.31 4.98 -3.94
N THR E 41 15.57 4.87 -3.58
CA THR E 41 16.04 3.95 -2.54
C THR E 41 16.05 4.68 -1.21
N PRO E 42 16.26 3.97 -0.10
CA PRO E 42 16.43 4.68 1.16
C PRO E 42 17.53 5.74 1.10
N LEU E 43 18.56 5.52 0.29
CA LEU E 43 19.65 6.48 0.19
C LEU E 43 19.22 7.79 -0.47
N HIS E 44 18.36 7.72 -1.49
CA HIS E 44 17.76 8.93 -2.07
C HIS E 44 16.98 9.70 -1.01
N LEU E 45 16.14 9.00 -0.24
CA LEU E 45 15.38 9.69 0.80
C LEU E 45 16.30 10.33 1.81
N ALA E 46 17.37 9.64 2.19
CA ALA E 46 18.26 10.13 3.23
C ALA E 46 19.12 11.28 2.72
N ALA E 47 19.32 11.37 1.40
CA ALA E 47 20.21 12.38 0.85
C ALA E 47 19.71 13.80 1.10
N TRP E 48 18.47 13.97 1.55
CA TRP E 48 17.90 15.28 1.83
C TRP E 48 18.26 15.82 3.21
N GLY E 49 19.17 15.16 3.93
CA GLY E 49 19.75 15.77 5.12
C GLY E 49 19.89 14.84 6.31
N HIS E 50 19.65 13.54 6.11
CA HIS E 50 19.79 12.55 7.18
C HIS E 50 21.17 11.91 7.11
N LEU E 51 22.18 12.66 7.57
CA LEU E 51 23.57 12.24 7.38
C LEU E 51 23.86 10.90 8.04
N GLU E 52 23.43 10.71 9.28
CA GLU E 52 23.71 9.45 9.96
C GLU E 52 23.09 8.28 9.21
N ILE E 53 21.87 8.46 8.66
CA ILE E 53 21.24 7.37 7.93
C ILE E 53 21.99 7.10 6.63
N VAL E 54 22.40 8.16 5.92
CA VAL E 54 23.24 7.99 4.74
C VAL E 54 24.43 7.09 5.06
N GLU E 55 25.10 7.38 6.16
CA GLU E 55 26.29 6.60 6.56
C GLU E 55 25.93 5.14 6.87
N VAL E 56 24.87 4.93 7.64
CA VAL E 56 24.43 3.58 7.95
C VAL E 56 24.06 2.83 6.68
N LEU E 57 23.33 3.48 5.76
CA LEU E 57 22.92 2.76 4.56
C LEU E 57 24.13 2.34 3.72
N LEU E 58 25.10 3.25 3.57
CA LEU E 58 26.28 2.94 2.77
C LEU E 58 27.08 1.80 3.39
N LYS E 59 27.27 1.84 4.70
CA LYS E 59 27.98 0.76 5.39
C LYS E 59 27.27 -0.58 5.28
N ASN E 60 25.98 -0.57 4.94
CA ASN E 60 25.22 -1.81 4.83
C ASN E 60 24.91 -2.15 3.37
N GLY E 61 25.68 -1.59 2.43
CA GLY E 61 25.63 -2.05 1.05
C GLY E 61 24.76 -1.21 0.15
N ALA E 62 24.29 -0.06 0.61
CA ALA E 62 23.49 0.81 -0.26
C ALA E 62 24.21 1.09 -1.57
N ASP E 63 23.46 1.04 -2.67
CA ASP E 63 23.97 1.36 -4.00
C ASP E 63 24.13 2.87 -4.10
N VAL E 64 25.37 3.34 -4.04
CA VAL E 64 25.64 4.78 -3.97
C VAL E 64 25.27 5.49 -5.26
N ASN E 65 25.19 4.78 -6.39
CA ASN E 65 24.91 5.39 -7.69
C ASN E 65 23.53 5.03 -8.21
N ALA E 66 22.62 4.58 -7.36
CA ALA E 66 21.26 4.29 -7.80
C ALA E 66 20.64 5.55 -8.42
N ALA E 67 20.06 5.39 -9.60
CA ALA E 67 19.40 6.48 -10.31
C ALA E 67 17.88 6.29 -10.27
N ASP E 68 17.16 7.39 -10.03
CA ASP E 68 15.71 7.33 -9.94
C ASP E 68 15.09 7.41 -11.34
N ILE E 69 13.77 7.55 -11.39
CA ILE E 69 13.05 7.51 -12.66
C ILE E 69 13.40 8.71 -13.53
N ASP E 70 13.92 9.77 -12.93
CA ASP E 70 14.32 10.97 -13.66
C ASP E 70 15.81 10.99 -13.96
N GLY E 71 16.57 9.98 -13.52
CA GLY E 71 18.00 9.94 -13.71
C GLY E 71 18.83 10.45 -12.56
N TYR E 72 18.21 10.84 -11.44
CA TYR E 72 18.92 11.46 -10.33
C TYR E 72 19.49 10.41 -9.39
N THR E 73 20.78 10.54 -9.08
CA THR E 73 21.42 9.76 -8.05
C THR E 73 21.34 10.49 -6.72
N PRO E 74 21.67 9.82 -5.61
CA PRO E 74 21.68 10.53 -4.33
C PRO E 74 22.59 11.72 -4.32
N LEU E 75 23.70 11.66 -5.06
CA LEU E 75 24.61 12.81 -5.13
C LEU E 75 23.94 14.03 -5.77
N HIS E 76 23.15 13.82 -6.83
CA HIS E 76 22.34 14.91 -7.39
C HIS E 76 21.44 15.53 -6.33
N LEU E 77 20.75 14.68 -5.56
CA LEU E 77 19.81 15.21 -4.58
C LEU E 77 20.52 15.96 -3.47
N ALA E 78 21.69 15.48 -3.05
CA ALA E 78 22.44 16.15 -2.00
C ALA E 78 22.98 17.49 -2.48
N ALA E 79 23.37 17.56 -3.75
CA ALA E 79 23.82 18.83 -4.32
C ALA E 79 22.65 19.81 -4.46
N PHE E 80 21.50 19.32 -4.94
CA PHE E 80 20.31 20.16 -5.07
C PHE E 80 19.88 20.73 -3.72
N SER E 81 20.01 19.94 -2.66
CA SER E 81 19.57 20.38 -1.33
C SER E 81 20.72 20.93 -0.48
N GLY E 82 21.94 21.02 -1.03
CA GLY E 82 23.00 21.77 -0.37
C GLY E 82 23.67 21.10 0.82
N HIS E 83 23.68 19.76 0.88
CA HIS E 83 24.20 19.06 2.05
C HIS E 83 25.65 18.62 1.82
N LEU E 84 26.58 19.44 2.32
CA LEU E 84 28.01 19.24 2.05
C LEU E 84 28.51 17.92 2.63
N GLU E 85 28.17 17.63 3.88
CA GLU E 85 28.69 16.42 4.49
C GLU E 85 28.16 15.18 3.78
N ILE E 86 26.92 15.25 3.30
CA ILE E 86 26.36 14.10 2.57
C ILE E 86 27.06 13.95 1.23
N VAL E 87 27.27 15.05 0.51
CA VAL E 87 28.08 14.98 -0.71
C VAL E 87 29.41 14.30 -0.44
N GLU E 88 30.07 14.69 0.65
CA GLU E 88 31.37 14.14 0.98
C GLU E 88 31.30 12.63 1.24
N VAL E 89 30.34 12.19 2.06
CA VAL E 89 30.23 10.76 2.37
C VAL E 89 29.89 9.96 1.12
N LEU E 90 28.97 10.47 0.30
CA LEU E 90 28.65 9.76 -0.94
C LEU E 90 29.89 9.59 -1.81
N LEU E 91 30.68 10.67 -1.98
CA LEU E 91 31.88 10.55 -2.79
C LEU E 91 32.87 9.59 -2.15
N LYS E 92 32.98 9.63 -0.82
CA LYS E 92 33.92 8.74 -0.14
C LYS E 92 33.60 7.29 -0.44
N TYR E 93 32.30 6.95 -0.53
CA TYR E 93 31.84 5.60 -0.80
C TYR E 93 31.66 5.30 -2.28
N GLY E 94 32.19 6.15 -3.16
CA GLY E 94 32.28 5.81 -4.56
C GLY E 94 31.26 6.45 -5.47
N ALA E 95 30.54 7.46 -5.01
CA ALA E 95 29.53 8.07 -5.86
C ALA E 95 30.19 8.56 -7.15
N ASP E 96 29.46 8.41 -8.26
CA ASP E 96 29.90 8.88 -9.57
C ASP E 96 29.79 10.40 -9.63
N VAL E 97 30.95 11.07 -9.60
CA VAL E 97 30.98 12.52 -9.47
C VAL E 97 30.37 13.19 -10.67
N ASN E 98 30.38 12.54 -11.84
CA ASN E 98 29.91 13.12 -13.08
C ASN E 98 28.64 12.45 -13.60
N ALA E 99 27.86 11.85 -12.70
CA ALA E 99 26.65 11.15 -13.11
C ALA E 99 25.70 12.09 -13.85
N ASP E 100 25.22 11.64 -15.01
CA ASP E 100 24.24 12.39 -15.80
C ASP E 100 23.64 11.47 -16.85
N ASP E 101 22.85 10.49 -16.43
CA ASP E 101 22.22 9.56 -17.36
C ASP E 101 20.74 9.90 -17.39
N GLN E 102 20.37 10.78 -18.32
CA GLN E 102 19.01 11.30 -18.50
C GLN E 102 18.69 12.34 -17.43
N ALA E 103 19.55 12.57 -16.44
CA ALA E 103 19.29 13.62 -15.46
C ALA E 103 19.28 14.99 -16.13
N GLY E 104 20.13 15.18 -17.13
CA GLY E 104 20.29 16.48 -17.77
C GLY E 104 21.19 17.45 -17.03
N PHE E 105 21.78 17.02 -15.93
CA PHE E 105 22.68 17.82 -15.12
C PHE E 105 23.65 16.86 -14.45
N THR E 106 24.91 17.30 -14.25
CA THR E 106 25.79 16.63 -13.29
C THR E 106 25.65 17.29 -11.93
N PRO E 107 26.12 16.65 -10.87
CA PRO E 107 26.10 17.32 -9.56
C PRO E 107 26.77 18.68 -9.59
N LEU E 108 27.84 18.85 -10.37
CA LEU E 108 28.51 20.16 -10.42
C LEU E 108 27.55 21.24 -10.92
N HIS E 109 26.76 20.93 -11.95
CA HIS E 109 25.79 21.91 -12.44
C HIS E 109 24.83 22.32 -11.34
N LEU E 110 24.33 21.37 -10.57
CA LEU E 110 23.39 21.71 -9.52
C LEU E 110 24.05 22.54 -8.42
N ALA E 111 25.26 22.15 -7.98
CA ALA E 111 25.95 22.94 -6.98
C ALA E 111 26.20 24.36 -7.48
N ALA E 112 26.46 24.52 -8.78
CA ALA E 112 26.72 25.83 -9.36
C ALA E 112 25.46 26.67 -9.43
N ILE E 113 24.34 26.08 -9.89
CA ILE E 113 23.06 26.79 -9.98
C ILE E 113 22.69 27.40 -8.63
N PHE E 114 22.89 26.66 -7.54
CA PHE E 114 22.46 27.12 -6.23
C PHE E 114 23.59 27.72 -5.42
N GLY E 115 24.74 27.98 -6.06
CA GLY E 115 25.81 28.73 -5.44
C GLY E 115 26.45 28.06 -4.23
N HIS E 116 26.53 26.73 -4.22
CA HIS E 116 27.13 26.01 -3.10
C HIS E 116 28.63 25.87 -3.37
N LEU E 117 29.38 26.89 -2.95
CA LEU E 117 30.79 26.97 -3.34
C LEU E 117 31.62 25.85 -2.72
N GLU E 118 31.33 25.51 -1.47
CA GLU E 118 32.06 24.42 -0.82
C GLU E 118 31.80 23.10 -1.53
N ILE E 119 30.55 22.85 -1.92
CA ILE E 119 30.27 21.60 -2.64
C ILE E 119 30.97 21.62 -3.99
N VAL E 120 30.98 22.76 -4.67
CA VAL E 120 31.69 22.87 -5.94
C VAL E 120 33.13 22.44 -5.77
N GLU E 121 33.80 23.00 -4.76
CA GLU E 121 35.21 22.70 -4.58
C GLU E 121 35.44 21.24 -4.25
N VAL E 122 34.56 20.65 -3.43
CA VAL E 122 34.67 19.22 -3.16
C VAL E 122 34.49 18.41 -4.43
N LEU E 123 33.50 18.77 -5.25
CA LEU E 123 33.28 18.03 -6.50
C LEU E 123 34.50 18.14 -7.41
N LEU E 124 35.10 19.32 -7.50
CA LEU E 124 36.25 19.48 -8.38
C LEU E 124 37.40 18.60 -7.91
N LYS E 125 37.61 18.55 -6.60
CA LYS E 125 38.71 17.74 -6.07
C LYS E 125 38.49 16.25 -6.26
N ASN E 126 37.23 15.84 -6.45
CA ASN E 126 36.87 14.45 -6.69
C ASN E 126 36.66 14.13 -8.17
N GLY E 127 37.15 14.97 -9.07
CA GLY E 127 37.18 14.64 -10.48
C GLY E 127 36.02 15.16 -11.30
N ALA E 128 35.28 16.13 -10.79
CA ALA E 128 34.18 16.71 -11.55
C ALA E 128 34.69 17.26 -12.90
N ASP E 129 33.92 17.01 -13.94
CA ASP E 129 34.25 17.40 -15.31
C ASP E 129 33.73 18.80 -15.57
N VAL E 130 34.63 19.78 -15.66
CA VAL E 130 34.15 21.16 -15.79
C VAL E 130 33.63 21.48 -17.18
N ASN E 131 33.85 20.60 -18.15
CA ASN E 131 33.39 20.82 -19.52
C ASN E 131 32.05 20.15 -19.80
N ALA E 132 31.49 19.42 -18.85
CA ALA E 132 30.21 18.79 -19.09
C ALA E 132 29.12 19.84 -19.28
N GLN E 133 28.27 19.62 -20.27
CA GLN E 133 27.18 20.52 -20.59
C GLN E 133 25.88 19.93 -20.07
N ASP E 134 25.04 20.78 -19.48
CA ASP E 134 23.75 20.33 -19.01
C ASP E 134 22.77 20.31 -20.18
N LYS E 135 21.51 19.99 -19.88
CA LYS E 135 20.47 19.88 -20.89
C LYS E 135 20.23 21.19 -21.62
N PHE E 136 20.71 22.31 -21.07
CA PHE E 136 20.53 23.61 -21.70
C PHE E 136 21.77 24.02 -22.49
N GLY E 137 22.77 23.15 -22.56
CA GLY E 137 23.98 23.43 -23.29
C GLY E 137 25.03 24.20 -22.52
N LYS E 138 24.93 24.25 -21.19
CA LYS E 138 25.78 25.10 -20.37
C LYS E 138 26.74 24.27 -19.53
N THR E 139 27.97 24.75 -19.41
CA THR E 139 28.91 24.26 -18.40
C THR E 139 28.60 24.92 -17.07
N ALA E 140 29.19 24.38 -15.99
CA ALA E 140 29.05 25.03 -14.69
C ALA E 140 29.58 26.45 -14.73
N PHE E 141 30.65 26.67 -15.48
CA PHE E 141 31.17 28.03 -15.60
C PHE E 141 30.17 28.92 -16.30
N ASP E 142 29.58 28.44 -17.40
CA ASP E 142 28.55 29.20 -18.10
C ASP E 142 27.42 29.60 -17.14
N ILE E 143 27.00 28.66 -16.29
CA ILE E 143 25.95 28.95 -15.32
C ILE E 143 26.35 30.13 -14.44
N SER E 144 27.58 30.11 -13.93
CA SER E 144 28.02 31.14 -13.00
C SER E 144 28.16 32.50 -13.70
N ILE E 145 28.48 32.50 -14.99
CA ILE E 145 28.55 33.74 -15.75
C ILE E 145 27.15 34.28 -16.01
N ASP E 146 26.22 33.40 -16.40
CA ASP E 146 24.88 33.84 -16.74
C ASP E 146 24.10 34.32 -15.52
N ASN E 147 24.36 33.78 -14.33
N ASN E 147 24.35 33.73 -14.35
CA ASN E 147 23.65 34.22 -13.14
CA ASN E 147 23.72 34.14 -13.11
C ASN E 147 24.47 35.21 -12.31
C ASN E 147 24.34 35.42 -12.54
N GLY E 148 25.63 35.64 -12.80
CA GLY E 148 26.36 36.71 -12.17
C GLY E 148 27.00 36.35 -10.84
N ASN E 149 27.30 35.07 -10.60
CA ASN E 149 27.92 34.65 -9.35
C ASN E 149 29.43 34.78 -9.50
N GLU E 150 29.95 35.93 -9.07
CA GLU E 150 31.36 36.26 -9.29
C GLU E 150 32.28 35.32 -8.54
N ASP E 151 31.96 35.01 -7.27
CA ASP E 151 32.79 34.11 -6.50
C ASP E 151 32.85 32.73 -7.13
N LEU E 152 31.72 32.24 -7.62
CA LEU E 152 31.70 30.94 -8.30
C LEU E 152 32.46 31.00 -9.62
N ALA E 153 32.27 32.06 -10.40
CA ALA E 153 33.02 32.18 -11.65
C ALA E 153 34.51 32.21 -11.39
N GLU E 154 34.94 32.80 -10.27
CA GLU E 154 36.37 32.87 -9.98
C GLU E 154 36.96 31.49 -9.72
N ILE E 155 36.20 30.64 -9.00
CA ILE E 155 36.66 29.28 -8.77
C ILE E 155 36.80 28.53 -10.08
N LEU E 156 35.81 28.68 -10.96
CA LEU E 156 35.73 27.83 -12.14
C LEU E 156 36.53 28.38 -13.30
N GLN E 157 36.77 29.70 -13.33
CA GLN E 157 37.45 30.31 -14.46
C GLN E 157 38.85 29.73 -14.61
N LYS E 158 39.51 29.46 -13.49
CA LYS E 158 40.84 28.87 -13.47
C LYS E 158 40.90 27.55 -14.25
N LEU E 159 39.79 26.83 -14.36
CA LEU E 159 39.78 25.52 -14.99
C LEU E 159 39.26 25.58 -16.43
N ASN E 160 38.99 26.76 -16.96
CA ASN E 160 38.65 26.89 -18.39
C ASN E 160 39.89 26.66 -19.25
N GLY F 9 -3.70 32.96 6.53
CA GLY F 9 -2.99 32.35 5.41
C GLY F 9 -3.11 30.84 5.47
N GLU F 10 -2.21 30.22 6.23
CA GLU F 10 -2.26 28.78 6.42
C GLU F 10 -3.56 28.36 7.09
N GLU F 11 -4.22 29.26 7.82
CA GLU F 11 -5.44 28.91 8.55
C GLU F 11 -6.62 28.65 7.64
N LEU F 12 -6.58 29.12 6.39
CA LEU F 12 -7.68 28.90 5.45
C LEU F 12 -7.77 27.46 4.98
N PHE F 13 -6.78 26.62 5.32
CA PHE F 13 -6.71 25.25 4.83
C PHE F 13 -6.75 24.23 5.97
N THR F 14 -7.22 24.63 7.14
CA THR F 14 -7.28 23.70 8.28
C THR F 14 -8.36 22.65 8.10
N GLY F 15 -9.29 22.85 7.18
CA GLY F 15 -10.35 21.89 6.95
C GLY F 15 -10.62 21.69 5.47
N VAL F 16 -11.81 21.22 5.14
CA VAL F 16 -12.17 20.99 3.75
C VAL F 16 -12.56 22.30 3.10
N VAL F 17 -11.97 22.58 1.95
CA VAL F 17 -12.18 23.83 1.23
C VAL F 17 -12.79 23.50 -0.12
N PRO F 18 -13.91 24.11 -0.51
CA PRO F 18 -14.44 23.87 -1.86
C PRO F 18 -13.54 24.48 -2.92
N ILE F 19 -13.52 23.82 -4.08
CA ILE F 19 -12.66 24.21 -5.19
C ILE F 19 -13.51 24.41 -6.44
N LEU F 20 -13.17 25.45 -7.20
CA LEU F 20 -13.70 25.66 -8.54
C LEU F 20 -12.52 25.86 -9.47
N VAL F 21 -12.52 25.17 -10.61
CA VAL F 21 -11.49 25.33 -11.61
C VAL F 21 -12.13 25.75 -12.92
N GLU F 22 -11.51 26.71 -13.60
N GLU F 22 -11.56 26.76 -13.58
CA GLU F 22 -12.00 27.21 -14.87
CA GLU F 22 -12.02 27.16 -14.90
C GLU F 22 -10.82 27.31 -15.83
C GLU F 22 -10.82 27.28 -15.81
N LEU F 23 -10.87 26.56 -16.93
CA LEU F 23 -9.79 26.55 -17.92
C LEU F 23 -10.34 27.00 -19.26
N ASP F 24 -9.72 28.04 -19.81
CA ASP F 24 -9.95 28.50 -21.18
C ASP F 24 -8.76 28.02 -22.03
N GLY F 25 -9.04 27.17 -23.02
CA GLY F 25 -7.98 26.50 -23.76
C GLY F 25 -8.03 26.74 -25.25
N ASP F 26 -6.85 26.67 -25.87
CA ASP F 26 -6.73 26.81 -27.32
C ASP F 26 -5.44 26.11 -27.70
N VAL F 27 -5.54 24.98 -28.42
CA VAL F 27 -4.38 24.17 -28.76
C VAL F 27 -4.38 23.98 -30.28
N ASN F 28 -3.38 24.57 -30.95
CA ASN F 28 -3.34 24.59 -32.40
C ASN F 28 -4.65 25.11 -32.98
N GLY F 29 -5.22 26.13 -32.32
CA GLY F 29 -6.43 26.75 -32.78
C GLY F 29 -7.71 26.05 -32.35
N HIS F 30 -7.62 24.90 -31.70
CA HIS F 30 -8.80 24.18 -31.23
C HIS F 30 -9.18 24.72 -29.85
N LYS F 31 -10.28 25.46 -29.81
CA LYS F 31 -10.73 26.12 -28.59
C LYS F 31 -11.57 25.15 -27.75
N PHE F 32 -11.33 25.18 -26.45
CA PHE F 32 -12.14 24.38 -25.54
C PHE F 32 -12.19 25.07 -24.19
N SER F 33 -13.20 24.72 -23.41
CA SER F 33 -13.37 25.20 -22.06
C SER F 33 -13.59 24.00 -21.14
N VAL F 34 -12.92 24.01 -20.00
CA VAL F 34 -13.09 22.97 -18.99
C VAL F 34 -13.52 23.63 -17.69
N SER F 35 -14.49 23.02 -17.02
CA SER F 35 -14.90 23.43 -15.69
C SER F 35 -14.69 22.27 -14.74
N GLY F 36 -14.26 22.57 -13.51
CA GLY F 36 -14.06 21.54 -12.50
C GLY F 36 -14.59 22.00 -11.15
N GLU F 37 -15.02 21.02 -10.36
CA GLU F 37 -15.47 21.32 -9.00
C GLU F 37 -15.16 20.15 -8.08
N GLY F 38 -14.96 20.46 -6.81
CA GLY F 38 -14.71 19.46 -5.80
C GLY F 38 -14.24 20.10 -4.52
N GLU F 39 -13.28 19.47 -3.85
CA GLU F 39 -12.82 19.97 -2.56
C GLU F 39 -11.40 19.50 -2.29
N GLY F 40 -10.73 20.26 -1.44
CA GLY F 40 -9.38 19.95 -1.05
C GLY F 40 -9.28 19.91 0.46
N ASP F 41 -8.40 19.04 0.94
CA ASP F 41 -8.20 18.87 2.38
C ASP F 41 -6.69 18.81 2.58
N ALA F 42 -6.09 19.99 2.85
CA ALA F 42 -4.64 20.09 2.96
C ALA F 42 -4.09 19.32 4.14
N THR F 43 -4.91 19.05 5.17
CA THR F 43 -4.42 18.27 6.29
C THR F 43 -3.99 16.87 5.85
N TYR F 44 -4.62 16.32 4.82
CA TYR F 44 -4.22 15.05 4.24
C TYR F 44 -3.62 15.20 2.85
N GLY F 45 -3.41 16.42 2.38
CA GLY F 45 -2.92 16.64 1.02
C GLY F 45 -3.82 16.08 -0.06
N LYS F 46 -5.13 16.05 0.18
CA LYS F 46 -6.07 15.29 -0.64
C LYS F 46 -6.91 16.21 -1.51
N LEU F 47 -7.04 15.86 -2.79
CA LEU F 47 -7.93 16.53 -3.73
C LEU F 47 -8.90 15.51 -4.33
N THR F 48 -10.18 15.93 -4.46
CA THR F 48 -11.18 15.17 -5.19
C THR F 48 -11.92 16.16 -6.08
N LEU F 49 -11.83 15.96 -7.40
CA LEU F 49 -12.42 16.90 -8.36
C LEU F 49 -13.00 16.16 -9.55
N LYS F 50 -14.03 16.77 -10.16
CA LYS F 50 -14.59 16.30 -11.43
C LYS F 50 -14.51 17.44 -12.42
N PHE F 51 -13.97 17.16 -13.61
CA PHE F 51 -13.79 18.13 -14.67
C PHE F 51 -14.65 17.74 -15.86
N ILE F 52 -15.28 18.74 -16.50
CA ILE F 52 -16.09 18.51 -17.68
C ILE F 52 -15.61 19.44 -18.77
N CYS F 53 -15.45 18.91 -19.98
CA CYS F 53 -15.22 19.76 -21.13
C CYS F 53 -16.57 20.25 -21.60
N THR F 54 -16.85 21.53 -21.33
CA THR F 54 -18.20 22.04 -21.52
C THR F 54 -18.47 22.48 -22.95
N THR F 55 -17.41 22.64 -23.75
CA THR F 55 -17.59 23.01 -25.16
C THR F 55 -17.85 21.80 -26.06
N GLY F 56 -17.68 20.58 -25.55
CA GLY F 56 -17.81 19.39 -26.36
C GLY F 56 -16.69 18.39 -26.13
N LYS F 57 -16.19 17.78 -27.19
CA LYS F 57 -15.12 16.80 -27.04
C LYS F 57 -13.79 17.50 -26.75
N LEU F 58 -13.03 16.96 -25.80
CA LEU F 58 -11.73 17.55 -25.46
C LEU F 58 -10.72 17.25 -26.57
N PRO F 59 -10.09 18.26 -27.17
CA PRO F 59 -9.17 18.01 -28.28
C PRO F 59 -7.79 17.53 -27.88
N VAL F 60 -7.53 17.36 -26.58
CA VAL F 60 -6.28 16.80 -26.10
C VAL F 60 -6.62 15.72 -25.10
N PRO F 61 -5.67 14.84 -24.76
CA PRO F 61 -5.95 13.81 -23.76
C PRO F 61 -6.10 14.42 -22.37
N TRP F 62 -7.10 13.95 -21.65
CA TRP F 62 -7.31 14.42 -20.28
C TRP F 62 -6.04 14.38 -19.44
N PRO F 63 -5.22 13.33 -19.47
CA PRO F 63 -4.04 13.31 -18.60
C PRO F 63 -3.08 14.46 -18.85
N THR F 64 -3.05 15.05 -20.06
CA THR F 64 -2.12 16.16 -20.31
C THR F 64 -2.53 17.44 -19.62
N LEU F 65 -3.75 17.50 -19.06
CA LEU F 65 -4.24 18.70 -18.39
C LEU F 65 -4.21 18.61 -16.88
N VAL F 66 -3.85 17.45 -16.33
CA VAL F 66 -3.91 17.26 -14.87
C VAL F 66 -3.08 18.32 -14.16
N THR F 67 -1.83 18.52 -14.58
CA THR F 67 -0.99 19.48 -13.85
C THR F 67 -1.50 20.90 -13.99
N THR F 68 -2.13 21.25 -15.11
CA THR F 68 -2.64 22.60 -15.27
C THR F 68 -3.86 22.84 -14.39
N LEU F 69 -4.74 21.83 -14.29
CA LEU F 69 -5.98 21.89 -13.52
C LEU F 69 -5.78 21.75 -12.02
N1 CRO F 70 -4.74 20.92 -11.62
CA1 CRO F 70 -4.46 20.73 -10.21
CB1 CRO F 70 -4.92 19.37 -9.68
CG1 CRO F 70 -6.43 19.26 -9.82
OG1 CRO F 70 -4.31 18.34 -10.42
C1 CRO F 70 -2.95 20.86 -10.15
N2 CRO F 70 -1.99 19.81 -10.13
N3 CRO F 70 -2.34 22.16 -10.19
C2 CRO F 70 -0.89 21.93 -10.16
O2 CRO F 70 -0.06 22.76 -10.19
CA2 CRO F 70 -0.69 20.41 -10.12
CA3 CRO F 70 -2.97 23.46 -10.29
C3 CRO F 70 -3.13 24.20 -8.97
O3 CRO F 70 -3.20 25.46 -9.06
CB2 CRO F 70 0.51 19.85 -10.08
CG2 CRO F 70 0.80 18.35 -10.21
CD1 CRO F 70 2.11 17.96 -10.36
CD2 CRO F 70 -0.18 17.38 -10.15
CE1 CRO F 70 2.45 16.63 -10.48
CE2 CRO F 70 0.15 16.04 -10.27
CZ CRO F 70 1.48 15.65 -10.42
OH CRO F 70 1.84 14.31 -10.55
H CRO F 70 -4.87 20.13 -12.01
HA1 CRO F 70 -4.87 21.43 -9.69
HB1 CRO F 70 -4.67 19.28 -8.75
HG11 CRO F 70 -6.85 20.05 -9.45
HG12 CRO F 70 -6.74 18.48 -9.32
HG13 CRO F 70 -6.66 19.16 -10.75
HOG1 CRO F 70 -4.44 17.60 -10.04
HA31 CRO F 70 -2.44 24.00 -10.89
HA32 CRO F 70 -3.85 23.34 -10.67
HB2 CRO F 70 1.24 20.41 -9.95
HD1 CRO F 70 2.78 18.61 -10.40
HD2 CRO F 70 -1.08 17.63 -10.04
HE1 CRO F 70 3.35 16.37 -10.59
HE2 CRO F 70 -0.52 15.39 -10.23
HOH CRO F 70 1.32 13.83 -10.08
N VAL F 71 -3.46 23.25 -8.02
CA VAL F 71 -3.76 23.97 -6.79
C VAL F 71 -2.88 23.46 -5.66
N GLN F 72 -1.61 23.81 -5.75
CA GLN F 72 -0.61 23.21 -4.87
C GLN F 72 -0.66 23.76 -3.46
N CYS F 73 -1.50 24.78 -3.22
CA CYS F 73 -1.81 25.17 -1.85
C CYS F 73 -2.48 24.05 -1.05
N PHE F 74 -2.95 22.99 -1.69
CA PHE F 74 -3.53 21.86 -0.96
C PHE F 74 -2.53 20.76 -0.68
N SER F 75 -1.27 20.96 -1.04
CA SER F 75 -0.24 20.01 -0.63
C SER F 75 -0.18 19.94 0.89
N ARG F 76 0.08 18.74 1.41
CA ARG F 76 0.30 18.60 2.85
C ARG F 76 1.74 18.96 3.16
N TYR F 77 1.93 20.08 3.87
CA TYR F 77 3.26 20.44 4.36
C TYR F 77 3.36 19.99 5.80
N PRO F 78 4.25 19.04 6.13
CA PRO F 78 4.41 18.63 7.53
C PRO F 78 4.66 19.81 8.45
N ASP F 79 4.34 19.65 9.73
CA ASP F 79 4.45 20.75 10.69
C ASP F 79 5.85 21.36 10.67
N HIS F 80 6.88 20.53 10.60
CA HIS F 80 8.25 21.01 10.67
C HIS F 80 8.68 21.77 9.40
N MET F 81 7.81 21.84 8.39
CA MET F 81 8.14 22.52 7.13
C MET F 81 7.23 23.70 6.85
N LYS F 82 6.40 24.13 7.80
CA LYS F 82 5.35 25.08 7.45
C LYS F 82 5.93 26.43 7.05
N GLN F 83 7.14 26.75 7.48
CA GLN F 83 7.77 27.99 7.03
C GLN F 83 8.22 27.93 5.58
N HIS F 84 8.08 26.78 4.90
CA HIS F 84 8.49 26.62 3.52
C HIS F 84 7.30 26.47 2.56
N ASP F 85 6.10 26.79 3.03
CA ASP F 85 4.88 26.61 2.22
C ASP F 85 4.53 27.95 1.56
N PHE F 86 5.17 28.20 0.42
CA PHE F 86 4.86 29.41 -0.33
C PHE F 86 3.39 29.50 -0.69
N PHE F 87 2.80 28.38 -1.13
CA PHE F 87 1.48 28.41 -1.75
C PHE F 87 0.42 28.98 -0.82
N LYS F 88 0.40 28.52 0.43
CA LYS F 88 -0.60 29.00 1.38
C LYS F 88 -0.26 30.40 1.89
N SER F 89 1.02 30.75 1.98
CA SER F 89 1.39 32.06 2.50
C SER F 89 0.83 33.19 1.65
N ALA F 90 0.62 32.93 0.36
CA ALA F 90 0.09 33.93 -0.57
C ALA F 90 -1.42 34.11 -0.46
N MET F 91 -2.09 33.29 0.34
CA MET F 91 -3.54 33.35 0.41
C MET F 91 -3.98 34.33 1.50
N PRO F 92 -5.18 34.92 1.37
CA PRO F 92 -6.18 34.63 0.33
C PRO F 92 -5.99 35.39 -0.97
N GLU F 93 -5.18 36.46 -0.94
CA GLU F 93 -4.97 37.24 -2.15
C GLU F 93 -4.55 36.35 -3.32
N GLY F 94 -3.79 35.29 -3.03
CA GLY F 94 -3.50 34.28 -4.03
C GLY F 94 -2.18 34.51 -4.71
N TYR F 95 -1.95 33.70 -5.75
CA TYR F 95 -0.71 33.75 -6.50
C TYR F 95 -0.99 33.49 -7.97
N VAL F 96 -0.10 33.99 -8.81
CA VAL F 96 -0.10 33.69 -10.23
C VAL F 96 0.76 32.45 -10.45
N GLN F 97 0.28 31.51 -11.24
CA GLN F 97 1.05 30.33 -11.59
C GLN F 97 1.22 30.29 -13.10
N GLU F 98 2.46 30.33 -13.55
CA GLU F 98 2.80 30.35 -14.97
C GLU F 98 3.60 29.10 -15.30
N ARG F 99 3.30 28.50 -16.43
CA ARG F 99 4.04 27.32 -16.84
C ARG F 99 4.27 27.33 -18.34
N THR F 100 5.39 26.74 -18.73
CA THR F 100 5.57 26.19 -20.07
C THR F 100 5.80 24.70 -19.90
N ILE F 101 5.03 23.91 -20.65
CA ILE F 101 5.11 22.46 -20.64
C ILE F 101 5.56 22.01 -22.03
N PHE F 102 6.74 21.40 -22.10
CA PHE F 102 7.30 20.95 -23.37
C PHE F 102 7.05 19.45 -23.52
N PHE F 103 6.20 19.09 -24.48
CA PHE F 103 6.01 17.68 -24.81
C PHE F 103 7.10 17.27 -25.79
N LYS F 104 7.92 16.30 -25.40
CA LYS F 104 9.04 15.88 -26.23
C LYS F 104 8.56 15.45 -27.60
N ASP F 105 9.20 15.97 -28.65
CA ASP F 105 8.87 15.65 -30.03
C ASP F 105 7.51 16.20 -30.45
N ASP F 106 6.98 17.17 -29.72
CA ASP F 106 5.66 17.72 -30.02
C ASP F 106 5.62 19.15 -29.51
N GLY F 107 4.42 19.71 -29.42
CA GLY F 107 4.24 21.11 -29.11
C GLY F 107 4.40 21.39 -27.62
N ASN F 108 3.95 22.58 -27.24
CA ASN F 108 4.05 23.02 -25.85
C ASN F 108 2.78 23.72 -25.43
N TYR F 109 2.48 23.63 -24.14
CA TYR F 109 1.42 24.40 -23.51
C TYR F 109 2.07 25.57 -22.77
N LYS F 110 1.47 26.74 -22.87
CA LYS F 110 1.81 27.86 -22.01
C LYS F 110 0.58 28.25 -21.22
N THR F 111 0.71 28.31 -19.91
CA THR F 111 -0.45 28.52 -19.06
C THR F 111 -0.17 29.68 -18.11
N ARG F 112 -1.22 30.45 -17.83
CA ARG F 112 -1.19 31.43 -16.76
C ARG F 112 -2.46 31.27 -15.95
N ALA F 113 -2.31 31.09 -14.65
CA ALA F 113 -3.45 30.92 -13.78
C ALA F 113 -3.36 31.89 -12.61
N GLU F 114 -4.53 32.27 -12.11
CA GLU F 114 -4.65 32.90 -10.80
C GLU F 114 -5.31 31.92 -9.86
N VAL F 115 -4.67 31.67 -8.73
CA VAL F 115 -5.18 30.79 -7.68
C VAL F 115 -5.44 31.67 -6.48
N LYS F 116 -6.71 31.83 -6.10
CA LYS F 116 -7.04 32.72 -5.00
C LYS F 116 -8.40 32.33 -4.44
N PHE F 117 -8.69 32.85 -3.25
CA PHE F 117 -9.97 32.63 -2.61
C PHE F 117 -10.99 33.65 -3.12
N GLU F 118 -12.16 33.16 -3.49
CA GLU F 118 -13.32 33.98 -3.79
C GLU F 118 -14.42 33.52 -2.82
N GLY F 119 -14.65 34.30 -1.78
CA GLY F 119 -15.50 33.83 -0.70
C GLY F 119 -14.81 32.68 0.02
N ASP F 120 -15.54 31.58 0.19
CA ASP F 120 -15.00 30.39 0.83
C ASP F 120 -14.43 29.39 -0.17
N THR F 121 -14.35 29.76 -1.45
CA THR F 121 -13.98 28.83 -2.51
C THR F 121 -12.61 29.17 -3.05
N LEU F 122 -11.72 28.18 -3.07
CA LEU F 122 -10.42 28.32 -3.72
C LEU F 122 -10.61 28.14 -5.21
N VAL F 123 -10.30 29.18 -5.98
CA VAL F 123 -10.56 29.19 -7.41
C VAL F 123 -9.25 29.16 -8.17
N ASN F 124 -9.17 28.28 -9.17
CA ASN F 124 -8.05 28.22 -10.10
C ASN F 124 -8.60 28.59 -11.48
N ARG F 125 -8.29 29.79 -11.95
CA ARG F 125 -8.72 30.27 -13.26
C ARG F 125 -7.53 30.28 -14.20
N ILE F 126 -7.59 29.49 -15.27
CA ILE F 126 -6.45 29.27 -16.13
C ILE F 126 -6.77 29.72 -17.55
N GLU F 127 -5.78 30.32 -18.21
CA GLU F 127 -5.75 30.42 -19.65
C GLU F 127 -4.62 29.53 -20.16
N LEU F 128 -4.92 28.71 -21.15
CA LEU F 128 -3.92 27.82 -21.73
C LEU F 128 -3.88 28.02 -23.23
N LYS F 129 -2.66 28.20 -23.74
CA LYS F 129 -2.41 28.26 -25.18
C LYS F 129 -1.42 27.16 -25.54
N GLY F 130 -1.82 26.30 -26.45
CA GLY F 130 -0.94 25.27 -26.99
C GLY F 130 -0.62 25.58 -28.44
N ILE F 131 0.64 25.39 -28.82
CA ILE F 131 1.07 25.64 -30.19
C ILE F 131 2.11 24.59 -30.57
N ASP F 132 2.27 24.42 -31.89
CA ASP F 132 3.31 23.59 -32.50
C ASP F 132 3.05 22.10 -32.35
N PHE F 133 1.81 21.69 -32.13
CA PHE F 133 1.51 20.28 -31.92
C PHE F 133 1.29 19.57 -33.25
N LYS F 134 1.69 18.29 -33.27
CA LYS F 134 1.48 17.45 -34.43
C LYS F 134 0.05 16.91 -34.42
N GLU F 135 -0.65 17.07 -35.55
CA GLU F 135 -2.01 16.56 -35.63
C GLU F 135 -2.04 15.04 -35.50
N ASP F 136 -0.98 14.36 -35.92
CA ASP F 136 -0.87 12.91 -35.77
C ASP F 136 -0.15 12.50 -34.51
N GLY F 137 0.37 13.45 -33.74
CA GLY F 137 1.13 13.13 -32.56
C GLY F 137 0.28 12.51 -31.46
N ASN F 138 0.94 12.26 -30.33
CA ASN F 138 0.31 11.57 -29.22
C ASN F 138 -0.73 12.44 -28.49
N ILE F 139 -0.63 13.75 -28.59
CA ILE F 139 -1.56 14.66 -27.92
C ILE F 139 -2.80 14.84 -28.80
N LEU F 140 -2.67 15.59 -29.90
CA LEU F 140 -3.83 15.80 -30.76
C LEU F 140 -4.35 14.50 -31.37
N GLY F 141 -3.52 13.45 -31.41
CA GLY F 141 -3.94 12.14 -31.88
C GLY F 141 -4.48 11.21 -30.83
N HIS F 142 -4.55 11.63 -29.57
CA HIS F 142 -5.20 10.86 -28.50
C HIS F 142 -4.61 9.45 -28.38
N LYS F 143 -3.31 9.38 -28.12
CA LYS F 143 -2.62 8.10 -28.00
C LYS F 143 -2.11 7.84 -26.59
N LEU F 144 -2.57 8.59 -25.59
CA LEU F 144 -2.12 8.43 -24.23
C LEU F 144 -3.13 7.61 -23.43
N GLU F 145 -2.62 6.70 -22.61
CA GLU F 145 -3.47 5.92 -21.74
C GLU F 145 -4.13 6.81 -20.70
N TYR F 146 -5.30 6.38 -20.24
CA TYR F 146 -6.07 7.09 -19.21
C TYR F 146 -5.64 6.58 -17.84
N ASN F 147 -4.50 7.07 -17.38
CA ASN F 147 -3.98 6.76 -16.06
C ASN F 147 -2.94 7.81 -15.71
N TYR F 148 -2.35 7.70 -14.53
CA TYR F 148 -1.42 8.73 -14.07
C TYR F 148 -0.39 8.11 -13.14
N ASN F 149 0.82 8.65 -13.18
CA ASN F 149 1.93 8.15 -12.39
C ASN F 149 2.20 9.05 -11.19
N SER F 150 3.04 8.53 -10.28
N SER F 150 3.01 8.52 -10.27
CA SER F 150 3.55 9.31 -9.16
CA SER F 150 3.57 9.30 -9.17
C SER F 150 4.79 10.07 -9.60
C SER F 150 4.77 10.09 -9.64
N HIS F 151 4.93 11.30 -9.10
CA HIS F 151 6.00 12.18 -9.53
C HIS F 151 6.63 12.90 -8.35
N ASN F 152 7.83 13.40 -8.60
CA ASN F 152 8.52 14.31 -7.70
C ASN F 152 8.50 15.69 -8.32
N VAL F 153 8.10 16.69 -7.52
CA VAL F 153 8.00 18.07 -7.95
C VAL F 153 9.06 18.85 -7.17
N TYR F 154 9.97 19.51 -7.88
CA TYR F 154 11.09 20.18 -7.22
C TYR F 154 10.85 21.68 -7.11
N ILE F 155 11.02 22.20 -5.90
CA ILE F 155 10.65 23.58 -5.58
C ILE F 155 11.88 24.34 -5.12
N MET F 156 12.08 25.53 -5.68
N MET F 156 12.06 25.53 -5.69
CA MET F 156 13.21 26.37 -5.31
CA MET F 156 13.19 26.40 -5.45
C MET F 156 12.79 27.83 -5.32
C MET F 156 12.68 27.82 -5.25
N ALA F 157 13.39 28.60 -4.43
CA ALA F 157 13.03 30.00 -4.25
C ALA F 157 13.52 30.84 -5.41
N ASP F 158 12.74 31.87 -5.75
CA ASP F 158 13.05 32.85 -6.79
C ASP F 158 12.96 34.24 -6.14
N LYS F 159 14.01 34.62 -5.41
CA LYS F 159 13.93 35.82 -4.58
C LYS F 159 13.74 37.08 -5.41
N GLN F 160 14.32 37.13 -6.62
CA GLN F 160 14.17 38.31 -7.46
C GLN F 160 12.71 38.61 -7.74
N LYS F 161 11.91 37.58 -8.01
CA LYS F 161 10.49 37.74 -8.27
C LYS F 161 9.63 37.60 -7.02
N ASN F 162 10.26 37.42 -5.86
CA ASN F 162 9.53 37.21 -4.61
C ASN F 162 8.59 36.01 -4.69
N GLY F 163 9.07 34.93 -5.31
CA GLY F 163 8.25 33.74 -5.50
C GLY F 163 9.09 32.49 -5.56
N ILE F 164 8.62 31.53 -6.35
CA ILE F 164 9.28 30.23 -6.47
C ILE F 164 9.37 29.85 -7.94
N LYS F 165 10.34 28.99 -8.22
CA LYS F 165 10.48 28.27 -9.46
C LYS F 165 10.26 26.79 -9.17
N VAL F 166 9.61 26.12 -10.08
CA VAL F 166 9.23 24.72 -9.89
C VAL F 166 9.55 23.99 -11.19
N ASN F 167 10.19 22.83 -11.07
N ASN F 167 10.13 22.81 -11.06
CA ASN F 167 10.57 22.00 -12.20
CA ASN F 167 10.50 22.02 -12.22
C ASN F 167 10.16 20.56 -11.90
C ASN F 167 10.26 20.55 -11.94
N PHE F 168 9.69 19.85 -12.92
CA PHE F 168 9.47 18.42 -12.81
C PHE F 168 9.17 17.87 -14.18
N LYS F 169 9.31 16.56 -14.30
CA LYS F 169 9.03 15.82 -15.52
C LYS F 169 7.83 14.91 -15.29
N ILE F 170 6.81 15.03 -16.13
CA ILE F 170 5.65 14.14 -16.13
C ILE F 170 5.87 13.07 -17.19
N ARG F 171 5.55 11.82 -16.85
CA ARG F 171 5.65 10.68 -17.74
C ARG F 171 4.24 10.19 -18.05
N HIS F 172 3.79 10.41 -19.30
CA HIS F 172 2.48 9.94 -19.76
C HIS F 172 2.66 8.60 -20.48
N ASN F 173 2.09 7.54 -19.93
CA ASN F 173 2.12 6.25 -20.61
C ASN F 173 1.41 6.35 -21.96
N ILE F 174 2.04 5.77 -22.99
CA ILE F 174 1.48 5.73 -24.34
C ILE F 174 0.90 4.34 -24.58
N GLU F 175 -0.08 4.27 -25.48
CA GLU F 175 -0.81 3.03 -25.72
C GLU F 175 0.06 1.95 -26.37
N ASP F 176 1.18 2.32 -26.99
CA ASP F 176 2.07 1.32 -27.56
C ASP F 176 2.99 0.68 -26.53
N GLY F 177 3.11 1.29 -25.35
CA GLY F 177 3.98 0.80 -24.30
C GLY F 177 5.09 1.77 -23.88
N SER F 178 5.36 2.80 -24.68
CA SER F 178 6.41 3.76 -24.36
C SER F 178 5.83 4.88 -23.51
N VAL F 179 6.57 5.98 -23.39
CA VAL F 179 6.21 7.09 -22.51
C VAL F 179 6.39 8.40 -23.26
N GLN F 180 5.48 9.35 -23.01
CA GLN F 180 5.55 10.70 -23.54
C GLN F 180 5.98 11.62 -22.40
N LEU F 181 7.16 12.21 -22.52
CA LEU F 181 7.64 13.15 -21.52
C LEU F 181 6.98 14.51 -21.68
N ALA F 182 6.59 15.11 -20.56
CA ALA F 182 6.09 16.48 -20.51
C ALA F 182 6.95 17.23 -19.50
N ASP F 183 7.87 18.05 -19.99
CA ASP F 183 8.83 18.75 -19.15
C ASP F 183 8.22 20.07 -18.69
N HIS F 184 8.05 20.23 -17.39
CA HIS F 184 7.29 21.32 -16.78
C HIS F 184 8.24 22.36 -16.21
N TYR F 185 8.13 23.60 -16.68
CA TYR F 185 8.82 24.76 -16.16
C TYR F 185 7.80 25.73 -15.61
N GLN F 186 7.91 26.06 -14.32
CA GLN F 186 6.85 26.70 -13.58
C GLN F 186 7.40 27.82 -12.72
N GLN F 187 6.68 28.93 -12.66
CA GLN F 187 6.99 30.02 -11.73
C GLN F 187 5.71 30.48 -11.07
N ASN F 188 5.82 30.86 -9.79
CA ASN F 188 4.68 31.36 -9.03
C ASN F 188 5.11 32.65 -8.36
N THR F 189 4.25 33.67 -8.47
CA THR F 189 4.52 34.96 -7.89
C THR F 189 3.25 35.45 -7.20
N PRO F 190 3.36 36.11 -6.06
CA PRO F 190 2.14 36.49 -5.32
C PRO F 190 1.37 37.57 -6.04
N ILE F 191 0.05 37.55 -5.85
CA ILE F 191 -0.82 38.59 -6.41
C ILE F 191 -0.76 39.84 -5.56
N GLY F 192 -0.91 39.69 -4.25
CA GLY F 192 -0.89 40.82 -3.34
C GLY F 192 0.51 41.33 -3.09
N ASP F 193 0.59 42.37 -2.28
CA ASP F 193 1.85 42.96 -1.86
C ASP F 193 2.28 42.48 -0.48
N GLY F 194 1.40 41.79 0.25
CA GLY F 194 1.74 41.29 1.56
C GLY F 194 2.93 40.36 1.54
N PRO F 195 3.35 39.89 2.70
CA PRO F 195 4.50 38.99 2.77
C PRO F 195 4.14 37.57 2.39
N VAL F 196 5.15 36.84 1.94
CA VAL F 196 5.02 35.42 1.60
C VAL F 196 6.24 34.69 2.12
N LEU F 197 6.17 33.37 2.10
CA LEU F 197 7.26 32.50 2.55
C LEU F 197 8.06 32.05 1.33
N LEU F 198 9.36 32.33 1.34
CA LEU F 198 10.23 31.85 0.29
C LEU F 198 10.97 30.62 0.79
N PRO F 199 10.71 29.43 0.24
CA PRO F 199 11.22 28.20 0.84
C PRO F 199 12.68 27.92 0.48
N ASP F 200 13.29 27.06 1.31
CA ASP F 200 14.48 26.35 0.86
C ASP F 200 14.08 25.23 -0.11
N ASN F 201 15.05 24.81 -0.90
CA ASN F 201 14.83 23.75 -1.88
C ASN F 201 14.22 22.52 -1.23
N HIS F 202 13.15 22.01 -1.83
CA HIS F 202 12.51 20.80 -1.32
C HIS F 202 11.72 20.16 -2.45
N TYR F 203 10.91 19.16 -2.14
CA TYR F 203 10.15 18.46 -3.17
C TYR F 203 8.76 18.16 -2.67
N LEU F 204 7.86 17.93 -3.62
CA LEU F 204 6.57 17.33 -3.35
C LEU F 204 6.53 15.94 -3.97
N SER F 205 5.87 15.02 -3.28
N SER F 205 5.95 15.00 -3.25
CA SER F 205 5.63 13.66 -3.78
CA SER F 205 5.62 13.69 -3.78
C SER F 205 4.14 13.53 -4.07
C SER F 205 4.14 13.69 -4.13
N THR F 206 3.81 13.23 -5.33
CA THR F 206 2.43 13.24 -5.81
C THR F 206 1.97 11.84 -6.16
N GLN F 207 0.65 11.64 -6.09
CA GLN F 207 0.02 10.41 -6.50
C GLN F 207 -1.38 10.77 -6.97
N SER F 208 -1.80 10.20 -8.10
CA SER F 208 -3.05 10.59 -8.74
C SER F 208 -3.72 9.37 -9.37
N ALA F 209 -5.05 9.41 -9.40
CA ALA F 209 -5.84 8.41 -10.09
C ALA F 209 -6.94 9.09 -10.88
N LEU F 210 -7.15 8.60 -12.10
CA LEU F 210 -8.14 9.14 -13.02
C LEU F 210 -9.25 8.12 -13.21
N SER F 211 -10.49 8.59 -13.20
CA SER F 211 -11.63 7.69 -13.37
C SER F 211 -12.72 8.43 -14.14
N LYS F 212 -13.85 7.74 -14.32
CA LYS F 212 -15.00 8.29 -15.02
C LYS F 212 -16.21 8.19 -14.12
N ASP F 213 -17.14 9.10 -14.35
CA ASP F 213 -18.46 9.06 -13.76
C ASP F 213 -19.37 8.23 -14.66
N PRO F 214 -19.90 7.10 -14.21
CA PRO F 214 -20.66 6.23 -15.12
C PRO F 214 -21.94 6.86 -15.64
N ASN F 215 -22.42 7.91 -15.01
CA ASN F 215 -23.64 8.59 -15.43
C ASN F 215 -23.38 9.86 -16.24
N GLU F 216 -22.13 10.22 -16.45
CA GLU F 216 -21.79 11.46 -17.15
C GLU F 216 -21.57 11.15 -18.62
N LYS F 217 -22.37 11.75 -19.50
CA LYS F 217 -22.19 11.52 -20.92
C LYS F 217 -21.28 12.54 -21.59
N ARG F 218 -21.08 13.70 -20.99
CA ARG F 218 -20.11 14.66 -21.52
C ARG F 218 -18.68 14.17 -21.29
N ASP F 219 -17.77 14.66 -22.12
CA ASP F 219 -16.34 14.35 -21.96
C ASP F 219 -15.84 14.90 -20.63
N HIS F 220 -15.22 14.05 -19.81
CA HIS F 220 -15.00 14.46 -18.43
C HIS F 220 -13.91 13.61 -17.79
N MET F 221 -13.48 14.04 -16.61
CA MET F 221 -12.44 13.34 -15.85
C MET F 221 -12.71 13.50 -14.36
N VAL F 222 -12.63 12.40 -13.62
CA VAL F 222 -12.73 12.41 -12.17
C VAL F 222 -11.32 12.17 -11.65
N LEU F 223 -10.92 12.96 -10.67
N LEU F 223 -10.95 12.93 -10.63
CA LEU F 223 -9.54 12.97 -10.21
CA LEU F 223 -9.57 12.99 -10.18
C LEU F 223 -9.48 12.83 -8.69
C LEU F 223 -9.51 12.79 -8.67
N LEU F 224 -8.61 11.91 -8.23
CA LEU F 224 -8.25 11.73 -6.83
C LEU F 224 -6.74 11.88 -6.75
N GLU F 225 -6.27 12.77 -5.88
CA GLU F 225 -4.84 13.12 -5.84
C GLU F 225 -4.38 13.35 -4.41
N PHE F 226 -3.19 12.87 -4.08
CA PHE F 226 -2.53 13.11 -2.80
C PHE F 226 -1.15 13.70 -3.03
N VAL F 227 -0.83 14.78 -2.32
CA VAL F 227 0.48 15.43 -2.43
C VAL F 227 1.00 15.76 -1.04
N THR F 228 2.26 15.39 -0.77
CA THR F 228 2.92 15.69 0.49
C THR F 228 4.29 16.29 0.19
N ALA F 229 4.60 17.40 0.87
CA ALA F 229 5.92 18.01 0.80
C ALA F 229 6.91 17.28 1.69
N ALA F 230 8.18 17.34 1.32
CA ALA F 230 9.23 16.70 2.11
C ALA F 230 10.58 17.22 1.64
N GLY F 231 11.65 16.70 2.25
CA GLY F 231 12.99 17.01 1.83
C GLY F 231 13.71 18.01 2.70
N ILE F 232 13.02 18.62 3.65
CA ILE F 232 13.65 19.46 4.65
C ILE F 232 13.55 18.71 5.97
N THR F 233 14.72 18.44 6.57
CA THR F 233 14.80 17.52 7.69
C THR F 233 14.97 18.20 9.04
N LEU F 234 15.19 19.52 9.06
CA LEU F 234 15.38 20.24 10.31
C LEU F 234 14.21 20.03 11.26
N GLY G 1 23.51 56.72 -65.87
CA GLY G 1 24.58 57.30 -65.08
C GLY G 1 24.10 58.37 -64.11
N PRO G 2 23.50 59.44 -64.64
CA PRO G 2 23.05 60.52 -63.75
C PRO G 2 22.15 60.06 -62.61
N GLY G 3 21.21 59.15 -62.86
CA GLY G 3 20.31 58.71 -61.81
C GLY G 3 21.04 58.03 -60.66
N SER G 4 22.03 57.20 -60.98
CA SER G 4 22.78 56.54 -59.91
C SER G 4 23.78 57.48 -59.27
N ASP G 5 24.41 58.35 -60.06
CA ASP G 5 25.31 59.36 -59.49
C ASP G 5 24.58 60.23 -58.47
N LEU G 6 23.41 60.76 -58.86
CA LEU G 6 22.63 61.55 -57.93
C LEU G 6 22.07 60.68 -56.81
N GLY G 7 21.87 59.39 -57.09
CA GLY G 7 21.42 58.49 -56.03
C GLY G 7 22.42 58.39 -54.89
N LYS G 8 23.71 58.38 -55.21
CA LYS G 8 24.70 58.38 -54.13
C LYS G 8 24.65 59.67 -53.31
N LYS G 9 24.43 60.82 -53.97
CA LYS G 9 24.22 62.06 -53.22
C LYS G 9 22.94 62.00 -52.40
N LEU G 10 21.93 61.28 -52.88
CA LEU G 10 20.67 61.16 -52.15
C LEU G 10 20.86 60.34 -50.86
N LEU G 11 21.62 59.24 -50.93
CA LEU G 11 21.92 58.49 -49.71
C LEU G 11 22.59 59.37 -48.67
N GLU G 12 23.60 60.14 -49.11
CA GLU G 12 24.27 61.04 -48.17
C GLU G 12 23.32 62.08 -47.61
N ALA G 13 22.43 62.62 -48.45
CA ALA G 13 21.56 63.69 -47.99
C ALA G 13 20.54 63.16 -46.98
N ALA G 14 20.05 61.95 -47.22
CA ALA G 14 19.14 61.30 -46.29
C ALA G 14 19.84 61.01 -44.96
N ARG G 15 21.05 60.44 -45.04
CA ARG G 15 21.83 60.19 -43.83
C ARG G 15 22.10 61.49 -43.08
N ALA G 16 22.37 62.57 -43.82
CA ALA G 16 22.65 63.86 -43.19
C ALA G 16 21.40 64.62 -42.80
N GLY G 17 20.22 64.08 -43.06
CA GLY G 17 18.98 64.76 -42.69
C GLY G 17 18.80 66.09 -43.38
N GLN G 18 19.24 66.19 -44.64
CA GLN G 18 19.15 67.45 -45.39
C GLN G 18 17.87 67.47 -46.21
N ASP G 19 16.80 68.01 -45.60
CA ASP G 19 15.46 67.97 -46.20
C ASP G 19 15.44 68.61 -47.58
N ASP G 20 15.91 69.85 -47.67
CA ASP G 20 15.85 70.58 -48.94
C ASP G 20 16.66 69.88 -50.02
N GLU G 21 17.83 69.34 -49.66
CA GLU G 21 18.67 68.66 -50.63
C GLU G 21 18.02 67.38 -51.14
N VAL G 22 17.37 66.61 -50.26
CA VAL G 22 16.60 65.44 -50.72
C VAL G 22 15.55 65.87 -51.74
N ARG G 23 14.82 66.94 -51.43
CA ARG G 23 13.78 67.41 -52.36
C ARG G 23 14.38 67.78 -53.70
N ILE G 24 15.48 68.55 -53.69
CA ILE G 24 16.07 68.99 -54.95
C ILE G 24 16.62 67.81 -55.72
N LEU G 25 17.26 66.86 -55.03
CA LEU G 25 17.79 65.69 -55.70
C LEU G 25 16.68 64.87 -56.36
N MET G 26 15.53 64.75 -55.70
CA MET G 26 14.43 64.01 -56.32
C MET G 26 13.91 64.76 -57.54
N ALA G 27 13.78 66.08 -57.44
CA ALA G 27 13.31 66.87 -58.57
C ALA G 27 14.24 66.77 -59.77
N ASN G 28 15.49 66.37 -59.55
CA ASN G 28 16.52 66.31 -60.59
C ASN G 28 16.84 64.89 -61.05
N GLY G 29 16.09 63.89 -60.60
CA GLY G 29 16.16 62.57 -61.18
C GLY G 29 16.97 61.55 -60.40
N ALA G 30 17.33 61.84 -59.16
CA ALA G 30 18.06 60.89 -58.33
C ALA G 30 17.30 59.57 -58.21
N ASP G 31 18.05 58.46 -58.21
CA ASP G 31 17.46 57.14 -58.03
C ASP G 31 16.99 57.00 -56.58
N VAL G 32 15.67 57.01 -56.39
CA VAL G 32 15.11 57.03 -55.05
C VAL G 32 15.44 55.77 -54.27
N ASN G 33 15.73 54.68 -54.95
CA ASN G 33 16.01 53.41 -54.28
C ASN G 33 17.48 53.02 -54.40
N ALA G 34 18.36 54.02 -54.53
CA ALA G 34 19.80 53.79 -54.47
C ALA G 34 20.18 53.01 -53.22
N LEU G 35 21.21 52.18 -53.34
CA LEU G 35 21.61 51.25 -52.28
C LEU G 35 23.03 51.54 -51.84
N ASP G 36 23.28 51.41 -50.52
CA ASP G 36 24.64 51.42 -50.01
C ASP G 36 25.12 49.99 -49.75
N GLU G 37 26.26 49.84 -49.08
CA GLU G 37 26.92 48.55 -49.02
C GLU G 37 26.18 47.54 -48.12
N VAL G 38 25.29 47.98 -47.24
CA VAL G 38 24.50 47.06 -46.42
C VAL G 38 23.08 46.93 -46.93
N GLY G 39 22.82 47.40 -48.15
CA GLY G 39 21.52 47.30 -48.74
C GLY G 39 20.53 48.32 -48.23
N TRP G 40 21.02 49.42 -47.66
CA TRP G 40 20.11 50.46 -47.21
C TRP G 40 19.79 51.40 -48.35
N THR G 41 18.52 51.74 -48.45
CA THR G 41 18.02 52.79 -49.33
C THR G 41 17.96 54.09 -48.56
N PRO G 42 17.75 55.22 -49.26
CA PRO G 42 17.52 56.47 -48.53
C PRO G 42 16.41 56.33 -47.49
N LEU G 43 15.39 55.52 -47.77
CA LEU G 43 14.27 55.39 -46.84
C LEU G 43 14.69 54.67 -45.56
N HIS G 44 15.59 53.68 -45.68
CA HIS G 44 16.16 53.07 -44.47
C HIS G 44 16.87 54.11 -43.63
N LEU G 45 17.74 54.92 -44.25
CA LEU G 45 18.44 55.95 -43.50
C LEU G 45 17.47 56.92 -42.84
N ALA G 46 16.42 57.30 -43.56
CA ALA G 46 15.49 58.31 -43.09
C ALA G 46 14.61 57.78 -41.97
N ALA G 47 14.46 56.45 -41.88
CA ALA G 47 13.59 55.84 -40.91
C ALA G 47 14.02 56.09 -39.47
N TRP G 48 15.27 56.53 -39.26
CA TRP G 48 15.80 56.78 -37.92
C TRP G 48 15.38 58.11 -37.34
N GLY G 49 14.41 58.80 -37.94
CA GLY G 49 13.87 60.00 -37.34
C GLY G 49 13.69 61.18 -38.27
N HIS G 50 13.94 61.00 -39.56
CA HIS G 50 13.83 62.11 -40.53
C HIS G 50 12.46 62.04 -41.20
N LEU G 51 11.44 62.50 -40.48
CA LEU G 51 10.07 62.30 -40.93
C LEU G 51 9.79 63.01 -42.26
N GLU G 52 10.22 64.26 -42.41
CA GLU G 52 9.89 64.97 -43.66
C GLU G 52 10.58 64.29 -44.85
N ILE G 53 11.79 63.77 -44.64
CA ILE G 53 12.49 63.07 -45.72
C ILE G 53 11.77 61.75 -46.05
N VAL G 54 11.31 61.03 -45.02
CA VAL G 54 10.54 59.81 -45.26
C VAL G 54 9.36 60.11 -46.19
N GLU G 55 8.64 61.18 -45.88
CA GLU G 55 7.46 61.55 -46.68
C GLU G 55 7.85 61.90 -48.11
N VAL G 56 8.91 62.70 -48.28
CA VAL G 56 9.36 63.07 -49.62
C VAL G 56 9.75 61.82 -50.41
N LEU G 57 10.52 60.93 -49.80
CA LEU G 57 10.96 59.75 -50.52
C LEU G 57 9.78 58.90 -50.96
N LEU G 58 8.78 58.74 -50.09
CA LEU G 58 7.63 57.93 -50.44
C LEU G 58 6.84 58.54 -51.58
N LYS G 59 6.57 59.86 -51.52
CA LYS G 59 5.87 60.54 -52.61
C LYS G 59 6.63 60.45 -53.92
N ASN G 60 7.94 60.20 -53.87
CA ASN G 60 8.75 60.14 -55.06
C ASN G 60 9.14 58.71 -55.44
N GLY G 61 8.40 57.73 -54.94
CA GLY G 61 8.47 56.38 -55.45
C GLY G 61 9.35 55.43 -54.64
N ALA G 62 9.83 55.84 -53.48
CA ALA G 62 10.61 54.95 -52.62
C ALA G 62 9.88 53.63 -52.38
N ASP G 63 10.64 52.54 -52.39
CA ASP G 63 10.12 51.20 -52.14
C ASP G 63 9.93 51.04 -50.63
N VAL G 64 8.68 51.10 -50.19
CA VAL G 64 8.37 51.13 -48.77
C VAL G 64 8.77 49.82 -48.08
N ASN G 65 8.92 48.74 -48.84
CA ASN G 65 9.20 47.43 -48.25
C ASN G 65 10.60 46.91 -48.59
N ALA G 66 11.51 47.79 -49.00
CA ALA G 66 12.86 47.37 -49.30
C ALA G 66 13.52 46.75 -48.07
N ALA G 67 14.17 45.61 -48.26
CA ALA G 67 14.78 44.88 -47.17
C ALA G 67 16.29 44.93 -47.32
N ASP G 68 16.99 45.13 -46.19
CA ASP G 68 18.44 45.27 -46.21
C ASP G 68 19.08 43.88 -46.17
N ILE G 69 20.40 43.86 -46.04
CA ILE G 69 21.13 42.59 -46.13
C ILE G 69 20.79 41.67 -44.97
N ASP G 70 20.30 42.22 -43.86
CA ASP G 70 19.87 41.44 -42.71
C ASP G 70 18.38 41.15 -42.70
N GLY G 71 17.66 41.59 -43.74
CA GLY G 71 16.22 41.39 -43.84
C GLY G 71 15.36 42.51 -43.28
N TYR G 72 15.96 43.62 -42.86
CA TYR G 72 15.19 44.69 -42.22
C TYR G 72 14.62 45.65 -43.24
N THR G 73 13.35 45.97 -43.08
CA THR G 73 12.68 47.01 -43.83
C THR G 73 12.71 48.31 -43.06
N PRO G 74 12.38 49.43 -43.72
CA PRO G 74 12.30 50.69 -42.98
C PRO G 74 11.37 50.63 -41.79
N LEU G 75 10.27 49.87 -41.87
CA LEU G 75 9.37 49.74 -40.73
C LEU G 75 10.04 49.07 -39.54
N HIS G 76 10.86 48.04 -39.78
CA HIS G 76 11.64 47.47 -38.68
C HIS G 76 12.49 48.53 -38.01
N LEU G 77 13.20 49.34 -38.81
CA LEU G 77 14.10 50.32 -38.24
C LEU G 77 13.33 51.39 -37.50
N ALA G 78 12.17 51.78 -38.01
CA ALA G 78 11.36 52.79 -37.32
C ALA G 78 10.84 52.27 -35.99
N ALA G 79 10.45 50.99 -35.95
CA ALA G 79 10.00 50.38 -34.70
C ALA G 79 11.14 50.26 -33.70
N PHE G 80 12.31 49.82 -34.18
CA PHE G 80 13.49 49.69 -33.32
C PHE G 80 13.89 51.02 -32.72
N SER G 81 13.77 52.11 -33.49
CA SER G 81 14.15 53.43 -33.02
C SER G 81 12.98 54.24 -32.44
N GLY G 82 11.78 53.67 -32.40
CA GLY G 82 10.70 54.28 -31.65
C GLY G 82 10.03 55.48 -32.29
N HIS G 83 10.00 55.55 -33.61
CA HIS G 83 9.46 56.74 -34.30
C HIS G 83 8.03 56.46 -34.77
N LEU G 84 7.05 56.89 -33.95
CA LEU G 84 5.64 56.59 -34.21
C LEU G 84 5.17 57.20 -35.52
N GLU G 85 5.48 58.48 -35.76
CA GLU G 85 4.96 59.13 -36.96
C GLU G 85 5.53 58.50 -38.22
N ILE G 86 6.79 58.05 -38.17
CA ILE G 86 7.36 57.37 -39.32
C ILE G 86 6.70 56.01 -39.53
N VAL G 87 6.48 55.24 -38.45
CA VAL G 87 5.70 54.01 -38.55
C VAL G 87 4.36 54.28 -39.23
N GLU G 88 3.67 55.34 -38.80
CA GLU G 88 2.36 55.62 -39.38
C GLU G 88 2.44 55.94 -40.87
N VAL G 89 3.41 56.77 -41.27
N VAL G 89 3.42 56.74 -41.29
CA VAL G 89 3.55 57.14 -42.68
CA VAL G 89 3.44 57.10 -42.70
C VAL G 89 3.88 55.91 -43.52
C VAL G 89 3.91 55.92 -43.56
N LEU G 90 4.83 55.10 -43.03
CA LEU G 90 5.21 53.90 -43.77
C LEU G 90 4.00 52.99 -43.99
N LEU G 91 3.20 52.79 -42.95
CA LEU G 91 1.99 51.99 -43.09
C LEU G 91 1.02 52.62 -44.07
N LYS G 92 0.86 53.94 -44.01
CA LYS G 92 -0.05 54.62 -44.90
C LYS G 92 0.33 54.40 -46.35
N TYR G 93 1.63 54.31 -46.64
CA TYR G 93 2.11 54.11 -48.00
C TYR G 93 2.30 52.64 -48.36
N GLY G 94 1.81 51.71 -47.53
CA GLY G 94 1.75 50.31 -47.92
C GLY G 94 2.80 49.40 -47.32
N ALA G 95 3.51 49.85 -46.31
CA ALA G 95 4.47 48.97 -45.64
C ALA G 95 3.80 47.67 -45.19
N ASP G 96 4.53 46.55 -45.34
CA ASP G 96 4.09 45.25 -44.87
C ASP G 96 4.21 45.21 -43.35
N VAL G 97 3.06 45.20 -42.68
CA VAL G 97 3.04 45.32 -41.24
C VAL G 97 3.69 44.10 -40.58
N ASN G 98 3.75 42.97 -41.30
CA ASN G 98 4.26 41.72 -40.74
C ASN G 98 5.54 41.26 -41.41
N ALA G 99 6.31 42.18 -41.98
CA ALA G 99 7.54 41.83 -42.66
C ALA G 99 8.48 41.07 -41.73
N ASP G 100 8.98 39.92 -42.21
N ASP G 100 8.97 39.93 -42.23
CA ASP G 100 9.94 39.16 -41.43
CA ASP G 100 9.98 39.13 -41.54
C ASP G 100 10.93 38.43 -42.33
C ASP G 100 10.55 38.11 -42.51
N ASP G 101 10.60 37.21 -42.75
N ASP G 101 11.38 38.57 -43.46
CA ASP G 101 11.50 36.41 -43.57
CA ASP G 101 12.03 37.71 -44.44
C ASP G 101 12.79 36.14 -42.81
C ASP G 101 13.52 37.68 -44.12
N GLN G 102 13.90 36.74 -43.27
CA GLN G 102 15.23 36.54 -42.68
C GLN G 102 15.51 37.55 -41.57
N ALA G 103 14.61 38.50 -41.32
CA ALA G 103 14.84 39.43 -40.23
C ALA G 103 14.85 38.74 -38.87
N GLY G 104 14.02 37.71 -38.71
CA GLY G 104 13.89 37.04 -37.43
C GLY G 104 12.96 37.71 -36.45
N PHE G 105 12.30 38.80 -36.86
CA PHE G 105 11.39 39.55 -36.03
C PHE G 105 10.42 40.25 -36.98
N THR G 106 9.19 40.45 -36.55
CA THR G 106 8.32 41.42 -37.18
C THR G 106 8.42 42.77 -36.48
N PRO G 107 7.89 43.83 -37.10
CA PRO G 107 7.86 45.11 -36.39
C PRO G 107 7.15 45.06 -35.07
N LEU G 108 6.10 44.24 -34.94
CA LEU G 108 5.40 44.12 -33.66
C LEU G 108 6.33 43.57 -32.58
N HIS G 109 7.15 42.55 -32.91
CA HIS G 109 8.11 42.06 -31.94
C HIS G 109 9.03 43.18 -31.47
N LEU G 110 9.53 43.98 -32.41
CA LEU G 110 10.45 45.02 -32.02
C LEU G 110 9.77 46.06 -31.16
N ALA G 111 8.55 46.48 -31.55
CA ALA G 111 7.82 47.43 -30.73
C ALA G 111 7.59 46.87 -29.34
N ALA G 112 7.31 45.57 -29.25
CA ALA G 112 7.09 44.93 -27.95
C ALA G 112 8.36 44.92 -27.11
N ILE G 113 9.49 44.51 -27.71
CA ILE G 113 10.75 44.45 -26.98
C ILE G 113 11.06 45.77 -26.31
N PHE G 114 10.81 46.89 -26.99
CA PHE G 114 11.24 48.19 -26.49
C PHE G 114 10.11 48.96 -25.83
N GLY G 115 8.98 48.31 -25.62
CA GLY G 115 7.92 48.89 -24.82
C GLY G 115 7.24 50.07 -25.47
N HIS G 116 7.19 50.12 -26.80
CA HIS G 116 6.56 51.23 -27.52
C HIS G 116 5.07 50.95 -27.68
N LEU G 117 4.28 51.33 -26.67
CA LEU G 117 2.88 50.94 -26.63
C LEU G 117 2.07 51.59 -27.75
N GLU G 118 2.35 52.86 -28.07
CA GLU G 118 1.60 53.53 -29.11
C GLU G 118 1.87 52.92 -30.49
N ILE G 119 3.13 52.56 -30.76
CA ILE G 119 3.44 51.85 -32.00
C ILE G 119 2.77 50.49 -32.03
N VAL G 120 2.77 49.77 -30.90
CA VAL G 120 2.09 48.48 -30.87
C VAL G 120 0.64 48.64 -31.31
N GLU G 121 -0.07 49.62 -30.74
CA GLU G 121 -1.48 49.83 -31.06
C GLU G 121 -1.68 50.17 -32.53
N VAL G 122 -0.80 51.01 -33.09
CA VAL G 122 -0.88 51.31 -34.51
C VAL G 122 -0.68 50.04 -35.33
N LEU G 123 0.38 49.27 -35.01
CA LEU G 123 0.60 48.04 -35.75
C LEU G 123 -0.60 47.11 -35.67
N LEU G 124 -1.19 46.96 -34.48
CA LEU G 124 -2.32 46.04 -34.33
C LEU G 124 -3.49 46.48 -35.19
N LYS G 125 -3.76 47.77 -35.21
CA LYS G 125 -4.93 48.24 -35.95
C LYS G 125 -4.65 48.26 -37.44
N ASN G 126 -3.37 48.16 -37.86
CA ASN G 126 -2.99 47.92 -39.25
C ASN G 126 -2.75 46.45 -39.60
N GLY G 127 -3.21 45.52 -38.76
CA GLY G 127 -3.22 44.11 -39.14
C GLY G 127 -2.02 43.30 -38.71
N ALA G 128 -1.25 43.78 -37.73
CA ALA G 128 -0.13 42.98 -37.25
C ALA G 128 -0.61 41.62 -36.78
N ASP G 129 0.21 40.60 -37.04
CA ASP G 129 -0.08 39.22 -36.68
C ASP G 129 0.41 38.95 -35.27
N VAL G 130 -0.53 38.81 -34.32
CA VAL G 130 -0.13 38.60 -32.92
C VAL G 130 0.42 37.21 -32.68
N ASN G 131 0.27 36.29 -33.62
CA ASN G 131 0.72 34.92 -33.44
C ASN G 131 2.10 34.68 -34.05
N ALA G 132 2.65 35.64 -34.77
CA ALA G 132 3.95 35.46 -35.39
C ALA G 132 5.00 35.22 -34.32
N GLN G 133 5.86 34.24 -34.57
CA GLN G 133 6.96 33.89 -33.69
C GLN G 133 8.25 34.48 -34.22
N ASP G 134 9.06 35.06 -33.33
CA ASP G 134 10.37 35.55 -33.73
C ASP G 134 11.37 34.41 -33.74
N LYS G 135 12.63 34.74 -34.02
CA LYS G 135 13.68 33.73 -34.15
C LYS G 135 13.88 32.92 -32.87
N PHE G 136 13.44 33.43 -31.72
CA PHE G 136 13.56 32.72 -30.46
C PHE G 136 12.28 31.96 -30.12
N GLY G 137 11.34 31.90 -31.05
CA GLY G 137 10.11 31.17 -30.85
C GLY G 137 9.06 31.90 -30.07
N LYS G 138 9.17 33.21 -29.93
CA LYS G 138 8.27 33.99 -29.08
C LYS G 138 7.33 34.86 -29.90
N THR G 139 6.08 34.94 -29.45
CA THR G 139 5.16 35.95 -29.92
C THR G 139 5.36 37.26 -29.16
N ALA G 140 4.76 38.33 -29.66
CA ALA G 140 4.88 39.60 -28.97
C ALA G 140 4.30 39.50 -27.56
N PHE G 141 3.21 38.74 -27.39
CA PHE G 141 2.66 38.51 -26.06
C PHE G 141 3.68 37.78 -25.19
N ASP G 142 4.28 36.73 -25.73
CA ASP G 142 5.32 36.01 -24.98
C ASP G 142 6.43 36.96 -24.56
N ILE G 143 6.83 37.90 -25.43
CA ILE G 143 7.86 38.85 -25.07
C ILE G 143 7.42 39.68 -23.87
N SER G 144 6.17 40.16 -23.90
CA SER G 144 5.67 41.04 -22.83
C SER G 144 5.54 40.30 -21.51
N ILE G 145 5.19 39.00 -21.55
CA ILE G 145 5.16 38.19 -20.34
C ILE G 145 6.57 37.93 -19.83
N ASP G 146 7.48 37.56 -20.73
CA ASP G 146 8.84 37.23 -20.32
C ASP G 146 9.57 38.44 -19.72
N ASN G 147 9.30 39.65 -20.22
CA ASN G 147 9.97 40.85 -19.71
C ASN G 147 9.11 41.61 -18.71
N GLY G 148 7.98 41.05 -18.31
CA GLY G 148 7.18 41.64 -17.25
C GLY G 148 6.57 42.99 -17.58
N ASN G 149 6.29 43.26 -18.84
CA ASN G 149 5.67 44.52 -19.23
C ASN G 149 4.16 44.34 -19.12
N GLU G 150 3.61 44.70 -17.96
CA GLU G 150 2.20 44.44 -17.67
C GLU G 150 1.28 45.23 -18.58
N ASP G 151 1.57 46.53 -18.77
CA ASP G 151 0.73 47.34 -19.64
C ASP G 151 0.70 46.78 -21.06
N LEU G 152 1.85 46.28 -21.53
CA LEU G 152 1.89 45.69 -22.86
C LEU G 152 1.18 44.35 -22.89
N ALA G 153 1.33 43.55 -21.83
CA ALA G 153 0.63 42.27 -21.81
C ALA G 153 -0.88 42.50 -21.85
N GLU G 154 -1.36 43.54 -21.19
CA GLU G 154 -2.79 43.80 -21.16
C GLU G 154 -3.31 44.16 -22.56
N ILE G 155 -2.52 44.89 -23.34
CA ILE G 155 -2.92 45.19 -24.71
C ILE G 155 -3.03 43.90 -25.52
N LEU G 156 -2.02 43.03 -25.40
CA LEU G 156 -1.95 41.88 -26.29
C LEU G 156 -2.77 40.70 -25.79
N GLN G 157 -3.02 40.62 -24.47
CA GLN G 157 -3.79 39.51 -23.93
C GLN G 157 -5.18 39.48 -24.54
N LYS G 158 -5.73 40.65 -24.84
CA LYS G 158 -7.05 40.77 -25.44
C LYS G 158 -7.15 40.12 -26.82
N LEU G 159 -6.02 39.80 -27.45
CA LEU G 159 -5.98 39.19 -28.77
C LEU G 159 -5.40 37.79 -28.74
N ASN G 160 -5.12 37.25 -27.56
CA ASN G 160 -4.49 35.95 -27.41
C ASN G 160 -5.51 34.82 -27.57
N SER H 7 31.07 63.36 -22.68
CA SER H 7 31.56 62.84 -21.40
C SER H 7 32.94 63.39 -21.07
N LYS H 8 33.49 62.96 -19.93
CA LYS H 8 34.88 63.26 -19.61
C LYS H 8 35.83 62.29 -20.31
N GLY H 9 35.42 61.03 -20.45
CA GLY H 9 36.28 60.03 -21.07
C GLY H 9 36.61 60.33 -22.51
N GLU H 10 35.74 61.06 -23.22
CA GLU H 10 36.02 61.36 -24.62
C GLU H 10 37.26 62.23 -24.79
N GLU H 11 37.65 62.97 -23.74
CA GLU H 11 38.86 63.79 -23.80
C GLU H 11 40.12 62.96 -24.01
N LEU H 12 40.05 61.65 -23.76
CA LEU H 12 41.17 60.75 -23.97
C LEU H 12 41.32 60.30 -25.42
N PHE H 13 40.39 60.70 -26.29
CA PHE H 13 40.36 60.21 -27.66
C PHE H 13 40.45 61.35 -28.67
N THR H 14 41.03 62.48 -28.30
CA THR H 14 41.09 63.62 -29.22
C THR H 14 42.26 63.52 -30.21
N GLY H 15 42.99 62.41 -30.21
CA GLY H 15 44.02 62.19 -31.19
C GLY H 15 44.28 60.71 -31.33
N VAL H 16 45.40 60.38 -31.99
CA VAL H 16 45.81 58.99 -32.12
C VAL H 16 46.16 58.43 -30.74
N VAL H 17 45.66 57.21 -30.47
CA VAL H 17 45.87 56.51 -29.21
C VAL H 17 46.54 55.17 -29.52
N PRO H 18 47.64 54.81 -28.87
CA PRO H 18 48.19 53.46 -29.08
C PRO H 18 47.26 52.40 -28.53
N ILE H 19 47.25 51.25 -29.18
CA ILE H 19 46.43 50.11 -28.80
C ILE H 19 47.31 48.88 -28.59
N LEU H 20 46.98 48.10 -27.54
CA LEU H 20 47.51 46.76 -27.34
C LEU H 20 46.34 45.78 -27.21
N VAL H 21 46.43 44.64 -27.89
CA VAL H 21 45.39 43.60 -27.79
C VAL H 21 46.08 42.29 -27.39
N GLU H 22 45.49 41.59 -26.43
CA GLU H 22 45.99 40.27 -26.06
C GLU H 22 44.79 39.34 -25.95
N LEU H 23 44.83 38.23 -26.69
N LEU H 23 44.85 38.21 -26.65
CA LEU H 23 43.76 37.25 -26.69
CA LEU H 23 43.76 37.25 -26.71
C LEU H 23 44.33 35.90 -26.27
C LEU H 23 44.28 35.88 -26.31
N ASP H 24 43.68 35.29 -25.28
CA ASP H 24 43.94 33.93 -24.85
C ASP H 24 42.79 33.06 -25.37
N GLY H 25 43.10 32.12 -26.24
CA GLY H 25 42.07 31.37 -26.95
C GLY H 25 42.13 29.88 -26.69
N ASP H 26 40.97 29.23 -26.77
CA ASP H 26 40.87 27.78 -26.66
C ASP H 26 39.62 27.38 -27.44
N VAL H 27 39.80 26.78 -28.61
CA VAL H 27 38.68 26.41 -29.49
C VAL H 27 38.72 24.90 -29.70
N ASN H 28 37.70 24.21 -29.19
CA ASN H 28 37.67 22.74 -29.23
C ASN H 28 38.96 22.16 -28.66
N GLY H 29 39.45 22.76 -27.58
CA GLY H 29 40.67 22.32 -26.93
C GLY H 29 41.97 22.78 -27.56
N HIS H 30 41.93 23.47 -28.70
CA HIS H 30 43.13 23.99 -29.35
C HIS H 30 43.47 25.34 -28.73
N LYS H 31 44.55 25.38 -27.96
CA LYS H 31 44.97 26.59 -27.26
C LYS H 31 45.81 27.44 -28.20
N PHE H 32 45.59 28.74 -28.14
CA PHE H 32 46.37 29.68 -28.93
C PHE H 32 46.33 31.04 -28.28
N SER H 33 47.30 31.86 -28.62
CA SER H 33 47.44 33.21 -28.08
C SER H 33 47.65 34.14 -29.25
N VAL H 34 47.03 35.30 -29.20
CA VAL H 34 47.19 36.33 -30.22
C VAL H 34 47.54 37.65 -29.52
N SER H 35 48.49 38.38 -30.10
CA SER H 35 48.79 39.74 -29.67
C SER H 35 48.54 40.67 -30.84
N GLY H 36 48.13 41.89 -30.53
CA GLY H 36 47.98 42.91 -31.56
C GLY H 36 48.53 44.23 -31.09
N GLU H 37 48.99 45.03 -32.05
CA GLU H 37 49.44 46.38 -31.70
C GLU H 37 49.13 47.30 -32.86
N GLY H 38 48.85 48.55 -32.51
CA GLY H 38 48.59 49.56 -33.51
C GLY H 38 48.07 50.81 -32.87
N GLU H 39 47.12 51.49 -33.52
N GLU H 39 47.11 51.48 -33.51
CA GLU H 39 46.63 52.76 -33.02
CA GLU H 39 46.64 52.75 -33.01
C GLU H 39 45.20 52.97 -33.48
C GLU H 39 45.22 52.98 -33.50
N GLY H 40 44.49 53.79 -32.73
CA GLY H 40 43.14 54.16 -33.08
C GLY H 40 43.01 55.67 -33.08
N ASP H 41 42.14 56.17 -33.97
CA ASP H 41 41.90 57.61 -34.05
C ASP H 41 40.39 57.80 -34.14
N ALA H 42 39.76 58.08 -33.01
CA ALA H 42 38.31 58.17 -32.99
C ALA H 42 37.80 59.36 -33.79
N THR H 43 38.63 60.36 -34.03
N THR H 43 38.62 60.37 -34.06
CA THR H 43 38.22 61.50 -34.85
CA THR H 43 38.12 61.49 -34.85
C THR H 43 37.79 61.04 -36.24
C THR H 43 37.81 61.08 -36.28
N TYR H 44 38.41 59.99 -36.76
CA TYR H 44 38.07 59.41 -38.05
C TYR H 44 37.41 58.05 -37.91
N GLY H 45 37.19 57.57 -36.69
CA GLY H 45 36.66 56.24 -36.51
C GLY H 45 37.61 55.15 -36.97
N LYS H 46 38.91 55.40 -36.95
CA LYS H 46 39.90 54.59 -37.65
C LYS H 46 40.72 53.73 -36.72
N LEU H 47 40.90 52.47 -37.11
CA LEU H 47 41.85 51.56 -36.45
C LEU H 47 42.85 51.03 -37.48
N THR H 48 44.12 50.99 -37.09
CA THR H 48 45.15 50.28 -37.84
C THR H 48 45.91 49.38 -36.87
N LEU H 49 45.81 48.07 -37.07
CA LEU H 49 46.42 47.11 -36.16
C LEU H 49 47.04 45.94 -36.90
N LYS H 50 48.06 45.35 -36.28
CA LYS H 50 48.66 44.11 -36.75
C LYS H 50 48.55 43.08 -35.63
N PHE H 51 48.08 41.88 -35.98
CA PHE H 51 47.91 40.80 -35.03
C PHE H 51 48.81 39.64 -35.41
N ILE H 52 49.42 39.01 -34.40
CA ILE H 52 50.26 37.83 -34.58
C ILE H 52 49.75 36.70 -33.70
N CYS H 53 49.70 35.49 -34.25
CA CYS H 53 49.46 34.31 -33.42
C CYS H 53 50.81 33.89 -32.87
N THR H 54 51.02 34.18 -31.60
CA THR H 54 52.34 34.02 -31.02
C THR H 54 52.61 32.61 -30.59
N THR H 55 51.60 31.75 -30.55
CA THR H 55 51.82 30.35 -30.23
C THR H 55 52.11 29.51 -31.46
N GLY H 56 51.96 30.07 -32.65
CA GLY H 56 52.24 29.34 -33.86
C GLY H 56 51.14 29.50 -34.89
N LYS H 57 50.58 28.40 -35.37
CA LYS H 57 49.54 28.45 -36.40
C LYS H 57 48.20 28.73 -35.74
N LEU H 58 47.43 29.66 -36.31
CA LEU H 58 46.11 29.95 -35.77
C LEU H 58 45.15 28.83 -36.13
N PRO H 59 44.46 28.21 -35.17
CA PRO H 59 43.60 27.06 -35.49
C PRO H 59 42.22 27.43 -36.01
N VAL H 60 41.92 28.73 -36.11
CA VAL H 60 40.66 29.21 -36.72
C VAL H 60 41.01 30.25 -37.77
N PRO H 61 40.09 30.61 -38.66
CA PRO H 61 40.37 31.67 -39.63
C PRO H 61 40.46 33.04 -38.97
N TRP H 62 41.43 33.83 -39.41
CA TRP H 62 41.59 35.18 -38.88
C TRP H 62 40.31 35.99 -38.95
N PRO H 63 39.52 35.96 -40.03
CA PRO H 63 38.32 36.81 -40.06
C PRO H 63 37.35 36.50 -38.93
N THR H 64 37.35 35.27 -38.38
CA THR H 64 36.40 34.94 -37.31
C THR H 64 36.75 35.64 -36.00
N LEU H 65 37.96 36.20 -35.89
CA LEU H 65 38.43 36.86 -34.68
C LEU H 65 38.35 38.38 -34.75
N VAL H 66 38.01 38.94 -35.91
CA VAL H 66 38.03 40.40 -36.06
C VAL H 66 37.15 41.07 -35.01
N THR H 67 35.90 40.62 -34.85
CA THR H 67 35.02 41.32 -33.90
C THR H 67 35.51 41.17 -32.46
N THR H 68 36.17 40.07 -32.13
CA THR H 68 36.66 39.89 -30.77
C THR H 68 37.86 40.78 -30.48
N LEU H 69 38.78 40.87 -31.45
CA LEU H 69 40.00 41.68 -31.37
C LEU H 69 39.73 43.18 -31.43
N1 CRO H 70 38.72 43.54 -32.34
CA1 CRO H 70 38.40 44.95 -32.51
CB1 CRO H 70 38.85 45.50 -33.86
CG1 CRO H 70 40.35 45.37 -33.90
OG1 CRO H 70 38.32 44.79 -34.94
C1 CRO H 70 36.89 45.00 -32.43
N2 CRO H 70 35.96 45.04 -33.49
N3 CRO H 70 36.22 44.92 -31.16
C2 CRO H 70 34.80 44.94 -31.41
O2 CRO H 70 33.98 44.88 -30.56
CA2 CRO H 70 34.66 45.01 -32.93
CA3 CRO H 70 36.81 44.79 -29.84
C3 CRO H 70 37.12 46.08 -29.13
O3 CRO H 70 37.07 46.09 -27.87
CB2 CRO H 70 33.47 45.05 -33.51
CG2 CRO H 70 33.19 44.96 -35.00
CD1 CRO H 70 31.87 44.83 -35.38
CD2 CRO H 70 34.18 45.03 -35.95
CE1 CRO H 70 31.54 44.75 -36.72
CE2 CRO H 70 33.86 44.94 -37.30
CZ CRO H 70 32.54 44.82 -37.67
OH CRO H 70 32.22 44.76 -39.03
H CRO H 70 37.99 43.09 -32.09
HA1 CRO H 70 38.78 45.47 -31.79
HB1 CRO H 70 38.60 46.44 -33.93
HG11 CRO H 70 40.72 45.69 -33.07
HG12 CRO H 70 40.59 44.44 -34.04
HG13 CRO H 70 40.70 45.90 -34.63
HOG1 CRO H 70 38.41 45.26 -35.66
HA31 CRO H 70 37.63 44.28 -29.93
HA32 CRO H 70 36.18 44.29 -29.30
HB2 CRO H 70 32.74 45.14 -32.95
HD1 CRO H 70 31.21 44.79 -34.73
HD2 CRO H 70 35.08 45.12 -35.69
HE1 CRO H 70 30.65 44.67 -36.97
HE2 CRO H 70 34.53 44.99 -37.94
HOH CRO H 70 32.35 43.98 -39.32
N VAL H 71 37.29 47.20 -29.91
CA VAL H 71 37.62 48.42 -29.22
C VAL H 71 36.71 49.53 -29.76
N GLN H 72 35.42 49.37 -29.45
CA GLN H 72 34.41 50.24 -30.05
C GLN H 72 34.44 51.64 -29.48
N CYS H 73 35.31 51.91 -28.51
CA CYS H 73 35.57 53.26 -28.07
C CYS H 73 36.22 54.11 -29.14
N PHE H 74 36.72 53.49 -30.22
CA PHE H 74 37.29 54.24 -31.33
C PHE H 74 36.31 54.53 -32.45
N SER H 75 35.04 54.17 -32.26
CA SER H 75 34.00 54.59 -33.19
C SER H 75 33.92 56.11 -33.23
N ARG H 76 33.59 56.65 -34.41
CA ARG H 76 33.37 58.08 -34.52
C ARG H 76 31.91 58.38 -34.22
N TYR H 77 31.65 59.09 -33.13
CA TYR H 77 30.32 59.56 -32.82
C TYR H 77 30.20 60.99 -33.32
N PRO H 78 29.25 61.29 -34.20
CA PRO H 78 29.07 62.68 -34.65
C PRO H 78 28.80 63.61 -33.48
N ASP H 79 29.03 64.91 -33.72
CA ASP H 79 28.92 65.88 -32.62
C ASP H 79 27.54 65.82 -31.96
N HIS H 80 26.49 65.72 -32.77
CA HIS H 80 25.15 65.80 -32.23
C HIS H 80 24.75 64.55 -31.45
N MET H 81 25.60 63.51 -31.47
CA MET H 81 25.34 62.23 -30.82
C MET H 81 26.32 61.94 -29.69
N LYS H 82 27.15 62.91 -29.31
CA LYS H 82 28.23 62.60 -28.37
C LYS H 82 27.69 62.10 -27.04
N GLN H 83 26.47 62.49 -26.68
CA GLN H 83 25.94 62.07 -25.39
C GLN H 83 25.43 60.62 -25.43
N HIS H 84 25.61 59.92 -26.55
CA HIS H 84 25.20 58.53 -26.66
C HIS H 84 26.38 57.57 -26.79
N ASP H 85 27.60 58.05 -26.50
CA ASP H 85 28.82 57.26 -26.65
C ASP H 85 29.15 56.64 -25.30
N PHE H 86 28.61 55.44 -25.07
CA PHE H 86 28.86 54.72 -23.82
C PHE H 86 30.33 54.35 -23.72
N PHE H 87 30.90 53.89 -24.83
CA PHE H 87 32.24 53.29 -24.82
C PHE H 87 33.28 54.25 -24.26
N LYS H 88 33.32 55.49 -24.79
CA LYS H 88 34.31 56.43 -24.28
C LYS H 88 33.96 56.91 -22.88
N SER H 89 32.67 56.97 -22.54
CA SER H 89 32.29 57.54 -21.25
C SER H 89 32.78 56.68 -20.10
N ALA H 90 32.99 55.39 -20.36
CA ALA H 90 33.47 54.49 -19.34
C ALA H 90 34.96 54.61 -19.08
N MET H 91 35.69 55.36 -19.91
CA MET H 91 37.14 55.44 -19.78
C MET H 91 37.52 56.51 -18.76
N PRO H 92 38.71 56.41 -18.14
CA PRO H 92 39.77 55.41 -18.41
C PRO H 92 39.59 54.06 -17.70
N GLU H 93 38.69 53.99 -16.71
CA GLU H 93 38.52 52.75 -15.95
C GLU H 93 38.11 51.60 -16.85
N GLY H 94 37.34 51.87 -17.90
CA GLY H 94 37.08 50.88 -18.92
C GLY H 94 35.76 50.16 -18.74
N TYR H 95 35.58 49.15 -19.58
CA TYR H 95 34.37 48.36 -19.57
C TYR H 95 34.71 46.90 -19.83
N VAL H 96 33.82 46.04 -19.36
CA VAL H 96 33.82 44.61 -19.66
C VAL H 96 32.96 44.42 -20.90
N GLN H 97 33.47 43.69 -21.89
CA GLN H 97 32.72 43.36 -23.09
C GLN H 97 32.60 41.84 -23.16
N GLU H 98 31.38 41.34 -23.17
CA GLU H 98 31.11 39.91 -23.18
C GLU H 98 30.29 39.57 -24.41
N ARG H 99 30.62 38.47 -25.07
CA ARG H 99 29.84 38.03 -26.21
C ARG H 99 29.65 36.53 -26.23
N THR H 100 28.55 36.12 -26.86
CA THR H 100 28.46 34.81 -27.47
C THR H 100 28.26 35.01 -28.96
N ILE H 101 29.06 34.30 -29.75
CA ILE H 101 29.02 34.36 -31.20
C ILE H 101 28.60 32.99 -31.69
N PHE H 102 27.43 32.91 -32.29
CA PHE H 102 26.88 31.67 -32.79
C PHE H 102 27.17 31.57 -34.28
N PHE H 103 27.98 30.60 -34.67
CA PHE H 103 28.24 30.34 -36.08
C PHE H 103 27.17 29.38 -36.58
N LYS H 104 26.39 29.83 -37.56
CA LYS H 104 25.24 29.05 -37.99
C LYS H 104 25.69 27.66 -38.42
N ASP H 105 25.00 26.64 -37.93
CA ASP H 105 25.31 25.25 -38.25
C ASP H 105 26.73 24.86 -37.81
N ASP H 106 27.26 25.54 -36.79
CA ASP H 106 28.60 25.20 -36.28
C ASP H 106 28.65 25.59 -34.80
N GLY H 107 29.86 25.72 -34.27
CA GLY H 107 30.05 25.99 -32.87
C GLY H 107 29.88 27.45 -32.52
N ASN H 108 30.26 27.78 -31.29
CA ASN H 108 30.16 29.15 -30.81
C ASN H 108 31.43 29.55 -30.09
N TYR H 109 31.71 30.85 -30.14
CA TYR H 109 32.71 31.48 -29.29
C TYR H 109 32.00 32.16 -28.13
N LYS H 110 32.62 32.09 -26.97
CA LYS H 110 32.23 32.88 -25.80
C LYS H 110 33.43 33.69 -25.37
N THR H 111 33.27 35.00 -25.27
CA THR H 111 34.39 35.88 -24.98
C THR H 111 34.06 36.79 -23.81
N ARG H 112 35.10 37.11 -23.04
CA ARG H 112 35.05 38.16 -22.03
C ARG H 112 36.32 38.98 -22.16
N ALA H 113 36.16 40.30 -22.27
CA ALA H 113 37.28 41.20 -22.43
C ALA H 113 37.13 42.38 -21.49
N GLU H 114 38.28 42.90 -21.06
CA GLU H 114 38.35 44.19 -20.41
C GLU H 114 39.05 45.15 -21.37
N VAL H 115 38.40 46.27 -21.62
CA VAL H 115 38.91 47.34 -22.47
C VAL H 115 39.12 48.55 -21.57
N LYS H 116 40.37 48.97 -21.42
CA LYS H 116 40.67 50.03 -20.47
C LYS H 116 42.02 50.63 -20.81
N PHE H 117 42.27 51.81 -20.26
CA PHE H 117 43.59 52.43 -20.40
C PHE H 117 44.56 51.85 -19.39
N GLU H 118 45.74 51.51 -19.87
CA GLU H 118 46.89 51.17 -19.03
C GLU H 118 47.96 52.20 -19.40
N GLY H 119 48.15 53.19 -18.54
CA GLY H 119 48.92 54.35 -18.94
C GLY H 119 48.21 55.05 -20.09
N ASP H 120 48.97 55.38 -21.13
CA ASP H 120 48.43 56.09 -22.29
C ASP H 120 47.97 55.13 -23.38
N THR H 121 47.94 53.83 -23.12
CA THR H 121 47.62 52.82 -24.12
C THR H 121 46.23 52.24 -23.84
N LEU H 122 45.41 52.16 -24.87
CA LEU H 122 44.13 51.47 -24.76
C LEU H 122 44.38 49.98 -24.96
N VAL H 123 44.00 49.17 -23.98
CA VAL H 123 44.32 47.75 -23.96
C VAL H 123 43.03 46.96 -23.99
N ASN H 124 42.98 45.96 -24.87
CA ASN H 124 41.86 45.02 -24.96
C ASN H 124 42.42 43.64 -24.60
N ARG H 125 42.09 43.14 -23.41
CA ARG H 125 42.57 41.85 -22.92
C ARG H 125 41.39 40.88 -22.93
N ILE H 126 41.49 39.81 -23.73
CA ILE H 126 40.36 38.94 -24.04
C ILE H 126 40.65 37.51 -23.61
N GLU H 127 39.62 36.84 -23.08
CA GLU H 127 39.59 35.39 -22.98
C GLU H 127 38.49 34.86 -23.89
N LEU H 128 38.83 33.88 -24.72
CA LEU H 128 37.91 33.32 -25.69
C LEU H 128 37.89 31.81 -25.53
N LYS H 129 36.69 31.24 -25.47
CA LYS H 129 36.48 29.80 -25.46
C LYS H 129 35.53 29.43 -26.57
N GLY H 130 35.95 28.51 -27.43
CA GLY H 130 35.12 28.01 -28.51
C GLY H 130 34.82 26.54 -28.28
N ILE H 131 33.59 26.13 -28.58
CA ILE H 131 33.19 24.75 -28.37
C ILE H 131 32.15 24.36 -29.41
N ASP H 132 32.00 23.05 -29.63
CA ASP H 132 30.96 22.49 -30.50
C ASP H 132 31.28 22.66 -31.98
N PHE H 133 32.51 23.00 -32.35
CA PHE H 133 32.81 23.20 -33.75
C PHE H 133 33.02 21.87 -34.47
N LYS H 134 32.66 21.87 -35.75
CA LYS H 134 32.87 20.73 -36.62
C LYS H 134 34.30 20.74 -37.15
N GLU H 135 35.01 19.62 -36.98
CA GLU H 135 36.37 19.56 -37.49
C GLU H 135 36.42 19.76 -39.00
N ASP H 136 35.32 19.48 -39.71
CA ASP H 136 35.23 19.70 -41.14
C ASP H 136 34.41 20.95 -41.50
N GLY H 137 33.97 21.72 -40.51
CA GLY H 137 33.22 22.92 -40.78
C GLY H 137 34.07 24.02 -41.40
N ASN H 138 33.43 25.15 -41.67
CA ASN H 138 34.12 26.27 -42.29
C ASN H 138 35.13 26.92 -41.36
N ILE H 139 34.99 26.75 -40.04
CA ILE H 139 35.89 27.39 -39.09
C ILE H 139 37.13 26.53 -38.90
N LEU H 140 36.99 25.36 -38.28
CA LEU H 140 38.16 24.50 -38.09
C LEU H 140 38.72 23.97 -39.42
N GLY H 141 37.90 23.92 -40.47
CA GLY H 141 38.37 23.54 -41.79
C GLY H 141 38.99 24.65 -42.62
N HIS H 142 39.05 25.87 -42.09
CA HIS H 142 39.69 26.99 -42.77
C HIS H 142 39.13 27.18 -44.19
N LYS H 143 37.81 27.34 -44.28
CA LYS H 143 37.14 27.48 -45.56
C LYS H 143 36.66 28.90 -45.83
N LEU H 144 37.06 29.87 -45.01
CA LEU H 144 36.60 31.24 -45.15
C LEU H 144 37.61 32.07 -45.94
N GLU H 145 37.10 32.94 -46.79
CA GLU H 145 37.95 33.83 -47.57
C GLU H 145 38.57 34.88 -46.67
N TYR H 146 39.73 35.37 -47.08
CA TYR H 146 40.48 36.36 -46.31
C TYR H 146 40.07 37.76 -46.76
N ASN H 147 38.91 38.18 -46.29
CA ASN H 147 38.36 39.50 -46.57
C ASN H 147 37.28 39.77 -45.53
N TYR H 148 36.63 40.94 -45.64
CA TYR H 148 35.68 41.34 -44.63
C TYR H 148 34.66 42.28 -45.22
N ASN H 149 33.42 42.18 -44.75
CA ASN H 149 32.31 42.96 -45.27
C ASN H 149 31.97 44.14 -44.34
N SER H 150 31.17 45.06 -44.86
CA SER H 150 30.61 46.13 -44.05
C SER H 150 29.36 45.63 -43.33
N HIS H 151 29.16 46.14 -42.10
CA HIS H 151 28.07 45.68 -41.27
C HIS H 151 27.41 46.83 -40.53
N ASN H 152 26.21 46.55 -40.04
CA ASN H 152 25.49 47.41 -39.12
C ASN H 152 25.48 46.76 -37.75
N VAL H 153 25.81 47.55 -36.73
CA VAL H 153 25.88 47.09 -35.35
C VAL H 153 24.81 47.84 -34.59
N TYR H 154 23.92 47.11 -33.90
CA TYR H 154 22.78 47.74 -33.25
C TYR H 154 22.99 47.81 -31.75
N ILE H 155 22.80 49.00 -31.19
CA ILE H 155 23.13 49.29 -29.80
C ILE H 155 21.89 49.73 -29.05
N MET H 156 21.71 49.17 -27.86
N MET H 156 21.69 49.18 -27.86
CA MET H 156 20.54 49.39 -27.03
CA MET H 156 20.51 49.48 -27.06
C MET H 156 21.01 49.59 -25.60
C MET H 156 20.87 49.45 -25.59
N ALA H 157 20.28 50.37 -24.83
CA ALA H 157 20.66 50.54 -23.43
C ALA H 157 20.13 49.40 -22.57
N ASP H 158 20.89 49.09 -21.52
CA ASP H 158 20.56 48.07 -20.52
C ASP H 158 20.65 48.77 -19.16
N LYS H 159 19.60 49.52 -18.83
CA LYS H 159 19.68 50.37 -17.65
C LYS H 159 19.88 49.54 -16.39
N GLN H 160 19.25 48.36 -16.33
CA GLN H 160 19.38 47.50 -15.16
C GLN H 160 20.84 47.23 -14.82
N LYS H 161 21.67 46.97 -15.83
CA LYS H 161 23.08 46.66 -15.64
C LYS H 161 23.97 47.87 -15.84
N ASN H 162 23.39 49.06 -16.01
CA ASN H 162 24.17 50.28 -16.17
C ASN H 162 25.11 50.16 -17.37
N GLY H 163 24.64 49.56 -18.46
CA GLY H 163 25.46 49.33 -19.63
C GLY H 163 24.64 49.27 -20.89
N ILE H 164 25.15 48.53 -21.88
CA ILE H 164 24.50 48.37 -23.17
C ILE H 164 24.43 46.90 -23.57
N LYS H 165 23.51 46.62 -24.47
CA LYS H 165 23.39 45.38 -25.20
C LYS H 165 23.60 45.69 -26.67
N VAL H 166 24.25 44.79 -27.37
CA VAL H 166 24.60 45.00 -28.77
C VAL H 166 24.31 43.72 -29.53
N ASN H 167 23.77 43.87 -30.73
N ASN H 167 23.70 43.84 -30.70
CA ASN H 167 23.42 42.73 -31.56
CA ASN H 167 23.47 42.68 -31.55
C ASN H 167 23.74 43.04 -33.01
C ASN H 167 23.77 43.03 -32.98
N PHE H 168 24.30 42.06 -33.71
CA PHE H 168 24.56 42.20 -35.11
C PHE H 168 24.90 40.84 -35.69
N LYS H 169 24.83 40.76 -37.01
CA LYS H 169 25.14 39.56 -37.77
C LYS H 169 26.34 39.85 -38.66
N ILE H 170 27.37 39.04 -38.53
CA ILE H 170 28.54 39.10 -39.40
C ILE H 170 28.36 38.06 -40.50
N ARG H 171 28.71 38.46 -41.72
CA ARG H 171 28.65 37.64 -42.92
C ARG H 171 30.08 37.35 -43.36
N HIS H 172 30.53 36.10 -43.20
CA HIS H 172 31.87 35.68 -43.63
C HIS H 172 31.76 34.99 -44.99
N ASN H 173 32.42 35.55 -46.00
CA ASN H 173 32.44 34.92 -47.33
C ASN H 173 33.14 33.57 -47.27
N ILE H 174 32.50 32.55 -47.87
CA ILE H 174 33.07 31.20 -47.92
C ILE H 174 33.67 30.99 -49.30
N GLU H 175 34.74 30.19 -49.37
CA GLU H 175 35.50 30.02 -50.60
C GLU H 175 34.63 29.48 -51.73
N ASP H 176 33.64 28.66 -51.42
CA ASP H 176 32.77 28.11 -52.46
C ASP H 176 31.89 29.18 -53.09
N GLY H 177 31.57 30.24 -52.34
CA GLY H 177 30.76 31.33 -52.86
C GLY H 177 29.62 31.72 -51.95
N SER H 178 29.30 30.87 -50.97
CA SER H 178 28.21 31.15 -50.04
C SER H 178 28.75 32.01 -48.89
N VAL H 179 27.95 32.16 -47.83
CA VAL H 179 28.29 33.01 -46.69
C VAL H 179 28.07 32.24 -45.40
N GLN H 180 28.97 32.44 -44.44
CA GLN H 180 28.86 31.88 -43.11
C GLN H 180 28.40 32.97 -42.15
N LEU H 181 27.21 32.79 -41.56
CA LEU H 181 26.71 33.77 -40.61
C LEU H 181 27.31 33.53 -39.22
N ALA H 182 27.61 34.63 -38.53
CA ALA H 182 28.08 34.62 -37.15
C ALA H 182 27.21 35.63 -36.41
N ASP H 183 26.25 35.11 -35.65
CA ASP H 183 25.29 35.94 -34.95
C ASP H 183 25.90 36.35 -33.61
N HIS H 184 26.07 37.65 -33.41
CA HIS H 184 26.75 38.21 -32.25
C HIS H 184 25.76 38.73 -31.22
N TYR H 185 25.91 38.28 -29.98
CA TYR H 185 25.16 38.78 -28.83
C TYR H 185 26.15 39.32 -27.81
N GLN H 186 26.02 40.60 -27.47
CA GLN H 186 27.05 41.32 -26.76
C GLN H 186 26.45 42.12 -25.63
N GLN H 187 27.16 42.20 -24.52
CA GLN H 187 26.83 43.12 -23.43
C GLN H 187 28.10 43.79 -22.95
N ASN H 188 27.97 45.06 -22.56
CA ASN H 188 29.07 45.85 -22.04
C ASN H 188 28.64 46.49 -20.74
N THR H 189 29.53 46.46 -19.75
CA THR H 189 29.27 47.02 -18.43
C THR H 189 30.50 47.76 -17.94
N PRO H 190 30.34 48.94 -17.33
CA PRO H 190 31.52 49.66 -16.84
C PRO H 190 32.24 48.87 -15.74
N ILE H 191 33.55 49.05 -15.73
CA ILE H 191 34.39 48.48 -14.67
C ILE H 191 34.32 49.35 -13.42
N GLY H 192 34.36 50.68 -13.61
CA GLY H 192 34.32 51.60 -12.51
C GLY H 192 32.91 51.92 -12.07
N ASP H 193 32.82 52.78 -11.05
CA ASP H 193 31.55 53.17 -10.47
C ASP H 193 31.11 54.58 -10.86
N GLY H 194 31.92 55.31 -11.62
CA GLY H 194 31.55 56.63 -12.07
C GLY H 194 30.45 56.57 -13.12
N PRO H 195 29.72 57.67 -13.30
CA PRO H 195 28.59 57.65 -14.23
C PRO H 195 29.03 57.43 -15.67
N VAL H 196 28.17 56.75 -16.44
CA VAL H 196 28.40 56.49 -17.84
C VAL H 196 27.21 57.03 -18.62
N LEU H 197 27.38 57.14 -19.92
CA LEU H 197 26.31 57.55 -20.83
C LEU H 197 25.56 56.32 -21.32
N LEU H 198 24.25 56.25 -21.04
CA LEU H 198 23.43 55.17 -21.54
C LEU H 198 22.66 55.68 -22.77
N PRO H 199 22.85 55.09 -23.94
CA PRO H 199 22.35 55.71 -25.17
C PRO H 199 20.90 55.35 -25.46
N ASP H 200 20.28 56.18 -26.30
CA ASP H 200 19.13 55.73 -27.05
C ASP H 200 19.58 54.73 -28.11
N ASN H 201 18.62 53.93 -28.59
CA ASN H 201 18.89 52.96 -29.63
C ASN H 201 19.51 53.63 -30.84
N HIS H 202 20.56 53.02 -31.39
CA HIS H 202 21.22 53.58 -32.57
C HIS H 202 22.06 52.47 -33.21
N TYR H 203 22.87 52.84 -34.20
CA TYR H 203 23.68 51.84 -34.89
C TYR H 203 25.06 52.39 -35.17
N LEU H 204 25.97 51.46 -35.42
CA LEU H 204 27.28 51.76 -35.99
C LEU H 204 27.37 51.15 -37.37
N SER H 205 28.06 51.82 -38.27
N SER H 205 27.99 51.86 -38.30
CA SER H 205 28.31 51.36 -39.63
CA SER H 205 28.31 51.35 -39.62
C SER H 205 29.80 51.10 -39.76
C SER H 205 29.80 51.05 -39.63
N THR H 206 30.16 49.85 -40.08
CA THR H 206 31.54 49.40 -40.05
C THR H 206 32.04 49.06 -41.45
N GLN H 207 33.35 49.20 -41.64
CA GLN H 207 34.02 48.77 -42.86
C GLN H 207 35.42 48.34 -42.46
N SER H 208 35.87 47.21 -42.99
CA SER H 208 37.18 46.67 -42.62
C SER H 208 37.84 46.06 -43.84
N ALA H 209 39.17 45.98 -43.75
CA ALA H 209 39.96 45.33 -44.77
C ALA H 209 41.12 44.60 -44.12
N LEU H 210 41.41 43.41 -44.64
CA LEU H 210 42.43 42.53 -44.08
C LEU H 210 43.56 42.42 -45.08
N SER H 211 44.79 42.37 -44.57
CA SER H 211 45.95 42.28 -45.43
C SER H 211 47.06 41.54 -44.69
N LYS H 212 48.24 41.49 -45.32
CA LYS H 212 49.41 40.80 -44.79
C LYS H 212 50.60 41.74 -44.81
N ASP H 213 51.52 41.51 -43.90
CA ASP H 213 52.81 42.18 -43.86
C ASP H 213 53.81 41.37 -44.68
N PRO H 214 54.36 41.92 -45.76
CA PRO H 214 55.19 41.08 -46.66
C PRO H 214 56.47 40.57 -46.02
N ASN H 215 56.91 41.17 -44.91
CA ASN H 215 58.10 40.73 -44.20
C ASN H 215 57.81 39.81 -43.02
N GLU H 216 56.54 39.53 -42.72
CA GLU H 216 56.16 38.77 -41.56
C GLU H 216 55.99 37.30 -41.97
N LYS H 217 56.76 36.41 -41.35
CA LYS H 217 56.64 34.99 -41.67
C LYS H 217 55.72 34.27 -40.71
N ARG H 218 55.51 34.82 -39.52
N ARG H 218 55.51 34.82 -39.52
CA ARG H 218 54.56 34.25 -38.57
CA ARG H 218 54.56 34.25 -38.57
C ARG H 218 53.13 34.43 -39.07
C ARG H 218 53.13 34.41 -39.08
N ASP H 219 52.22 33.60 -38.54
CA ASP H 219 50.81 33.70 -38.87
C ASP H 219 50.23 35.00 -38.29
N HIS H 220 49.61 35.83 -39.14
CA HIS H 220 49.33 37.19 -38.72
C HIS H 220 48.19 37.76 -39.55
N MET H 221 47.68 38.91 -39.12
CA MET H 221 46.65 39.66 -39.84
C MET H 221 46.90 41.14 -39.66
N VAL H 222 46.89 41.89 -40.77
CA VAL H 222 46.89 43.34 -40.73
C VAL H 222 45.48 43.82 -41.00
N LEU H 223 45.03 44.79 -40.22
CA LEU H 223 43.64 45.22 -40.22
C LEU H 223 43.55 46.74 -40.35
N LEU H 224 42.64 47.19 -41.21
CA LEU H 224 42.26 48.59 -41.35
C LEU H 224 40.75 48.65 -41.22
N GLU H 225 40.24 49.50 -40.33
CA GLU H 225 38.81 49.48 -39.97
C GLU H 225 38.32 50.89 -39.73
N PHE H 226 37.10 51.19 -40.22
CA PHE H 226 36.44 52.47 -39.99
C PHE H 226 35.05 52.22 -39.46
N VAL H 227 34.67 52.90 -38.38
CA VAL H 227 33.36 52.75 -37.75
C VAL H 227 32.81 54.12 -37.38
N THR H 228 31.56 54.38 -37.78
CA THR H 228 30.90 55.63 -37.48
C THR H 228 29.53 55.33 -36.90
N ALA H 229 29.16 56.04 -35.84
CA ALA H 229 27.83 55.92 -35.27
C ALA H 229 26.85 56.80 -36.00
N ALA H 230 25.57 56.41 -35.93
CA ALA H 230 24.49 57.18 -36.55
C ALA H 230 23.17 56.71 -35.98
N GLY H 231 22.09 57.36 -36.41
CA GLY H 231 20.74 56.91 -36.13
C GLY H 231 19.99 57.71 -35.09
N ILE H 232 20.63 58.67 -34.43
CA ILE H 232 19.96 59.62 -33.57
C ILE H 232 19.91 60.92 -34.33
N THR H 233 18.71 61.45 -34.53
CA THR H 233 18.49 62.55 -35.46
C THR H 233 18.09 63.84 -34.77
N LEU H 234 17.98 63.86 -33.45
CA LEU H 234 17.71 65.11 -32.75
C LEU H 234 18.90 66.04 -32.86
N GLY H 235 18.65 67.26 -33.31
CA GLY H 235 19.70 68.24 -33.50
C GLY H 235 19.34 69.28 -34.55
C1 PEG I . -21.10 -45.97 32.34
O1 PEG I . -21.42 -46.99 33.26
C2 PEG I . -22.38 -45.26 31.93
O2 PEG I . -22.03 -43.97 31.49
C3 PEG I . -22.17 -43.78 30.10
C4 PEG I . -21.68 -42.38 29.71
O4 PEG I . -20.35 -42.22 30.10
H11 PEG I . -20.68 -46.36 31.56
H12 PEG I . -20.49 -45.35 32.76
HO1 PEG I . -20.71 -47.40 33.49
H21 PEG I . -22.81 -45.74 31.22
H22 PEG I . -22.96 -45.19 32.69
H31 PEG I . -21.65 -44.45 29.63
H32 PEG I . -23.10 -43.87 29.86
H41 PEG I . -22.23 -41.72 30.15
H42 PEG I . -21.75 -42.29 28.75
HO4 PEG I . -20.12 -41.40 30.00
C1 PEG J . -19.64 -33.96 30.01
O1 PEG J . -19.91 -32.62 30.35
C2 PEG J . -20.15 -34.87 31.13
O2 PEG J . -20.44 -36.14 30.62
C3 PEG J . -19.33 -36.89 30.21
C4 PEG J . -19.50 -37.27 28.74
O4 PEG J . -19.74 -38.64 28.61
H11 PEG J . -20.09 -34.18 29.19
H12 PEG J . -18.68 -34.08 29.91
HO1 PEG J . -19.62 -32.12 29.73
H21 PEG J . -19.47 -34.94 31.81
H22 PEG J . -20.96 -34.49 31.51
H31 PEG J . -18.53 -36.38 30.32
H32 PEG J . -19.29 -37.70 30.74
H41 PEG J . -20.24 -36.78 28.36
H42 PEG J . -18.69 -37.04 28.25
HO4 PEG J . -19.88 -38.84 27.80
C1 PEG K . -24.95 -35.59 19.36
O1 PEG K . -24.23 -36.49 20.17
C2 PEG K . -25.13 -36.22 17.98
O2 PEG K . -24.90 -35.27 16.98
C3 PEG K . -24.53 -35.80 15.73
C4 PEG K . -23.06 -35.50 15.46
O4 PEG K . -22.41 -36.65 15.01
H11 PEG K . -25.82 -35.42 19.76
H12 PEG K . -24.45 -34.77 19.27
HO1 PEG K . -24.58 -36.51 20.94
H21 PEG K . -24.50 -36.95 17.87
H22 PEG K . -26.03 -36.55 17.90
H31 PEG K . -24.67 -36.76 15.74
H32 PEG K . -25.08 -35.41 15.04
H41 PEG K . -22.64 -35.19 16.28
H42 PEG K . -23.00 -34.80 14.79
HO4 PEG K . -21.63 -36.44 14.72
C1 PEG L . -11.84 -23.34 12.96
O1 PEG L . -13.21 -23.03 13.03
C2 PEG L . -11.28 -22.98 11.59
O2 PEG L . -11.42 -21.61 11.30
C3 PEG L . -11.43 -21.36 9.90
C4 PEG L . -11.24 -19.88 9.61
O4 PEG L . -12.06 -19.52 8.53
H11 PEG L . -11.36 -22.85 13.64
H12 PEG L . -11.72 -24.29 13.11
HO1 PEG L . -13.52 -23.29 13.79
H21 PEG L . -11.75 -23.49 10.91
H22 PEG L . -10.34 -23.21 11.56
H31 PEG L . -12.28 -21.65 9.55
H32 PEG L . -10.72 -21.87 9.49
H41 PEG L . -11.48 -19.36 10.39
H42 PEG L . -10.31 -19.72 9.38
HO4 PEG L . -11.98 -18.69 8.39
C1 PEG M . -25.45 -11.95 17.36
O1 PEG M . -25.63 -10.62 16.99
C2 PEG M . -25.01 -12.13 18.81
O2 PEG M . -24.41 -10.99 19.38
C3 PEG M . -23.42 -10.29 18.67
C4 PEG M . -22.38 -11.19 18.03
O4 PEG M . -21.46 -10.37 17.33
H11 PEG M . -24.78 -12.34 16.77
H12 PEG M . -26.29 -12.42 17.23
HO1 PEG M . -25.46 -10.52 16.16
H21 PEG M . -24.38 -12.87 18.84
H22 PEG M . -25.79 -12.37 19.34
H31 PEG M . -23.84 -9.75 17.99
H32 PEG M . -22.97 -9.69 19.30
H41 PEG M . -22.81 -11.80 17.41
H42 PEG M . -21.91 -11.70 18.71
HO4 PEG M . -20.91 -10.85 16.91
C1 PEG N . -8.39 -37.45 18.66
O1 PEG N . -9.73 -37.59 18.28
C2 PEG N . -8.11 -36.04 19.22
O2 PEG N . -8.56 -35.06 18.32
C3 PEG N . -8.51 -33.74 18.76
C4 PEG N . -9.20 -32.85 17.72
O4 PEG N . -10.25 -32.11 18.30
H11 PEG N . -7.82 -37.60 17.89
H12 PEG N . -8.18 -38.10 19.34
HO1 PEG N . -9.85 -38.37 17.96
H21 PEG N . -8.58 -35.93 20.06
H22 PEG N . -7.16 -35.93 19.36
H31 PEG N . -8.97 -33.66 19.60
H32 PEG N . -7.59 -33.46 18.86
H41 PEG N . -9.56 -33.41 17.01
H42 PEG N . -8.55 -32.24 17.35
HO4 PEG N . -10.79 -31.87 17.69
C1 PEG O . 16.57 17.32 -8.65
O1 PEG O . 17.90 16.88 -8.59
C2 PEG O . 16.55 18.82 -8.94
O2 PEG O . 16.29 19.03 -10.29
C3 PEG O . 15.56 20.18 -10.59
C4 PEG O . 16.28 21.02 -11.63
O4 PEG O . 16.80 22.17 -11.01
H11 PEG O . 16.14 17.15 -7.80
H12 PEG O . 16.12 16.85 -9.36
HO1 PEG O . 17.91 16.06 -8.36
H21 PEG O . 17.42 19.21 -8.70
H22 PEG O . 15.86 19.24 -8.40
H31 PEG O . 15.43 20.71 -9.79
H32 PEG O . 14.69 19.93 -10.94
H41 PEG O . 17.01 20.51 -12.02
H42 PEG O . 15.67 21.29 -12.34
HO4 PEG O . 17.14 22.68 -11.60
NA NA P . 25.74 26.55 -24.67
C1 PEG Q . 17.68 43.02 -32.47
O1 PEG Q . 16.94 43.59 -31.43
C2 PEG Q . 18.37 44.13 -33.28
O2 PEG Q . 17.41 44.97 -33.85
C3 PEG Q . 17.62 45.24 -35.21
C4 PEG Q . 16.86 46.50 -35.62
O4 PEG Q . 16.14 46.27 -36.80
H11 PEG Q . 18.36 42.43 -32.11
H12 PEG Q . 17.08 42.52 -33.05
HO1 PEG Q . 16.63 42.98 -30.94
H21 PEG Q . 18.90 43.71 -33.98
H22 PEG Q . 18.94 44.64 -32.69
H31 PEG Q . 17.31 44.48 -35.73
H32 PEG Q . 18.57 45.37 -35.37
H41 PEG Q . 16.25 46.74 -34.91
H42 PEG Q . 17.48 47.22 -35.77
HO4 PEG Q . 15.61 46.92 -36.93
#